data_9EP1
#
_entry.id   9EP1
#
_cell.length_a   1.00
_cell.length_b   1.00
_cell.length_c   1.00
_cell.angle_alpha   90.00
_cell.angle_beta   90.00
_cell.angle_gamma   90.00
#
_symmetry.space_group_name_H-M   'P 1'
#
loop_
_entity.id
_entity.type
_entity.pdbx_description
1 polymer 'Integrator complex subunit 13'
2 polymer 'Integrator complex subunit 14'
3 polymer 'Integrator complex subunit 15'
4 polymer 'Integrator complex subunit 10'
#
loop_
_entity_poly.entity_id
_entity_poly.type
_entity_poly.pdbx_seq_one_letter_code
_entity_poly.pdbx_strand_id
1 'polypeptide(L)'
;MKIFSESHKTVFVVDHCPYMAESCRQHVEFDMLVKNRTQGIIPLAPISKSLWTCSVESSMEYCRIMYDIFPFKKLVNFIV
SDSGAHVLNSWTQEDQNLQELMAALAAVGPPNPRADPECCSILHGLVAAVETLCKITEYQHEARTLLMENAERVGNRGRI
ICITNAKSDSHVRMLEDCVQETIHEHNKLAANSDHLMQIQKCELVLIHTYPVGEDSLVSDRSKKELSPVLTSEVHSVRAG
RHLATKLNILVQQHFDLASTTITNIPMKEEQHANTSANYDVELLHHKDAHVDFLKSGDSHLGGGSREGSFKETITLKWCT
PRTNNIELHYCTGAYRISPVDVNSRPSSCLTNFLLNGRSVLLEQPRKSGSKVISHMLSSHGGEIFLHVLSSSRSILEDPP
SISEGCGGRVTDYRITDFGEFMRENRLTPFLDPRYKIDGSLEVPLERAKDQLEKHTRYWPMIISQTTIFNMQAVVPLASV
IVKESLTEEDVLNCQKTIYNLVDMERKNDPLPISTVGTRGKGPKRDEQYRIMWNELETLVRAHINNSEKHQRVLECLMAC
RSKP
;
A
2 'polypeptide(L)'
;MPTVVVMDVSLSMTRPVSIEGSEEYQRKHLAAHGLTMLFEHMATNYKLEFTALVVFSSLWELMVPFTRDYNTLQEALSNM
DDYDKTCLESALVGVCNIVQQEWGGAIPCQVVLVTDGCLGIGRGSLRHSLATQNQRSESNRFPLPFPFPSKLYIMCMANL
EELQSTDSLECLERLIDLNNGEGQIFTIDGPLCLKNVQSMFGKLIDLAYTPFHAVLKCGHLTADVQVFPRPEPFVVDEEI
DPIPKVINTDLEIVGFIDIADISSPPVLSRHLVLPIALNKEGDEVGTGITDDNEDENSANQIAGKIPNFCVLLHGSLKVE
GMVAIVQLGPEWHGMLYSQADSKKKSNLMMSLFEPGPEPLPWLGKMAQLGPISDAKENPYGEDDNKSPFPLQPKNKRSYA
QNVTVWIKPSGLQTDVQKILRNARKLPEKTQTFYKELNRLRKAALAFGFLDLLKGVADMLERECTLLPETAHPDAAFQLT
HAAQQLKLASTGTSEYAAYDQNITPLHTDFSGSSTERI
;
B
3 'polypeptide(L)'
;MSDIRHSLLRRDALSAAKEVLYHLDIYFSSQLQSAPLPIVDKGPVELLEEFVFQVPKERSAQPKRLNSLQELQLLEIMCN
YFQEQTKDSVRQIIFSSLFSPQGNKADDSRMSLLGKLVSMAVAVCRIPVLECAASWLQRTPVVYCVRLAKALVDDYCCLV
PGSIQTLKQIFSASPRFCCQFITSVTALYDLSSDDLIPPMDLLEMIVTWIFEDPRLILITFLNTPIAANLPIGFLELTPL
VGLIRWCVKAPLAYKRKKKPPLSNGHVSNKVTKDPGVGMDRDSHLLYSKLHLSVLQVLMTLQLHLTEKNLYGRLGLILFD
HMVPLVEEINRLADELNPLNASQEIELSLDRLAQALQVAMASGALLCTRDDLRTLCSRLPHNNLLQLVISG
;
C
4 'polypeptide(L)'
;MSAQGDCEFLVQRARELVPQDLWAAKAWLITARSLYPADFNIQYEMYTIERNAERTATAGRLLYDMFVNFPDQPVVWREI
SIITSALRNDSQDKQTQFLRSLFETLPGRVQCEMLLKVTEQCFNTLERSEMLLLLLRRFPETVVQHGVGLGEALLEAETI
EEQESPVNCFRKLFVCDVLPLIINNHDVRLPANLLYKYLNKAAEFYINYVTRSTQIENQHQGAQDTSDLMSPSKRSSQKY
IIEGLTEKSSQIVDPWERLFKILNVVGMRCEWQMDKGRRSYGDILHRMKDLCRYMNNFDSEAHAKYKNQVVYSTMLVFFK
NAFQYVNSIQPSLFQGPNAPSQVPLVLLEDVSNVYGDVEIDRNKHIHKKRKLAEGREKTMSSDDEDCSAKGRNRHIVVNK
AELANSTEVLESFKLARESWELLYSLEFLDKEFTRICLAWKTDTWLWLRIFLTDMIIYQGQYKKAIASLHHLAALQGSIS
QPQITGQGTLEHQRALIQLATCHFALGEYRMTCEKVLDLMCYMVLPIQDGGKSQEEPSKVKPKFRKGSDLKLLPCTSKAI
MPYCLHLMLACFKLRAFTDNRDDMALGHVIVLLQQEWPRGENLFLKAVNKICQQGNFQYENFFNYVTNIDMLEEFAYLRT
QEGGKIHLELLPNQGMLIKHHTVTRGITKGVKEDFRLAMERQVSRCGENLMVVLHRFCINEKILLLQTLT
;
D
#
# COMPACT_ATOMS: atom_id res chain seq x y z
N MET A 1 -35.14 -26.64 -3.86
CA MET A 1 -34.10 -26.15 -2.97
C MET A 1 -34.29 -26.69 -1.56
N LYS A 2 -34.39 -25.79 -0.60
CA LYS A 2 -34.59 -26.17 0.80
C LYS A 2 -36.07 -26.47 1.03
N ILE A 3 -36.45 -26.61 2.30
CA ILE A 3 -37.84 -26.90 2.63
C ILE A 3 -38.76 -25.76 2.19
N PHE A 4 -38.35 -24.53 2.44
CA PHE A 4 -39.17 -23.37 2.11
C PHE A 4 -38.73 -22.78 0.77
N SER A 5 -38.98 -23.56 -0.28
CA SER A 5 -38.68 -23.12 -1.64
C SER A 5 -39.79 -22.22 -2.15
N GLU A 6 -39.62 -21.72 -3.38
CA GLU A 6 -40.64 -20.88 -3.99
C GLU A 6 -41.93 -21.64 -4.27
N SER A 7 -41.90 -22.97 -4.21
CA SER A 7 -43.09 -23.79 -4.39
C SER A 7 -43.77 -24.13 -3.08
N HIS A 8 -43.20 -23.72 -1.94
CA HIS A 8 -43.78 -24.04 -0.65
C HIS A 8 -45.15 -23.43 -0.46
N LYS A 9 -45.44 -22.30 -1.10
CA LYS A 9 -46.64 -21.53 -0.80
C LYS A 9 -47.33 -21.17 -2.12
N THR A 10 -48.42 -21.88 -2.43
CA THR A 10 -49.23 -21.60 -3.59
C THR A 10 -50.62 -21.16 -3.12
N VAL A 11 -51.11 -20.05 -3.67
CA VAL A 11 -52.41 -19.50 -3.29
C VAL A 11 -53.23 -19.36 -4.56
N PHE A 12 -54.03 -20.36 -4.87
CA PHE A 12 -54.91 -20.30 -6.02
C PHE A 12 -55.99 -19.24 -5.83
N VAL A 13 -56.35 -18.57 -6.93
CA VAL A 13 -57.52 -17.71 -6.96
C VAL A 13 -58.32 -18.08 -8.20
N VAL A 14 -59.63 -17.86 -8.13
CA VAL A 14 -60.53 -18.17 -9.22
C VAL A 14 -61.51 -17.02 -9.39
N ASP A 15 -61.72 -16.60 -10.63
CA ASP A 15 -62.73 -15.59 -10.90
C ASP A 15 -64.11 -16.13 -10.54
N HIS A 16 -64.92 -15.28 -9.91
CA HIS A 16 -66.23 -15.72 -9.43
C HIS A 16 -67.34 -14.72 -9.75
N CYS A 17 -67.05 -13.68 -10.53
CA CYS A 17 -68.07 -12.73 -10.93
C CYS A 17 -69.03 -13.38 -11.92
N PRO A 18 -70.24 -12.82 -12.07
CA PRO A 18 -71.22 -13.40 -13.00
C PRO A 18 -70.70 -13.55 -14.42
N TYR A 19 -69.62 -12.85 -14.76
CA TYR A 19 -68.96 -13.10 -16.04
C TYR A 19 -68.46 -14.53 -16.14
N MET A 20 -68.18 -15.16 -15.00
CA MET A 20 -67.74 -16.55 -14.94
C MET A 20 -68.91 -17.50 -14.75
N ALA A 21 -69.93 -17.39 -15.60
CA ALA A 21 -71.12 -18.23 -15.47
C ALA A 21 -71.58 -18.85 -16.78
N GLU A 22 -71.22 -18.30 -17.92
CA GLU A 22 -71.67 -18.86 -19.20
C GLU A 22 -70.91 -20.16 -19.50
N SER A 23 -71.45 -20.91 -20.45
CA SER A 23 -70.80 -22.13 -20.89
C SER A 23 -69.53 -21.80 -21.69
N CYS A 24 -68.68 -22.80 -21.85
CA CYS A 24 -67.42 -22.64 -22.56
C CYS A 24 -67.48 -23.12 -24.01
N ARG A 25 -68.68 -23.37 -24.53
CA ARG A 25 -68.88 -23.76 -25.92
C ARG A 25 -68.17 -25.05 -26.27
N GLN A 26 -68.06 -25.96 -25.30
CA GLN A 26 -67.45 -27.27 -25.49
C GLN A 26 -68.39 -28.36 -24.99
N HIS A 27 -69.63 -28.32 -25.46
CA HIS A 27 -70.66 -29.24 -25.00
C HIS A 27 -70.22 -30.68 -25.15
N VAL A 28 -70.47 -31.48 -24.11
CA VAL A 28 -69.96 -32.84 -24.03
C VAL A 28 -71.05 -33.81 -24.47
N GLU A 29 -70.65 -35.06 -24.70
CA GLU A 29 -71.55 -36.06 -25.28
C GLU A 29 -71.75 -37.22 -24.32
N PHE A 30 -72.09 -36.91 -23.07
CA PHE A 30 -72.29 -37.91 -22.02
C PHE A 30 -73.49 -38.82 -22.28
N ASP A 31 -74.17 -38.71 -23.42
CA ASP A 31 -75.30 -39.56 -23.77
C ASP A 31 -74.82 -40.57 -24.81
N MET A 32 -74.60 -41.81 -24.38
CA MET A 32 -74.22 -42.89 -25.29
C MET A 32 -75.40 -43.81 -25.60
N LEU A 33 -76.03 -44.35 -24.58
CA LEU A 33 -77.16 -45.26 -24.78
C LEU A 33 -78.04 -45.32 -23.53
N ILE A 41 -82.96 -43.78 -28.06
CA ILE A 41 -83.94 -42.82 -28.55
C ILE A 41 -83.28 -41.49 -28.84
N ILE A 42 -83.99 -40.40 -28.57
CA ILE A 42 -83.49 -39.05 -28.81
C ILE A 42 -82.76 -38.59 -27.56
N PRO A 43 -81.46 -38.33 -27.63
CA PRO A 43 -80.73 -37.82 -26.46
C PRO A 43 -81.01 -36.33 -26.24
N LEU A 44 -80.50 -35.82 -25.13
CA LEU A 44 -80.69 -34.42 -24.78
C LEU A 44 -79.69 -33.55 -25.54
N ALA A 45 -79.84 -32.25 -25.39
CA ALA A 45 -78.86 -31.32 -25.93
C ALA A 45 -77.54 -31.47 -25.19
N PRO A 46 -76.41 -31.50 -25.88
CA PRO A 46 -75.12 -31.61 -25.19
C PRO A 46 -74.89 -30.42 -24.28
N ILE A 47 -74.26 -30.67 -23.13
CA ILE A 47 -74.08 -29.68 -22.08
C ILE A 47 -72.60 -29.31 -22.01
N SER A 48 -72.34 -28.00 -21.90
CA SER A 48 -70.99 -27.47 -21.83
C SER A 48 -70.70 -27.01 -20.41
N LYS A 49 -69.52 -27.37 -19.91
CA LYS A 49 -69.12 -26.95 -18.58
C LYS A 49 -68.88 -25.45 -18.55
N SER A 50 -69.36 -24.80 -17.49
CA SER A 50 -69.14 -23.37 -17.33
C SER A 50 -67.65 -23.10 -17.15
N LEU A 51 -67.24 -21.90 -17.57
CA LEU A 51 -65.82 -21.53 -17.47
C LEU A 51 -65.34 -21.63 -16.03
N TRP A 52 -66.18 -21.23 -15.07
CA TRP A 52 -65.82 -21.40 -13.67
C TRP A 52 -65.63 -22.88 -13.34
N THR A 53 -66.51 -23.73 -13.84
CA THR A 53 -66.36 -25.16 -13.59
C THR A 53 -65.05 -25.68 -14.15
N CYS A 54 -64.72 -25.28 -15.37
CA CYS A 54 -63.46 -25.74 -15.98
C CYS A 54 -62.27 -25.30 -15.13
N SER A 55 -62.21 -24.02 -14.77
CA SER A 55 -61.08 -23.52 -14.00
C SER A 55 -61.00 -24.21 -12.65
N VAL A 56 -62.13 -24.33 -11.96
CA VAL A 56 -62.13 -24.90 -10.61
C VAL A 56 -61.70 -26.36 -10.64
N GLU A 57 -62.25 -27.13 -11.57
CA GLU A 57 -61.94 -28.55 -11.64
C GLU A 57 -60.49 -28.79 -12.07
N SER A 58 -59.99 -28.00 -13.02
CA SER A 58 -58.60 -28.16 -13.42
C SER A 58 -57.65 -27.78 -12.29
N SER A 59 -57.98 -26.72 -11.56
CA SER A 59 -57.17 -26.37 -10.39
C SER A 59 -57.22 -27.46 -9.34
N MET A 60 -58.39 -28.07 -9.15
CA MET A 60 -58.49 -29.16 -8.20
C MET A 60 -57.63 -30.35 -8.61
N GLU A 61 -57.57 -30.63 -9.92
CA GLU A 61 -56.68 -31.68 -10.39
C GLU A 61 -55.23 -31.34 -10.13
N TYR A 62 -54.85 -30.08 -10.36
CA TYR A 62 -53.52 -29.61 -9.98
C TYR A 62 -53.25 -29.93 -8.51
N CYS A 63 -54.20 -29.60 -7.65
CA CYS A 63 -54.01 -29.83 -6.21
C CYS A 63 -53.90 -31.31 -5.89
N ARG A 64 -54.69 -32.15 -6.57
CA ARG A 64 -54.63 -33.58 -6.32
C ARG A 64 -53.25 -34.12 -6.66
N ILE A 65 -52.70 -33.72 -7.80
CA ILE A 65 -51.37 -34.20 -8.18
C ILE A 65 -50.34 -33.69 -7.19
N MET A 66 -50.45 -32.43 -6.77
CA MET A 66 -49.58 -31.91 -5.73
C MET A 66 -49.61 -32.76 -4.48
N TYR A 67 -50.81 -33.09 -4.00
CA TYR A 67 -50.94 -33.84 -2.76
C TYR A 67 -50.38 -35.24 -2.89
N ASP A 68 -50.68 -35.92 -4.00
CA ASP A 68 -50.16 -37.28 -4.19
C ASP A 68 -48.65 -37.29 -4.25
N ILE A 69 -48.04 -36.32 -4.94
CA ILE A 69 -46.61 -36.37 -5.12
C ILE A 69 -45.86 -35.82 -3.91
N PHE A 70 -46.40 -34.80 -3.24
CA PHE A 70 -45.76 -34.19 -2.08
C PHE A 70 -46.74 -34.16 -0.93
N PRO A 71 -46.92 -35.28 -0.22
CA PRO A 71 -47.88 -35.30 0.88
C PRO A 71 -47.57 -34.32 1.99
N PHE A 72 -46.30 -34.00 2.21
CA PHE A 72 -45.91 -33.12 3.29
C PHE A 72 -45.13 -31.93 2.75
N LYS A 73 -45.01 -30.90 3.59
CA LYS A 73 -44.13 -29.76 3.37
C LYS A 73 -44.54 -28.92 2.17
N LYS A 74 -45.73 -29.12 1.61
CA LYS A 74 -46.20 -28.31 0.48
C LYS A 74 -47.69 -28.05 0.68
N LEU A 75 -48.02 -26.92 1.30
CA LEU A 75 -49.40 -26.54 1.51
C LEU A 75 -49.86 -25.59 0.41
N VAL A 76 -51.17 -25.37 0.34
CA VAL A 76 -51.77 -24.58 -0.73
C VAL A 76 -53.12 -24.04 -0.28
N ASN A 77 -53.40 -22.78 -0.59
CA ASN A 77 -54.65 -22.16 -0.19
C ASN A 77 -55.64 -22.17 -1.35
N PHE A 78 -56.80 -21.55 -1.14
CA PHE A 78 -57.82 -21.43 -2.18
C PHE A 78 -58.64 -20.19 -1.87
N ILE A 79 -58.61 -19.21 -2.77
CA ILE A 79 -59.26 -17.94 -2.55
C ILE A 79 -60.17 -17.66 -3.74
N VAL A 80 -61.45 -18.00 -3.61
CA VAL A 80 -62.43 -17.61 -4.62
C VAL A 80 -62.70 -16.12 -4.48
N SER A 81 -62.69 -15.41 -5.61
CA SER A 81 -62.78 -13.95 -5.61
C SER A 81 -64.18 -13.55 -6.09
N ASP A 82 -65.04 -13.25 -5.14
CA ASP A 82 -66.41 -12.83 -5.37
C ASP A 82 -66.59 -11.41 -4.83
N SER A 83 -67.84 -10.98 -4.72
CA SER A 83 -68.17 -9.75 -4.02
C SER A 83 -67.39 -9.67 -2.71
N GLY A 84 -67.31 -10.78 -2.00
CA GLY A 84 -66.39 -10.93 -0.88
C GLY A 84 -65.16 -11.73 -1.26
N ALA A 85 -64.24 -11.83 -0.30
CA ALA A 85 -62.98 -12.54 -0.51
C ALA A 85 -62.89 -13.65 0.54
N HIS A 86 -63.19 -14.87 0.12
CA HIS A 86 -63.18 -16.02 1.02
C HIS A 86 -61.93 -16.84 0.79
N VAL A 87 -61.26 -17.21 1.88
CA VAL A 87 -60.17 -18.17 1.85
C VAL A 87 -60.73 -19.50 2.34
N LEU A 88 -60.58 -20.54 1.52
CA LEU A 88 -61.27 -21.80 1.78
C LEU A 88 -60.53 -22.74 2.71
N ASN A 89 -59.24 -22.50 2.95
CA ASN A 89 -58.52 -23.32 3.93
C ASN A 89 -57.29 -22.58 4.40
N SER A 90 -56.91 -22.84 5.65
CA SER A 90 -55.72 -22.25 6.24
C SER A 90 -54.50 -23.02 5.76
N TRP A 91 -53.35 -22.79 6.40
CA TRP A 91 -52.11 -23.42 5.99
C TRP A 91 -51.76 -24.67 6.77
N THR A 92 -52.47 -24.95 7.87
CA THR A 92 -52.15 -26.13 8.67
C THR A 92 -52.32 -27.39 7.85
N GLN A 93 -51.42 -28.35 8.05
CA GLN A 93 -51.45 -29.57 7.26
C GLN A 93 -52.77 -30.31 7.44
N GLU A 94 -53.37 -30.23 8.61
CA GLU A 94 -54.67 -30.84 8.84
C GLU A 94 -55.82 -30.09 8.18
N ASP A 95 -55.51 -29.09 7.36
CA ASP A 95 -56.54 -28.36 6.62
C ASP A 95 -56.28 -28.30 5.13
N GLN A 96 -55.12 -28.76 4.66
CA GLN A 96 -54.84 -28.84 3.23
C GLN A 96 -55.20 -30.23 2.71
N ASN A 97 -56.46 -30.61 2.94
CA ASN A 97 -56.98 -31.90 2.54
C ASN A 97 -57.95 -31.74 1.37
N LEU A 98 -57.98 -32.74 0.50
CA LEU A 98 -58.75 -32.64 -0.74
C LEU A 98 -60.25 -32.57 -0.46
N GLN A 99 -60.77 -33.47 0.36
CA GLN A 99 -62.21 -33.49 0.60
C GLN A 99 -62.68 -32.24 1.32
N GLU A 100 -61.83 -31.65 2.17
CA GLU A 100 -62.19 -30.37 2.77
C GLU A 100 -62.30 -29.28 1.72
N LEU A 101 -61.39 -29.26 0.75
CA LEU A 101 -61.50 -28.32 -0.35
C LEU A 101 -62.78 -28.55 -1.14
N MET A 102 -63.14 -29.82 -1.38
CA MET A 102 -64.37 -30.14 -2.08
C MET A 102 -65.57 -29.61 -1.32
N ALA A 103 -65.60 -29.83 0.00
CA ALA A 103 -66.72 -29.36 0.81
C ALA A 103 -66.82 -27.85 0.79
N ALA A 104 -65.68 -27.16 0.91
CA ALA A 104 -65.70 -25.70 0.93
C ALA A 104 -66.19 -25.15 -0.40
N LEU A 105 -65.70 -25.70 -1.52
CA LEU A 105 -66.17 -25.24 -2.81
C LEU A 105 -67.65 -25.53 -3.00
N ALA A 106 -68.12 -26.68 -2.54
CA ALA A 106 -69.54 -26.97 -2.60
C ALA A 106 -70.34 -25.95 -1.80
N ALA A 107 -69.84 -25.57 -0.62
CA ALA A 107 -70.52 -24.56 0.17
C ALA A 107 -70.54 -23.22 -0.54
N VAL A 108 -69.48 -22.92 -1.31
CA VAL A 108 -69.44 -21.67 -2.06
C VAL A 108 -70.56 -21.64 -3.09
N GLY A 109 -70.74 -22.74 -3.81
CA GLY A 109 -71.82 -22.85 -4.76
C GLY A 109 -71.46 -22.32 -6.14
N PRO A 110 -72.33 -22.56 -7.12
CA PRO A 110 -72.07 -22.05 -8.46
C PRO A 110 -72.12 -20.53 -8.48
N PRO A 111 -71.35 -19.89 -9.36
CA PRO A 111 -71.37 -18.43 -9.43
C PRO A 111 -72.77 -17.91 -9.73
N ASN A 112 -73.14 -16.83 -9.05
CA ASN A 112 -74.47 -16.28 -9.21
C ASN A 112 -74.59 -15.65 -10.59
N PRO A 113 -75.63 -15.97 -11.36
CA PRO A 113 -75.71 -15.43 -12.72
C PRO A 113 -76.07 -13.96 -12.79
N ARG A 114 -77.03 -13.51 -11.98
CA ARG A 114 -77.57 -12.16 -12.13
C ARG A 114 -77.74 -11.49 -10.77
N ALA A 115 -76.72 -11.59 -9.92
CA ALA A 115 -76.75 -10.87 -8.66
C ALA A 115 -76.32 -9.41 -8.84
N ASP A 116 -75.05 -9.20 -9.15
CA ASP A 116 -74.51 -7.88 -9.44
C ASP A 116 -73.24 -8.02 -10.27
N PRO A 117 -73.34 -7.94 -11.60
CA PRO A 117 -72.19 -8.30 -12.45
C PRO A 117 -70.95 -7.44 -12.21
N GLU A 118 -71.08 -6.13 -12.28
CA GLU A 118 -69.93 -5.23 -12.22
C GLU A 118 -69.61 -4.78 -10.80
N CYS A 119 -70.27 -5.34 -9.78
CA CYS A 119 -70.08 -4.88 -8.42
C CYS A 119 -68.68 -5.18 -7.88
N CYS A 120 -67.96 -6.12 -8.48
CA CYS A 120 -66.68 -6.53 -7.93
C CYS A 120 -65.78 -7.05 -9.04
N SER A 121 -64.48 -7.10 -8.75
CA SER A 121 -63.49 -7.69 -9.63
C SER A 121 -62.55 -8.54 -8.78
N ILE A 122 -61.62 -9.22 -9.44
CA ILE A 122 -60.75 -10.18 -8.76
C ILE A 122 -59.63 -9.52 -7.97
N LEU A 123 -59.57 -8.20 -7.94
CA LEU A 123 -58.52 -7.52 -7.19
C LEU A 123 -58.54 -7.89 -5.71
N HIS A 124 -59.74 -8.10 -5.16
CA HIS A 124 -59.85 -8.51 -3.77
C HIS A 124 -59.19 -9.86 -3.55
N GLY A 125 -59.38 -10.78 -4.49
CA GLY A 125 -58.73 -12.08 -4.37
C GLY A 125 -57.22 -11.96 -4.35
N LEU A 126 -56.67 -11.14 -5.25
CA LEU A 126 -55.22 -10.97 -5.30
C LEU A 126 -54.68 -10.32 -4.05
N VAL A 127 -55.35 -9.27 -3.55
CA VAL A 127 -54.86 -8.59 -2.37
C VAL A 127 -54.95 -9.49 -1.15
N ALA A 128 -56.00 -10.33 -1.08
CA ALA A 128 -56.05 -11.33 -0.02
C ALA A 128 -54.93 -12.35 -0.16
N ALA A 129 -54.65 -12.77 -1.40
CA ALA A 129 -53.60 -13.77 -1.62
C ALA A 129 -52.25 -13.27 -1.13
N VAL A 130 -51.91 -12.03 -1.47
CA VAL A 130 -50.69 -11.45 -0.92
C VAL A 130 -50.81 -11.33 0.60
N GLU A 131 -51.97 -10.90 1.09
CA GLU A 131 -52.18 -10.82 2.52
C GLU A 131 -52.08 -12.20 3.17
N THR A 132 -52.67 -13.21 2.54
CA THR A 132 -52.57 -14.57 3.08
C THR A 132 -51.16 -15.11 2.93
N LEU A 133 -50.48 -14.77 1.83
CA LEU A 133 -49.10 -15.21 1.63
C LEU A 133 -48.13 -14.63 2.64
N CYS A 134 -48.53 -13.59 3.37
CA CYS A 134 -47.63 -12.99 4.35
C CYS A 134 -47.49 -13.84 5.61
N LYS A 135 -48.42 -14.76 5.84
CA LYS A 135 -48.45 -15.52 7.09
C LYS A 135 -47.30 -16.53 7.12
N ILE A 136 -47.27 -17.35 8.17
CA ILE A 136 -46.21 -18.33 8.37
C ILE A 136 -46.83 -19.72 8.46
N THR A 137 -46.23 -20.68 7.78
CA THR A 137 -46.69 -22.05 7.88
C THR A 137 -46.31 -22.64 9.23
N GLU A 138 -47.02 -23.71 9.61
CA GLU A 138 -46.67 -24.42 10.83
C GLU A 138 -45.22 -24.88 10.79
N TYR A 139 -44.76 -25.33 9.63
CA TYR A 139 -43.36 -25.71 9.48
C TYR A 139 -42.45 -24.49 9.54
N GLN A 140 -42.90 -23.36 9.00
CA GLN A 140 -42.14 -22.13 9.15
C GLN A 140 -42.02 -21.75 10.62
N HIS A 141 -43.11 -21.89 11.36
CA HIS A 141 -43.07 -21.64 12.80
C HIS A 141 -42.06 -22.57 13.48
N GLU A 142 -42.09 -23.85 13.14
CA GLU A 142 -41.17 -24.80 13.76
C GLU A 142 -39.73 -24.43 13.46
N ALA A 143 -39.43 -24.08 12.21
CA ALA A 143 -38.07 -23.68 11.86
C ALA A 143 -37.65 -22.42 12.61
N ARG A 144 -38.55 -21.44 12.70
CA ARG A 144 -38.19 -20.18 13.35
C ARG A 144 -37.92 -20.40 14.85
N THR A 145 -38.76 -21.19 15.53
CA THR A 145 -38.46 -21.48 16.93
C THR A 145 -37.25 -22.37 17.09
N LEU A 146 -36.91 -23.18 16.08
CA LEU A 146 -35.68 -23.96 16.15
C LEU A 146 -34.46 -23.04 16.09
N LEU A 147 -34.49 -22.04 15.21
CA LEU A 147 -33.36 -21.13 15.04
C LEU A 147 -33.60 -19.85 15.84
N MET A 148 -33.55 -20.00 17.16
CA MET A 148 -33.62 -18.84 18.05
C MET A 148 -32.42 -17.93 17.81
N GLU A 149 -32.68 -16.63 17.72
CA GLU A 149 -31.68 -15.61 17.41
C GLU A 149 -31.04 -15.80 16.04
N ASN A 150 -31.54 -16.75 15.25
CA ASN A 150 -31.01 -16.98 13.90
C ASN A 150 -32.11 -17.25 12.89
N ALA A 151 -33.37 -17.00 13.23
CA ALA A 151 -34.47 -17.26 12.32
C ALA A 151 -34.63 -16.13 11.30
N GLU A 152 -33.54 -15.80 10.61
CA GLU A 152 -33.55 -14.77 9.59
C GLU A 152 -33.36 -15.32 8.20
N ARG A 153 -32.57 -16.38 8.03
CA ARG A 153 -32.34 -16.99 6.73
C ARG A 153 -33.38 -18.08 6.43
N VAL A 154 -34.65 -17.71 6.55
CA VAL A 154 -35.76 -18.61 6.24
C VAL A 154 -36.58 -17.93 5.16
N GLY A 155 -36.26 -18.24 3.90
CA GLY A 155 -36.91 -17.56 2.78
C GLY A 155 -38.36 -17.97 2.67
N ASN A 156 -39.28 -17.02 2.83
CA ASN A 156 -40.71 -17.27 2.74
C ASN A 156 -41.24 -17.12 1.32
N ARG A 157 -40.38 -17.28 0.31
CA ARG A 157 -40.80 -17.10 -1.07
C ARG A 157 -41.90 -18.10 -1.44
N GLY A 158 -42.95 -17.59 -2.07
CA GLY A 158 -44.09 -18.39 -2.45
C GLY A 158 -44.34 -18.32 -3.94
N ARG A 159 -45.62 -18.40 -4.30
CA ARG A 159 -46.06 -18.35 -5.69
C ARG A 159 -47.57 -18.19 -5.70
N ILE A 160 -48.07 -17.32 -6.57
CA ILE A 160 -49.50 -17.01 -6.64
C ILE A 160 -49.99 -17.35 -8.04
N ILE A 161 -51.03 -18.18 -8.12
CA ILE A 161 -51.64 -18.58 -9.38
C ILE A 161 -53.05 -18.00 -9.41
N CYS A 162 -53.41 -17.37 -10.52
CA CYS A 162 -54.70 -16.73 -10.67
C CYS A 162 -55.35 -17.15 -11.98
N ILE A 163 -56.67 -17.35 -11.94
CA ILE A 163 -57.45 -17.68 -13.13
C ILE A 163 -58.59 -16.67 -13.23
N THR A 164 -58.75 -16.08 -14.41
CA THR A 164 -59.83 -15.12 -14.61
C THR A 164 -60.05 -14.93 -16.10
N ASN A 165 -61.13 -14.22 -16.42
CA ASN A 165 -61.47 -13.86 -17.80
C ASN A 165 -61.35 -12.34 -17.91
N ALA A 166 -60.13 -11.87 -18.21
CA ALA A 166 -59.90 -10.44 -18.36
C ALA A 166 -60.38 -9.97 -19.73
N LYS A 167 -61.01 -8.80 -19.74
CA LYS A 167 -61.57 -8.28 -20.99
C LYS A 167 -60.50 -7.73 -21.92
N SER A 168 -59.38 -7.25 -21.39
CA SER A 168 -58.35 -6.65 -22.21
C SER A 168 -57.01 -6.71 -21.49
N ASP A 169 -55.94 -6.51 -22.28
CA ASP A 169 -54.60 -6.46 -21.71
C ASP A 169 -54.44 -5.26 -20.79
N SER A 170 -55.22 -4.20 -21.00
CA SER A 170 -55.18 -3.04 -20.12
C SER A 170 -55.54 -3.44 -18.69
N HIS A 171 -56.60 -4.25 -18.54
CA HIS A 171 -56.95 -4.75 -17.21
C HIS A 171 -55.83 -5.61 -16.65
N VAL A 172 -55.15 -6.38 -17.50
CA VAL A 172 -54.07 -7.24 -17.05
C VAL A 172 -52.96 -6.40 -16.45
N ARG A 173 -52.52 -5.36 -17.17
CA ARG A 173 -51.53 -4.44 -16.62
C ARG A 173 -52.06 -3.77 -15.35
N MET A 174 -53.37 -3.51 -15.31
CA MET A 174 -53.97 -2.87 -14.14
C MET A 174 -53.78 -3.71 -12.89
N LEU A 175 -54.15 -5.00 -12.95
CA LEU A 175 -53.92 -5.80 -11.76
C LEU A 175 -52.45 -6.10 -11.55
N GLU A 176 -51.62 -6.01 -12.58
CA GLU A 176 -50.17 -6.11 -12.36
C GLU A 176 -49.70 -4.99 -11.44
N ASP A 177 -50.07 -3.75 -11.76
CA ASP A 177 -49.72 -2.64 -10.87
C ASP A 177 -50.37 -2.80 -9.51
N CYS A 178 -51.62 -3.29 -9.48
CA CYS A 178 -52.31 -3.45 -8.20
C CYS A 178 -51.58 -4.45 -7.30
N VAL A 179 -51.18 -5.59 -7.87
CA VAL A 179 -50.51 -6.61 -7.07
C VAL A 179 -49.13 -6.14 -6.66
N GLN A 180 -48.41 -5.42 -7.53
CA GLN A 180 -47.11 -4.90 -7.12
C GLN A 180 -47.26 -3.92 -5.96
N GLU A 181 -48.24 -3.01 -6.06
CA GLU A 181 -48.47 -2.03 -5.01
C GLU A 181 -48.84 -2.71 -3.70
N THR A 182 -49.74 -3.69 -3.75
CA THR A 182 -50.15 -4.34 -2.51
C THR A 182 -49.05 -5.23 -1.96
N ILE A 183 -48.18 -5.76 -2.81
CA ILE A 183 -47.00 -6.48 -2.32
C ILE A 183 -46.10 -5.53 -1.54
N HIS A 184 -45.87 -4.33 -2.08
CA HIS A 184 -45.07 -3.34 -1.36
C HIS A 184 -45.73 -2.97 -0.04
N GLU A 185 -47.05 -2.76 -0.06
CA GLU A 185 -47.76 -2.37 1.16
C GLU A 185 -47.70 -3.48 2.21
N HIS A 186 -47.89 -4.73 1.79
CA HIS A 186 -47.83 -5.85 2.72
C HIS A 186 -46.43 -6.03 3.28
N ASN A 187 -45.41 -5.83 2.45
CA ASN A 187 -44.03 -5.91 2.94
C ASN A 187 -43.77 -4.82 3.98
N LYS A 188 -44.26 -3.61 3.72
CA LYS A 188 -44.11 -2.54 4.70
C LYS A 188 -44.83 -2.86 6.00
N LEU A 189 -46.04 -3.41 5.90
CA LEU A 189 -46.81 -3.75 7.09
C LEU A 189 -46.12 -4.86 7.89
N ALA A 190 -45.57 -5.85 7.20
CA ALA A 190 -44.89 -6.96 7.87
C ALA A 190 -43.51 -6.58 8.39
N ALA A 191 -42.93 -5.49 7.88
CA ALA A 191 -41.64 -5.05 8.39
C ALA A 191 -41.72 -4.70 9.86
N ASN A 192 -42.76 -3.97 10.26
CA ASN A 192 -42.91 -3.59 11.66
C ASN A 192 -43.36 -4.76 12.51
N SER A 193 -44.27 -5.58 11.99
CA SER A 193 -44.85 -6.66 12.79
C SER A 193 -43.83 -7.80 12.93
N ASP A 194 -44.13 -8.71 13.86
CA ASP A 194 -43.28 -9.85 14.15
C ASP A 194 -43.87 -11.17 13.67
N HIS A 195 -45.17 -11.36 13.82
CA HIS A 195 -45.81 -12.61 13.37
C HIS A 195 -46.27 -12.51 11.92
N LEU A 196 -45.37 -12.03 11.05
CA LEU A 196 -45.65 -11.95 9.63
C LEU A 196 -44.33 -11.77 8.89
N MET A 197 -43.96 -12.75 8.07
CA MET A 197 -42.74 -12.64 7.29
C MET A 197 -42.96 -11.68 6.13
N GLN A 198 -41.85 -11.27 5.52
CA GLN A 198 -41.88 -10.44 4.32
C GLN A 198 -41.66 -11.32 3.11
N ILE A 199 -42.54 -11.18 2.10
CA ILE A 199 -42.39 -11.95 0.88
C ILE A 199 -41.08 -11.59 0.21
N GLN A 200 -40.34 -12.62 -0.21
CA GLN A 200 -39.08 -12.41 -0.90
C GLN A 200 -39.20 -12.61 -2.41
N LYS A 201 -39.79 -13.72 -2.83
CA LYS A 201 -40.11 -13.94 -4.23
C LYS A 201 -41.49 -14.55 -4.34
N CYS A 202 -42.36 -13.93 -5.15
CA CYS A 202 -43.72 -14.38 -5.33
C CYS A 202 -43.98 -14.49 -6.83
N GLU A 203 -43.65 -15.64 -7.41
CA GLU A 203 -43.89 -15.87 -8.82
C GLU A 203 -45.38 -15.75 -9.12
N LEU A 204 -45.71 -15.01 -10.17
CA LEU A 204 -47.10 -14.69 -10.48
C LEU A 204 -47.50 -15.35 -11.79
N VAL A 205 -48.63 -16.04 -11.76
CA VAL A 205 -49.21 -16.68 -12.94
C VAL A 205 -50.66 -16.23 -13.06
N LEU A 206 -51.04 -15.79 -14.25
CA LEU A 206 -52.31 -15.14 -14.51
C LEU A 206 -53.02 -15.80 -15.68
N ILE A 207 -53.16 -17.13 -15.63
CA ILE A 207 -53.84 -17.90 -16.67
C ILE A 207 -55.20 -17.29 -16.97
N HIS A 208 -55.44 -16.96 -18.23
CA HIS A 208 -56.73 -16.45 -18.68
C HIS A 208 -57.42 -17.50 -19.53
N THR A 209 -58.74 -17.59 -19.38
CA THR A 209 -59.53 -18.58 -20.11
C THR A 209 -60.73 -17.91 -20.77
N TYR A 210 -61.14 -18.46 -21.90
CA TYR A 210 -62.28 -17.98 -22.65
C TYR A 210 -62.96 -19.17 -23.30
N PRO A 211 -64.26 -19.08 -23.57
CA PRO A 211 -64.93 -20.16 -24.33
C PRO A 211 -64.30 -20.30 -25.70
N VAL A 212 -64.22 -21.55 -26.17
CA VAL A 212 -63.65 -21.81 -27.49
C VAL A 212 -64.52 -21.15 -28.56
N GLY A 213 -63.87 -20.68 -29.61
CA GLY A 213 -64.54 -19.96 -30.67
C GLY A 213 -64.50 -18.45 -30.53
N GLU A 214 -64.10 -17.94 -29.36
CA GLU A 214 -63.99 -16.51 -29.13
C GLU A 214 -62.54 -16.07 -29.24
N ASP A 215 -62.36 -14.83 -29.68
CA ASP A 215 -61.01 -14.28 -29.86
C ASP A 215 -60.31 -14.13 -28.52
N SER A 216 -59.02 -14.45 -28.51
CA SER A 216 -58.18 -14.24 -27.32
C SER A 216 -57.92 -12.75 -27.19
N LEU A 217 -58.71 -12.08 -26.35
CA LEU A 217 -58.56 -10.63 -26.20
C LEU A 217 -57.23 -10.24 -25.57
N VAL A 218 -56.53 -11.19 -24.97
CA VAL A 218 -55.22 -10.95 -24.36
C VAL A 218 -54.22 -11.88 -25.02
N SER A 219 -53.15 -11.31 -25.56
CA SER A 219 -52.09 -12.11 -26.15
C SER A 219 -51.15 -12.63 -25.06
N ASP A 220 -50.48 -13.73 -25.38
CA ASP A 220 -49.55 -14.32 -24.44
C ASP A 220 -48.34 -13.40 -24.22
N ARG A 221 -47.81 -13.45 -23.00
CA ARG A 221 -46.67 -12.64 -22.62
C ARG A 221 -45.66 -13.51 -21.89
N SER A 222 -44.39 -13.13 -21.98
CA SER A 222 -43.31 -13.87 -21.34
C SER A 222 -43.06 -13.31 -19.94
N LYS A 223 -41.97 -13.74 -19.32
CA LYS A 223 -41.62 -13.27 -17.99
C LYS A 223 -41.29 -11.79 -18.00
N LYS A 224 -41.71 -11.10 -16.94
CA LYS A 224 -41.41 -9.67 -16.80
C LYS A 224 -41.43 -9.35 -15.30
N GLU A 225 -40.26 -9.04 -14.75
CA GLU A 225 -40.10 -8.81 -13.32
C GLU A 225 -40.40 -7.35 -13.02
N LEU A 226 -41.66 -7.07 -12.67
CA LEU A 226 -42.02 -5.72 -12.25
C LEU A 226 -41.36 -5.33 -10.93
N SER A 227 -40.80 -6.30 -10.21
CA SER A 227 -40.10 -6.05 -8.96
C SER A 227 -39.20 -7.24 -8.67
N PRO A 228 -38.20 -7.07 -7.79
CA PRO A 228 -37.41 -8.24 -7.38
C PRO A 228 -38.18 -9.16 -6.45
N VAL A 229 -39.47 -8.86 -6.26
CA VAL A 229 -40.34 -9.62 -5.38
C VAL A 229 -41.58 -10.03 -6.15
N LEU A 230 -41.45 -10.13 -7.48
CA LEU A 230 -42.56 -10.54 -8.32
C LEU A 230 -42.00 -11.11 -9.61
N THR A 231 -42.79 -11.98 -10.25
CA THR A 231 -42.43 -12.53 -11.56
C THR A 231 -43.72 -12.76 -12.34
N SER A 232 -44.01 -11.86 -13.28
CA SER A 232 -45.23 -11.92 -14.07
C SER A 232 -45.04 -12.87 -15.25
N GLU A 233 -45.89 -13.88 -15.34
CA GLU A 233 -45.82 -14.89 -16.40
C GLU A 233 -47.20 -15.19 -16.94
N VAL A 234 -47.98 -14.15 -17.23
CA VAL A 234 -49.37 -14.33 -17.61
C VAL A 234 -49.44 -15.08 -18.93
N HIS A 235 -50.11 -16.23 -18.93
CA HIS A 235 -50.40 -16.98 -20.15
C HIS A 235 -51.84 -16.74 -20.56
N SER A 236 -52.29 -17.47 -21.57
CA SER A 236 -53.67 -17.42 -22.00
C SER A 236 -53.97 -18.68 -22.80
N VAL A 237 -55.12 -19.29 -22.53
CA VAL A 237 -55.50 -20.54 -23.19
C VAL A 237 -57.00 -20.68 -23.09
N ARG A 238 -57.59 -21.40 -24.04
CA ARG A 238 -59.02 -21.62 -24.04
C ARG A 238 -59.41 -22.58 -22.92
N ALA A 239 -60.70 -22.57 -22.58
CA ALA A 239 -61.21 -23.40 -21.50
C ALA A 239 -61.20 -24.87 -21.92
N GLY A 240 -61.69 -25.72 -21.03
CA GLY A 240 -61.77 -27.14 -21.31
C GLY A 240 -60.43 -27.85 -21.25
N ARG A 241 -60.22 -28.79 -22.19
CA ARG A 241 -59.03 -29.61 -22.17
C ARG A 241 -57.76 -28.77 -22.30
N HIS A 242 -57.82 -27.66 -23.03
CA HIS A 242 -56.65 -26.80 -23.15
C HIS A 242 -56.24 -26.26 -21.79
N LEU A 243 -57.20 -25.78 -20.99
CA LEU A 243 -56.88 -25.23 -19.68
C LEU A 243 -56.30 -26.31 -18.77
N ALA A 244 -56.90 -27.50 -18.80
CA ALA A 244 -56.40 -28.60 -17.96
C ALA A 244 -54.99 -28.97 -18.36
N THR A 245 -54.70 -29.03 -19.67
CA THR A 245 -53.35 -29.33 -20.11
C THR A 245 -52.37 -28.24 -19.70
N LYS A 246 -52.81 -26.98 -19.73
CA LYS A 246 -51.95 -25.89 -19.29
C LYS A 246 -51.59 -26.03 -17.81
N LEU A 247 -52.59 -26.34 -16.97
CA LEU A 247 -52.29 -26.50 -15.55
C LEU A 247 -51.47 -27.75 -15.29
N ASN A 248 -51.66 -28.81 -16.09
CA ASN A 248 -50.80 -29.98 -16.01
C ASN A 248 -49.36 -29.63 -16.32
N ILE A 249 -49.14 -28.82 -17.37
CA ILE A 249 -47.80 -28.38 -17.69
C ILE A 249 -47.24 -27.53 -16.56
N LEU A 250 -48.09 -26.70 -15.95
CA LEU A 250 -47.63 -25.87 -14.84
C LEU A 250 -47.14 -26.71 -13.67
N VAL A 251 -47.91 -27.73 -13.28
CA VAL A 251 -47.48 -28.56 -12.16
C VAL A 251 -46.25 -29.35 -12.54
N GLN A 252 -46.15 -29.78 -13.81
CA GLN A 252 -44.96 -30.52 -14.23
C GLN A 252 -43.72 -29.66 -14.14
N GLN A 253 -43.81 -28.37 -14.50
CA GLN A 253 -42.63 -27.52 -14.56
C GLN A 253 -42.44 -26.66 -13.31
N HIS A 254 -43.31 -26.77 -12.30
CA HIS A 254 -43.15 -25.99 -11.09
C HIS A 254 -42.25 -26.69 -10.07
N PHE A 255 -42.61 -27.91 -9.69
CA PHE A 255 -41.92 -28.66 -8.65
C PHE A 255 -40.86 -29.60 -9.20
N ASP A 256 -40.39 -29.36 -10.42
CA ASP A 256 -39.44 -30.24 -11.08
C ASP A 256 -39.97 -31.66 -11.15
N LEU A 257 -41.13 -31.80 -11.80
CA LEU A 257 -41.72 -33.10 -12.01
C LEU A 257 -41.31 -33.65 -13.37
N ALA A 258 -41.55 -34.94 -13.56
CA ALA A 258 -41.27 -35.59 -14.83
C ALA A 258 -42.32 -36.66 -15.07
N SER A 259 -42.35 -37.19 -16.28
CA SER A 259 -43.38 -38.13 -16.68
C SER A 259 -42.82 -39.55 -16.73
N THR A 260 -43.71 -40.49 -17.01
CA THR A 260 -43.37 -41.88 -17.22
C THR A 260 -44.49 -42.49 -18.05
N THR A 261 -44.16 -43.49 -18.86
CA THR A 261 -45.08 -44.09 -19.80
C THR A 261 -45.02 -45.61 -19.72
N ILE A 262 -45.18 -46.14 -18.50
CA ILE A 262 -45.17 -47.59 -18.28
C ILE A 262 -46.11 -48.26 -19.28
N THR A 263 -45.54 -49.14 -20.10
CA THR A 263 -46.28 -49.76 -21.20
C THR A 263 -46.16 -51.27 -21.11
N ASN A 264 -46.61 -51.97 -22.15
CA ASN A 264 -46.46 -53.42 -22.28
C ASN A 264 -47.19 -54.16 -21.16
N ILE A 265 -48.23 -53.55 -20.60
CA ILE A 265 -48.98 -54.16 -19.50
C ILE A 265 -49.87 -55.26 -20.06
N PRO A 266 -49.70 -56.51 -19.62
CA PRO A 266 -50.64 -57.56 -20.03
C PRO A 266 -52.00 -57.34 -19.39
N MET A 267 -53.05 -57.49 -20.20
CA MET A 267 -54.42 -57.30 -19.72
C MET A 267 -55.33 -58.44 -20.18
N TYR A 279 -53.70 -51.40 -21.94
CA TYR A 279 -53.21 -50.22 -22.65
C TYR A 279 -52.10 -49.54 -21.86
N ASP A 280 -51.56 -48.46 -22.41
CA ASP A 280 -50.46 -47.76 -21.78
C ASP A 280 -50.94 -47.00 -20.55
N VAL A 281 -49.99 -46.53 -19.76
CA VAL A 281 -50.28 -45.73 -18.57
C VAL A 281 -49.20 -44.67 -18.42
N GLU A 282 -49.58 -43.54 -17.84
CA GLU A 282 -48.66 -42.44 -17.63
C GLU A 282 -48.69 -42.01 -16.18
N LEU A 283 -47.52 -41.71 -15.63
CA LEU A 283 -47.39 -41.32 -14.23
C LEU A 283 -46.62 -40.02 -14.14
N LEU A 284 -46.83 -39.31 -13.03
CA LEU A 284 -46.04 -38.14 -12.68
C LEU A 284 -45.27 -38.42 -11.41
N HIS A 285 -43.99 -38.09 -11.42
CA HIS A 285 -43.14 -38.30 -10.25
C HIS A 285 -41.96 -37.35 -10.35
N HIS A 286 -41.28 -37.17 -9.21
CA HIS A 286 -40.22 -36.19 -9.14
C HIS A 286 -39.13 -36.48 -10.15
N LYS A 287 -38.52 -35.42 -10.68
CA LYS A 287 -37.64 -35.56 -11.83
C LYS A 287 -36.42 -36.41 -11.51
N ASP A 288 -35.85 -36.25 -10.32
CA ASP A 288 -34.54 -36.83 -9.99
C ASP A 288 -34.46 -38.32 -10.27
N ALA A 289 -35.61 -38.97 -10.47
CA ALA A 289 -35.65 -40.39 -10.83
C ALA A 289 -35.09 -40.66 -12.21
N HIS A 290 -34.90 -39.64 -13.05
CA HIS A 290 -34.48 -39.82 -14.42
C HIS A 290 -32.99 -39.55 -14.64
N VAL A 291 -32.22 -39.31 -13.57
CA VAL A 291 -30.80 -39.04 -13.75
C VAL A 291 -30.05 -40.26 -14.28
N ASP A 292 -30.61 -41.46 -14.09
CA ASP A 292 -29.96 -42.66 -14.61
C ASP A 292 -29.90 -42.64 -16.14
N PHE A 293 -31.00 -42.25 -16.78
CA PHE A 293 -31.01 -42.18 -18.24
C PHE A 293 -30.10 -41.06 -18.75
N LEU A 294 -30.09 -39.93 -18.07
CA LEU A 294 -29.28 -38.79 -18.49
C LEU A 294 -27.80 -39.08 -18.32
N GLU A 312 -41.83 -35.73 -23.93
CA GLU A 312 -40.69 -35.87 -23.03
C GLU A 312 -40.97 -36.91 -21.95
N THR A 313 -41.69 -37.97 -22.32
CA THR A 313 -42.07 -39.03 -21.41
C THR A 313 -41.25 -40.27 -21.72
N ILE A 314 -40.52 -40.75 -20.72
CA ILE A 314 -39.74 -41.97 -20.90
C ILE A 314 -40.67 -43.16 -21.03
N THR A 315 -40.17 -44.24 -21.62
CA THR A 315 -41.00 -45.35 -22.09
C THR A 315 -40.53 -46.66 -21.46
N LEU A 316 -40.41 -46.67 -20.15
CA LEU A 316 -40.08 -47.91 -19.44
C LEU A 316 -41.14 -48.97 -19.72
N LYS A 317 -40.69 -50.21 -19.89
CA LYS A 317 -41.57 -51.33 -20.21
C LYS A 317 -41.62 -52.30 -19.05
N TRP A 318 -42.80 -52.87 -18.84
CA TRP A 318 -43.01 -53.85 -17.78
C TRP A 318 -42.22 -55.11 -18.08
N CYS A 319 -41.64 -55.70 -17.03
CA CYS A 319 -40.96 -56.99 -17.11
C CYS A 319 -41.62 -57.98 -16.15
N THR A 320 -41.31 -59.26 -16.35
CA THR A 320 -41.98 -60.32 -15.60
C THR A 320 -41.65 -60.20 -14.12
N PRO A 321 -42.64 -60.07 -13.23
CA PRO A 321 -42.38 -59.98 -11.79
C PRO A 321 -42.13 -61.35 -11.20
N ARG A 322 -40.87 -61.63 -10.88
CA ARG A 322 -40.53 -62.89 -10.22
C ARG A 322 -40.96 -62.86 -8.75
N THR A 323 -41.40 -64.01 -8.25
CA THR A 323 -41.98 -64.10 -6.91
C THR A 323 -40.98 -63.72 -5.82
N ASN A 324 -39.91 -64.51 -5.68
CA ASN A 324 -38.94 -64.30 -4.61
C ASN A 324 -37.53 -64.60 -5.09
N ASN A 325 -37.17 -64.09 -6.27
CA ASN A 325 -35.83 -64.31 -6.80
C ASN A 325 -34.78 -63.67 -5.88
N ILE A 326 -34.83 -62.35 -5.75
CA ILE A 326 -34.00 -61.61 -4.81
C ILE A 326 -34.89 -60.63 -4.08
N GLU A 327 -34.48 -60.25 -2.86
CA GLU A 327 -35.33 -59.49 -1.97
C GLU A 327 -34.86 -58.06 -1.76
N LEU A 328 -33.60 -57.85 -1.43
CA LEU A 328 -33.10 -56.52 -1.07
C LEU A 328 -32.35 -55.95 -2.27
N HIS A 329 -33.08 -55.25 -3.12
CA HIS A 329 -32.45 -54.59 -4.26
C HIS A 329 -31.69 -53.34 -3.79
N TYR A 330 -31.00 -52.72 -4.72
CA TYR A 330 -30.20 -51.52 -4.45
C TYR A 330 -30.94 -50.34 -5.05
N CYS A 331 -31.69 -49.63 -4.22
CA CYS A 331 -32.53 -48.53 -4.65
C CYS A 331 -31.94 -47.22 -4.15
N THR A 332 -31.67 -46.29 -5.06
CA THR A 332 -31.06 -45.02 -4.72
C THR A 332 -32.06 -43.87 -4.65
N GLY A 333 -33.34 -44.16 -4.73
CA GLY A 333 -34.36 -43.13 -4.62
C GLY A 333 -35.76 -43.69 -4.60
N ALA A 334 -36.59 -43.25 -3.66
CA ALA A 334 -37.94 -43.77 -3.50
C ALA A 334 -38.91 -42.61 -3.73
N TYR A 335 -39.31 -42.43 -4.98
CA TYR A 335 -40.11 -41.27 -5.39
C TYR A 335 -41.56 -41.68 -5.58
N ARG A 336 -42.47 -40.89 -5.02
CA ARG A 336 -43.89 -41.20 -5.12
C ARG A 336 -44.39 -40.98 -6.54
N ILE A 337 -45.51 -41.62 -6.86
CA ILE A 337 -46.10 -41.50 -8.19
C ILE A 337 -47.56 -41.13 -8.06
N SER A 338 -48.10 -40.58 -9.14
CA SER A 338 -49.50 -40.17 -9.20
C SER A 338 -50.02 -40.28 -10.63
N PRO A 339 -51.03 -41.09 -10.88
CA PRO A 339 -51.56 -41.22 -12.22
C PRO A 339 -52.22 -39.93 -12.68
N VAL A 340 -52.27 -39.75 -14.01
CA VAL A 340 -52.91 -38.58 -14.61
C VAL A 340 -54.34 -38.86 -15.05
N ASP A 341 -54.78 -40.11 -15.04
CA ASP A 341 -56.14 -40.51 -15.39
C ASP A 341 -56.67 -41.51 -14.37
N VAL A 342 -56.53 -41.15 -13.11
CA VAL A 342 -56.62 -42.04 -11.95
C VAL A 342 -57.74 -43.07 -12.01
N ASN A 343 -58.86 -42.72 -12.65
CA ASN A 343 -60.00 -43.63 -12.70
C ASN A 343 -60.16 -44.30 -14.06
N SER A 344 -59.18 -44.20 -14.94
CA SER A 344 -59.27 -44.92 -16.21
C SER A 344 -58.95 -46.39 -16.00
N ARG A 345 -59.21 -47.20 -17.05
CA ARG A 345 -59.02 -48.64 -16.92
C ARG A 345 -57.56 -49.03 -16.68
N PRO A 346 -56.58 -48.58 -17.47
CA PRO A 346 -55.20 -49.05 -17.25
C PRO A 346 -54.62 -48.63 -15.90
N SER A 347 -54.77 -47.35 -15.54
CA SER A 347 -54.28 -46.91 -14.24
C SER A 347 -54.94 -47.67 -13.11
N SER A 348 -56.26 -47.87 -13.20
CA SER A 348 -56.96 -48.59 -12.14
C SER A 348 -56.43 -50.01 -12.01
N CYS A 349 -56.29 -50.72 -13.13
CA CYS A 349 -55.80 -52.08 -13.07
C CYS A 349 -54.40 -52.14 -12.49
N LEU A 350 -53.49 -51.29 -12.98
CA LEU A 350 -52.10 -51.33 -12.54
C LEU A 350 -51.99 -50.99 -11.05
N THR A 351 -52.69 -49.95 -10.62
CA THR A 351 -52.57 -49.52 -9.23
C THR A 351 -53.25 -50.48 -8.28
N ASN A 352 -54.36 -51.09 -8.67
CA ASN A 352 -54.96 -52.13 -7.83
C ASN A 352 -54.04 -53.32 -7.72
N PHE A 353 -53.40 -53.71 -8.81
CA PHE A 353 -52.44 -54.81 -8.75
C PHE A 353 -51.29 -54.46 -7.80
N LEU A 354 -50.78 -53.23 -7.88
CA LEU A 354 -49.67 -52.83 -7.02
C LEU A 354 -50.08 -52.82 -5.56
N LEU A 355 -51.19 -52.17 -5.23
CA LEU A 355 -51.67 -52.12 -3.86
C LEU A 355 -52.09 -53.49 -3.34
N ASN A 356 -52.28 -54.47 -4.22
CA ASN A 356 -52.49 -55.84 -3.76
C ASN A 356 -51.26 -56.41 -3.07
N GLY A 357 -50.08 -55.81 -3.28
CA GLY A 357 -48.90 -56.18 -2.53
C GLY A 357 -47.67 -56.47 -3.36
N ARG A 358 -47.85 -57.12 -4.51
CA ARG A 358 -46.70 -57.52 -5.31
C ARG A 358 -46.04 -56.33 -5.98
N SER A 359 -44.72 -56.43 -6.15
CA SER A 359 -43.96 -55.38 -6.82
C SER A 359 -44.11 -55.53 -8.33
N VAL A 360 -43.47 -54.62 -9.06
CA VAL A 360 -43.45 -54.66 -10.52
C VAL A 360 -42.09 -54.13 -10.98
N LEU A 361 -41.37 -54.94 -11.75
CA LEU A 361 -40.02 -54.57 -12.19
C LEU A 361 -40.10 -54.08 -13.63
N LEU A 362 -39.84 -52.79 -13.84
CA LEU A 362 -39.78 -52.25 -15.18
C LEU A 362 -38.40 -52.54 -15.79
N GLU A 363 -38.20 -52.06 -17.01
CA GLU A 363 -36.92 -52.24 -17.68
C GLU A 363 -36.77 -51.17 -18.76
N GLN A 364 -35.75 -50.32 -18.60
CA GLN A 364 -35.50 -49.29 -19.58
C GLN A 364 -35.07 -49.91 -20.91
N PRO A 365 -35.51 -49.34 -22.04
CA PRO A 365 -35.11 -49.85 -23.36
C PRO A 365 -33.63 -49.61 -23.66
N SER A 370 -29.16 -57.56 -23.55
CA SER A 370 -29.32 -56.18 -23.99
C SER A 370 -30.13 -55.39 -22.98
N LYS A 371 -31.16 -56.02 -22.42
CA LYS A 371 -32.01 -55.36 -21.44
C LYS A 371 -31.26 -55.16 -20.12
N VAL A 372 -31.61 -54.09 -19.41
CA VAL A 372 -31.08 -53.81 -18.09
C VAL A 372 -32.26 -53.57 -17.16
N ILE A 373 -32.31 -54.32 -16.06
CA ILE A 373 -33.38 -54.12 -15.08
C ILE A 373 -33.20 -52.75 -14.43
N SER A 374 -34.32 -52.09 -14.16
CA SER A 374 -34.33 -50.69 -13.77
C SER A 374 -35.50 -50.44 -12.83
N HIS A 375 -35.97 -49.20 -12.80
CA HIS A 375 -37.01 -48.73 -11.88
C HIS A 375 -38.03 -49.80 -11.53
N MET A 376 -38.26 -50.01 -10.24
CA MET A 376 -39.14 -51.06 -9.76
C MET A 376 -40.24 -50.43 -8.92
N LEU A 377 -41.49 -50.53 -9.37
CA LEU A 377 -42.61 -50.06 -8.59
C LEU A 377 -42.85 -50.97 -7.39
N SER A 378 -43.49 -50.42 -6.38
CA SER A 378 -43.85 -51.20 -5.20
C SER A 378 -44.90 -50.41 -4.43
N SER A 379 -45.55 -51.10 -3.51
CA SER A 379 -46.62 -50.50 -2.71
C SER A 379 -46.30 -50.70 -1.24
N HIS A 380 -45.88 -49.64 -0.57
CA HIS A 380 -45.54 -49.70 0.85
C HIS A 380 -46.71 -49.16 1.66
N GLY A 381 -47.74 -49.98 1.79
CA GLY A 381 -48.88 -49.66 2.61
C GLY A 381 -49.93 -48.79 1.95
N GLY A 382 -49.78 -48.46 0.67
CA GLY A 382 -50.77 -47.65 -0.01
C GLY A 382 -50.19 -46.34 -0.50
N GLU A 383 -48.89 -46.33 -0.77
CA GLU A 383 -48.19 -45.15 -1.28
C GLU A 383 -47.24 -45.68 -2.36
N ILE A 384 -47.71 -45.70 -3.61
CA ILE A 384 -47.00 -46.41 -4.67
C ILE A 384 -45.71 -45.67 -4.98
N PHE A 385 -44.59 -46.23 -4.56
CA PHE A 385 -43.29 -45.64 -4.81
C PHE A 385 -42.73 -46.13 -6.13
N LEU A 386 -41.74 -45.40 -6.65
CA LEU A 386 -41.03 -45.76 -7.88
C LEU A 386 -39.55 -45.77 -7.54
N HIS A 387 -39.04 -46.93 -7.15
CA HIS A 387 -37.63 -47.06 -6.81
C HIS A 387 -36.79 -46.92 -8.07
N VAL A 388 -35.58 -46.37 -7.92
CA VAL A 388 -34.65 -46.19 -9.03
C VAL A 388 -33.46 -47.09 -8.74
N LEU A 389 -33.48 -48.30 -9.28
CA LEU A 389 -32.38 -49.21 -9.07
C LEU A 389 -31.15 -48.75 -9.84
N SER A 390 -30.05 -49.45 -9.64
CA SER A 390 -28.80 -49.16 -10.32
C SER A 390 -28.38 -50.38 -11.12
N SER A 391 -28.12 -50.18 -12.41
CA SER A 391 -27.76 -51.26 -13.30
C SER A 391 -26.34 -51.18 -13.83
N SER A 392 -25.65 -50.06 -13.63
CA SER A 392 -24.26 -49.94 -14.06
C SER A 392 -23.38 -50.81 -13.17
N ARG A 393 -22.13 -50.98 -13.62
CA ARG A 393 -21.18 -51.78 -12.86
C ARG A 393 -21.00 -51.20 -11.47
N SER A 394 -21.10 -52.07 -10.47
CA SER A 394 -20.93 -51.65 -9.08
C SER A 394 -19.45 -51.58 -8.75
N ILE A 395 -18.99 -50.41 -8.29
CA ILE A 395 -17.58 -50.23 -7.97
C ILE A 395 -17.15 -51.15 -6.85
N LEU A 396 -18.10 -51.62 -6.05
CA LEU A 396 -17.81 -52.53 -4.94
C LEU A 396 -18.10 -53.97 -5.38
N GLU A 397 -17.35 -54.43 -6.36
CA GLU A 397 -17.51 -55.78 -6.89
C GLU A 397 -16.27 -56.60 -6.59
N ASP A 398 -16.45 -57.92 -6.63
CA ASP A 398 -15.41 -58.87 -6.24
C ASP A 398 -14.81 -58.52 -4.89
N PRO A 399 -15.61 -58.47 -3.83
CA PRO A 399 -15.06 -58.16 -2.52
C PRO A 399 -14.12 -59.25 -2.06
N PRO A 400 -13.13 -58.92 -1.23
CA PRO A 400 -12.25 -59.96 -0.68
C PRO A 400 -13.07 -61.00 0.08
N SER A 401 -12.75 -62.26 -0.16
CA SER A 401 -13.53 -63.36 0.42
C SER A 401 -13.50 -63.28 1.94
N ILE A 402 -14.68 -63.46 2.55
CA ILE A 402 -14.77 -63.41 4.00
C ILE A 402 -14.08 -64.59 4.66
N SER A 403 -13.74 -65.62 3.90
CA SER A 403 -12.96 -66.73 4.42
C SER A 403 -11.46 -66.43 4.47
N GLU A 404 -11.02 -65.35 3.84
CA GLU A 404 -9.62 -64.97 3.85
C GLU A 404 -9.34 -63.72 4.69
N GLY A 405 -10.34 -62.88 4.91
CA GLY A 405 -10.17 -61.78 5.83
C GLY A 405 -10.06 -62.25 7.26
N CYS A 406 -9.79 -61.31 8.15
CA CYS A 406 -9.61 -61.65 9.55
C CYS A 406 -10.88 -62.25 10.12
N GLY A 407 -10.72 -63.24 10.99
CA GLY A 407 -11.86 -63.86 11.64
C GLY A 407 -12.66 -64.81 10.78
N GLY A 408 -12.19 -65.13 9.58
CA GLY A 408 -12.91 -66.04 8.72
C GLY A 408 -12.37 -67.45 8.73
N ARG A 409 -11.26 -67.65 9.43
CA ARG A 409 -10.61 -68.96 9.50
C ARG A 409 -10.98 -69.72 10.77
N VAL A 410 -12.19 -69.51 11.29
CA VAL A 410 -12.69 -70.23 12.44
C VAL A 410 -14.09 -70.73 12.11
N THR A 411 -14.30 -72.02 12.25
CA THR A 411 -15.48 -72.69 11.70
C THR A 411 -16.35 -73.31 12.80
N ASP A 412 -16.55 -72.59 13.90
CA ASP A 412 -17.50 -73.04 14.93
C ASP A 412 -18.30 -71.87 15.45
N TYR A 413 -18.69 -70.96 14.55
CA TYR A 413 -19.38 -69.75 14.98
C TYR A 413 -20.81 -70.07 15.41
N ARG A 414 -21.28 -69.33 16.43
CA ARG A 414 -22.63 -69.49 16.95
C ARG A 414 -23.63 -68.76 16.06
N ILE A 415 -23.61 -69.13 14.78
CA ILE A 415 -24.40 -68.41 13.78
C ILE A 415 -25.90 -68.55 14.06
N THR A 416 -26.34 -69.77 14.40
CA THR A 416 -27.76 -69.97 14.67
C THR A 416 -28.16 -69.40 16.04
N ASP A 417 -27.29 -69.52 17.04
CA ASP A 417 -27.58 -68.91 18.32
C ASP A 417 -27.63 -67.40 18.20
N PHE A 418 -26.70 -66.81 17.44
CA PHE A 418 -26.80 -65.38 17.17
C PHE A 418 -28.04 -65.07 16.34
N GLY A 419 -28.50 -66.01 15.51
CA GLY A 419 -29.74 -65.80 14.80
C GLY A 419 -30.92 -65.68 15.74
N GLU A 420 -30.97 -66.54 16.76
CA GLU A 420 -32.01 -66.39 17.79
C GLU A 420 -31.86 -65.07 18.53
N PHE A 421 -30.62 -64.70 18.85
CA PHE A 421 -30.37 -63.41 19.49
C PHE A 421 -30.89 -62.26 18.63
N MET A 422 -30.75 -62.39 17.32
CA MET A 422 -31.21 -61.36 16.40
C MET A 422 -32.73 -61.32 16.37
N ARG A 423 -33.38 -62.47 16.28
CA ARG A 423 -34.83 -62.50 16.25
C ARG A 423 -35.43 -62.07 17.58
N GLU A 424 -34.64 -62.06 18.65
CA GLU A 424 -35.17 -61.65 19.95
C GLU A 424 -35.09 -60.15 20.20
N ASN A 425 -34.42 -59.39 19.32
CA ASN A 425 -34.30 -57.95 19.49
C ASN A 425 -34.96 -57.18 18.36
N ARG A 426 -35.81 -57.83 17.57
CA ARG A 426 -36.42 -57.18 16.42
C ARG A 426 -37.16 -55.91 16.84
N LEU A 427 -37.38 -55.03 15.89
CA LEU A 427 -37.92 -53.72 16.17
C LEU A 427 -39.37 -53.62 15.74
N THR A 428 -40.09 -52.67 16.35
CA THR A 428 -41.51 -52.45 16.07
C THR A 428 -41.86 -51.03 16.50
N PRO A 429 -42.70 -50.32 15.75
CA PRO A 429 -42.93 -48.90 16.05
C PRO A 429 -43.78 -48.73 17.31
N PHE A 430 -43.72 -47.51 17.85
CA PHE A 430 -44.44 -47.13 19.05
C PHE A 430 -45.15 -45.81 18.81
N LEU A 431 -46.47 -45.87 18.63
CA LEU A 431 -47.28 -44.67 18.46
C LEU A 431 -47.80 -44.10 19.76
N ASP A 432 -47.53 -44.76 20.89
CA ASP A 432 -47.87 -44.24 22.20
C ASP A 432 -46.61 -43.93 22.98
N PRO A 433 -46.23 -42.67 23.13
CA PRO A 433 -44.99 -42.33 23.86
C PRO A 433 -45.22 -42.39 25.36
N ARG A 434 -44.66 -43.44 25.99
CA ARG A 434 -44.80 -43.62 27.43
C ARG A 434 -43.81 -42.74 28.18
N TYR A 435 -44.05 -42.59 29.48
CA TYR A 435 -43.20 -41.81 30.37
C TYR A 435 -42.34 -42.76 31.20
N LYS A 436 -41.06 -42.44 31.32
CA LYS A 436 -40.12 -43.36 31.96
C LYS A 436 -40.19 -43.29 33.47
N ILE A 437 -39.84 -42.15 34.06
CA ILE A 437 -39.80 -42.01 35.51
C ILE A 437 -40.71 -40.87 35.95
N ASP A 438 -40.38 -39.66 35.51
CA ASP A 438 -41.16 -38.48 35.89
C ASP A 438 -40.93 -37.41 34.83
N GLY A 439 -41.94 -37.17 34.00
CA GLY A 439 -41.79 -36.21 32.92
C GLY A 439 -40.75 -36.59 31.89
N SER A 440 -40.36 -37.85 31.83
CA SER A 440 -39.34 -38.34 30.91
C SER A 440 -40.01 -39.27 29.91
N LEU A 441 -40.31 -38.74 28.73
CA LEU A 441 -40.89 -39.54 27.66
C LEU A 441 -39.76 -40.25 26.94
N GLU A 442 -39.60 -41.55 27.21
CA GLU A 442 -38.45 -42.29 26.70
C GLU A 442 -38.49 -42.38 25.18
N VAL A 443 -37.33 -42.21 24.56
CA VAL A 443 -37.18 -42.43 23.13
C VAL A 443 -37.00 -43.92 22.91
N PRO A 444 -37.90 -44.59 22.19
CA PRO A 444 -37.83 -46.06 22.12
C PRO A 444 -36.53 -46.60 21.57
N LEU A 445 -35.84 -45.85 20.71
CA LEU A 445 -34.56 -46.34 20.20
C LEU A 445 -33.51 -46.37 21.29
N GLU A 446 -33.58 -45.46 22.26
CA GLU A 446 -32.71 -45.58 23.43
C GLU A 446 -33.02 -46.85 24.20
N ARG A 447 -34.30 -47.22 24.27
CA ARG A 447 -34.67 -48.49 24.87
C ARG A 447 -34.05 -49.65 24.10
N ALA A 448 -34.10 -49.60 22.77
CA ALA A 448 -33.52 -50.67 21.97
C ALA A 448 -32.02 -50.79 22.19
N LYS A 449 -31.32 -49.65 22.23
CA LYS A 449 -29.88 -49.68 22.45
C LYS A 449 -29.55 -50.21 23.84
N ASP A 450 -30.31 -49.80 24.86
CA ASP A 450 -30.07 -50.31 26.20
C ASP A 450 -30.33 -51.81 26.28
N GLN A 451 -31.39 -52.28 25.63
CA GLN A 451 -31.66 -53.71 25.60
C GLN A 451 -30.53 -54.46 24.92
N LEU A 452 -30.01 -53.91 23.82
CA LEU A 452 -28.89 -54.56 23.14
C LEU A 452 -27.68 -54.63 24.05
N GLU A 453 -27.41 -53.56 24.79
CA GLU A 453 -26.28 -53.58 25.71
C GLU A 453 -26.49 -54.62 26.81
N LYS A 454 -27.73 -54.76 27.28
CA LYS A 454 -28.03 -55.74 28.32
C LYS A 454 -27.81 -57.16 27.80
N HIS A 455 -28.35 -57.46 26.62
CA HIS A 455 -28.33 -58.83 26.11
C HIS A 455 -26.93 -59.32 25.78
N THR A 456 -25.96 -58.41 25.61
CA THR A 456 -24.63 -58.79 25.16
C THR A 456 -23.57 -58.63 26.23
N ARG A 457 -23.96 -58.61 27.51
CA ARG A 457 -22.98 -58.47 28.58
C ARG A 457 -22.04 -59.67 28.62
N TYR A 458 -22.57 -60.87 28.44
CA TYR A 458 -21.76 -62.10 28.37
C TYR A 458 -22.26 -62.90 27.18
N TRP A 459 -21.64 -62.69 26.01
CA TRP A 459 -21.98 -63.40 24.79
C TRP A 459 -20.68 -63.96 24.21
N PRO A 460 -20.27 -65.16 24.63
CA PRO A 460 -19.10 -65.78 24.02
C PRO A 460 -19.31 -66.00 22.54
N MET A 461 -18.21 -65.99 21.80
CA MET A 461 -18.25 -65.71 20.39
C MET A 461 -18.15 -66.95 19.51
N ILE A 462 -17.64 -68.06 20.03
CA ILE A 462 -17.60 -69.32 19.31
C ILE A 462 -18.08 -70.44 20.22
N ILE A 463 -18.53 -71.52 19.60
CA ILE A 463 -19.17 -72.61 20.35
C ILE A 463 -18.18 -73.21 21.35
N SER A 464 -16.96 -73.50 20.90
CA SER A 464 -15.96 -74.10 21.78
C SER A 464 -15.56 -73.17 22.91
N GLN A 465 -15.83 -71.88 22.79
CA GLN A 465 -15.47 -70.94 23.84
C GLN A 465 -16.30 -71.15 25.10
N THR A 466 -17.59 -71.44 24.94
CA THR A 466 -18.52 -71.49 26.06
C THR A 466 -19.07 -72.89 26.26
N THR A 467 -19.60 -73.13 27.46
CA THR A 467 -20.23 -74.39 27.80
C THR A 467 -21.57 -74.23 28.52
N ILE A 468 -21.81 -73.11 29.19
CA ILE A 468 -23.10 -72.91 29.84
C ILE A 468 -24.20 -72.72 28.82
N PHE A 469 -23.92 -71.97 27.75
CA PHE A 469 -24.93 -71.64 26.75
C PHE A 469 -25.26 -72.81 25.84
N ASN A 470 -24.30 -73.70 25.56
CA ASN A 470 -24.58 -74.83 24.70
C ASN A 470 -25.41 -75.90 25.38
N MET A 471 -25.49 -75.92 26.70
CA MET A 471 -26.26 -76.91 27.43
C MET A 471 -27.71 -76.47 27.50
N GLN A 472 -28.62 -77.36 27.06
CA GLN A 472 -30.03 -77.02 27.00
C GLN A 472 -30.63 -76.77 28.37
N ALA A 473 -29.98 -77.26 29.44
CA ALA A 473 -30.51 -77.06 30.78
C ALA A 473 -30.54 -75.58 31.15
N VAL A 474 -29.49 -74.83 30.77
CA VAL A 474 -29.42 -73.41 31.12
C VAL A 474 -30.20 -72.53 30.17
N VAL A 475 -30.86 -73.12 29.16
CA VAL A 475 -31.56 -72.31 28.15
C VAL A 475 -32.62 -71.40 28.77
N PRO A 476 -33.51 -71.88 29.65
CA PRO A 476 -34.47 -70.94 30.26
C PRO A 476 -33.79 -69.82 31.03
N LEU A 477 -32.78 -70.16 31.84
CA LEU A 477 -32.04 -69.13 32.55
C LEU A 477 -31.32 -68.20 31.56
N ALA A 478 -30.74 -68.77 30.50
CA ALA A 478 -30.02 -67.95 29.54
C ALA A 478 -30.95 -66.93 28.88
N SER A 479 -32.17 -67.34 28.55
CA SER A 479 -33.11 -66.45 27.90
C SER A 479 -33.88 -65.55 28.86
N VAL A 480 -33.86 -65.84 30.16
CA VAL A 480 -34.61 -65.07 31.13
C VAL A 480 -33.75 -64.04 31.85
N ILE A 481 -32.52 -64.42 32.24
CA ILE A 481 -31.74 -63.59 33.16
C ILE A 481 -31.42 -62.23 32.54
N VAL A 482 -31.28 -62.16 31.22
CA VAL A 482 -30.88 -60.92 30.57
C VAL A 482 -31.98 -59.88 30.55
N LYS A 483 -33.21 -60.24 30.88
CA LYS A 483 -34.30 -59.29 30.84
C LYS A 483 -34.15 -58.24 31.93
N GLU A 484 -34.84 -57.11 31.74
CA GLU A 484 -34.69 -55.99 32.66
C GLU A 484 -35.19 -56.33 34.06
N SER A 485 -36.34 -57.01 34.16
CA SER A 485 -36.94 -57.33 35.44
C SER A 485 -37.58 -58.71 35.36
N LEU A 486 -36.89 -59.72 35.89
CA LEU A 486 -37.43 -61.07 35.90
C LEU A 486 -38.63 -61.14 36.82
N THR A 487 -39.72 -61.73 36.34
CA THR A 487 -40.93 -61.85 37.12
C THR A 487 -40.84 -63.02 38.09
N GLU A 488 -41.85 -63.15 38.95
CA GLU A 488 -41.87 -64.23 39.93
C GLU A 488 -41.90 -65.59 39.25
N GLU A 489 -42.67 -65.71 38.16
CA GLU A 489 -42.64 -66.93 37.37
C GLU A 489 -41.23 -67.18 36.83
N ASP A 490 -40.55 -66.12 36.41
CA ASP A 490 -39.16 -66.25 35.99
C ASP A 490 -38.27 -66.68 37.15
N VAL A 491 -38.57 -66.21 38.36
CA VAL A 491 -37.83 -66.67 39.53
C VAL A 491 -38.01 -68.17 39.72
N LEU A 492 -39.25 -68.64 39.59
CA LEU A 492 -39.49 -70.08 39.68
C LEU A 492 -38.74 -70.84 38.60
N ASN A 493 -38.76 -70.31 37.38
CA ASN A 493 -38.08 -70.98 36.27
C ASN A 493 -36.57 -71.07 36.51
N CYS A 494 -35.97 -69.98 36.97
CA CYS A 494 -34.52 -69.99 37.19
C CYS A 494 -34.15 -70.87 38.38
N GLN A 495 -35.00 -70.90 39.42
CA GLN A 495 -34.78 -71.81 40.52
C GLN A 495 -34.84 -73.26 40.06
N LYS A 496 -35.82 -73.59 39.21
CA LYS A 496 -35.89 -74.92 38.65
C LYS A 496 -34.66 -75.23 37.81
N THR A 497 -34.20 -74.25 37.02
CA THR A 497 -33.05 -74.46 36.15
C THR A 497 -31.80 -74.77 36.97
N ILE A 498 -31.55 -73.99 38.02
CA ILE A 498 -30.37 -74.25 38.84
C ILE A 498 -30.55 -75.57 39.59
N TYR A 499 -31.78 -75.92 39.97
CA TYR A 499 -32.01 -77.20 40.60
C TYR A 499 -31.63 -78.36 39.67
N ASN A 500 -32.06 -78.29 38.41
CA ASN A 500 -31.69 -79.35 37.47
C ASN A 500 -30.21 -79.32 37.15
N LEU A 501 -29.58 -78.14 37.17
CA LEU A 501 -28.13 -78.09 36.99
C LEU A 501 -27.42 -78.83 38.11
N VAL A 502 -27.86 -78.62 39.35
CA VAL A 502 -27.27 -79.32 40.48
C VAL A 502 -27.55 -80.82 40.37
N ASP A 503 -28.75 -81.18 39.91
CA ASP A 503 -29.08 -82.59 39.73
C ASP A 503 -28.15 -83.24 38.70
N MET A 504 -27.92 -82.57 37.57
CA MET A 504 -27.01 -83.09 36.57
C MET A 504 -25.59 -83.19 37.11
N GLU A 505 -25.18 -82.21 37.91
CA GLU A 505 -23.87 -82.27 38.56
C GLU A 505 -23.77 -83.50 39.44
N ARG A 506 -24.82 -83.79 40.21
CA ARG A 506 -24.82 -84.95 41.08
C ARG A 506 -24.77 -86.25 40.27
N LYS A 507 -25.54 -86.31 39.18
CA LYS A 507 -25.60 -87.52 38.36
C LYS A 507 -24.36 -87.72 37.50
N ASN A 508 -23.49 -86.71 37.38
CA ASN A 508 -22.28 -86.79 36.58
C ASN A 508 -22.59 -87.15 35.12
N ASP A 509 -23.68 -86.61 34.59
CA ASP A 509 -24.03 -86.87 33.20
C ASP A 509 -23.00 -86.23 32.27
N PRO A 510 -22.77 -86.83 31.10
CA PRO A 510 -21.75 -86.29 30.18
C PRO A 510 -22.20 -84.96 29.58
N LEU A 511 -21.56 -83.89 30.01
CA LEU A 511 -21.81 -82.57 29.46
C LEU A 511 -21.18 -82.45 28.08
N PRO A 512 -21.62 -81.49 27.27
CA PRO A 512 -20.98 -81.29 25.96
C PRO A 512 -19.49 -81.00 26.12
N ILE A 513 -18.71 -81.50 25.16
CA ILE A 513 -17.25 -81.42 25.26
C ILE A 513 -16.81 -79.97 25.32
N SER A 514 -17.35 -79.12 24.45
CA SER A 514 -17.01 -77.70 24.39
C SER A 514 -15.50 -77.47 24.29
N PRO A 523 -9.82 -80.89 32.30
CA PRO A 523 -10.90 -81.40 31.44
C PRO A 523 -11.58 -82.62 32.03
N LYS A 524 -11.44 -82.82 33.33
CA LYS A 524 -12.07 -83.94 34.00
C LYS A 524 -13.58 -83.72 34.10
N ARG A 525 -14.29 -84.78 34.49
CA ARG A 525 -15.74 -84.69 34.62
C ARG A 525 -16.14 -83.64 35.65
N ASP A 526 -15.44 -83.62 36.79
CA ASP A 526 -15.68 -82.58 37.78
C ASP A 526 -15.22 -81.21 37.27
N GLU A 527 -14.17 -81.20 36.44
CA GLU A 527 -13.66 -79.93 35.91
C GLU A 527 -14.70 -79.27 35.00
N GLN A 528 -15.40 -80.07 34.20
CA GLN A 528 -16.45 -79.53 33.35
C GLN A 528 -17.54 -78.87 34.17
N TYR A 529 -17.97 -79.54 35.25
CA TYR A 529 -18.97 -78.95 36.13
C TYR A 529 -18.44 -77.68 36.77
N ARG A 530 -17.17 -77.68 37.18
CA ARG A 530 -16.59 -76.51 37.83
C ARG A 530 -16.61 -75.32 36.88
N ILE A 531 -16.15 -75.52 35.65
CA ILE A 531 -16.09 -74.40 34.71
C ILE A 531 -17.50 -73.96 34.32
N MET A 532 -18.46 -74.88 34.26
CA MET A 532 -19.81 -74.46 33.89
C MET A 532 -20.46 -73.67 35.02
N TRP A 533 -20.23 -74.06 36.28
CA TRP A 533 -20.66 -73.23 37.39
C TRP A 533 -20.00 -71.86 37.33
N ASN A 534 -18.71 -71.82 36.98
CA ASN A 534 -18.02 -70.54 36.90
C ASN A 534 -18.63 -69.64 35.83
N GLU A 535 -18.96 -70.23 34.67
CA GLU A 535 -19.57 -69.45 33.60
C GLU A 535 -20.94 -68.94 34.01
N LEU A 536 -21.75 -69.79 34.65
CA LEU A 536 -23.06 -69.35 35.12
C LEU A 536 -22.92 -68.22 36.13
N GLU A 537 -21.98 -68.34 37.06
CA GLU A 537 -21.77 -67.29 38.05
C GLU A 537 -21.32 -66.00 37.39
N THR A 538 -20.41 -66.10 36.42
CA THR A 538 -19.97 -64.91 35.70
C THR A 538 -21.12 -64.23 35.00
N LEU A 539 -22.02 -65.02 34.40
CA LEU A 539 -23.18 -64.44 33.73
C LEU A 539 -24.09 -63.73 34.71
N VAL A 540 -24.46 -64.41 35.80
CA VAL A 540 -25.43 -63.84 36.73
C VAL A 540 -24.84 -62.64 37.47
N ARG A 541 -23.54 -62.70 37.82
CA ARG A 541 -22.92 -61.58 38.50
C ARG A 541 -22.94 -60.32 37.64
N ALA A 542 -22.87 -60.48 36.31
CA ALA A 542 -22.89 -59.32 35.43
C ALA A 542 -24.24 -58.63 35.40
N HIS A 543 -25.33 -59.36 35.63
CA HIS A 543 -26.67 -58.79 35.60
C HIS A 543 -27.24 -58.57 36.99
N ILE A 544 -26.38 -58.50 38.00
CA ILE A 544 -26.85 -58.30 39.37
C ILE A 544 -27.56 -56.96 39.51
N ASN A 545 -26.99 -55.91 38.91
CA ASN A 545 -27.57 -54.57 39.02
C ASN A 545 -28.91 -54.44 38.29
N ASN A 546 -29.29 -55.42 37.47
CA ASN A 546 -30.54 -55.33 36.74
C ASN A 546 -31.73 -55.24 37.69
N SER A 547 -31.75 -56.10 38.71
CA SER A 547 -32.83 -56.09 39.69
C SER A 547 -32.38 -56.86 40.92
N GLU A 548 -33.12 -56.67 42.01
CA GLU A 548 -32.83 -57.40 43.24
C GLU A 548 -33.12 -58.88 43.12
N LYS A 549 -34.03 -59.27 42.22
CA LYS A 549 -34.27 -60.69 41.99
C LYS A 549 -33.04 -61.37 41.39
N HIS A 550 -32.28 -60.64 40.58
CA HIS A 550 -31.02 -61.18 40.08
C HIS A 550 -30.04 -61.43 41.22
N GLN A 551 -29.96 -60.49 42.18
CA GLN A 551 -29.13 -60.74 43.35
C GLN A 551 -29.65 -61.93 44.15
N ARG A 552 -30.98 -62.09 44.21
CA ARG A 552 -31.58 -63.21 44.92
C ARG A 552 -31.15 -64.53 44.31
N VAL A 553 -31.27 -64.64 42.98
CA VAL A 553 -30.81 -65.87 42.33
C VAL A 553 -29.29 -65.99 42.44
N LEU A 554 -28.59 -64.87 42.60
CA LEU A 554 -27.15 -64.93 42.76
C LEU A 554 -26.76 -65.64 44.07
N GLU A 555 -27.34 -65.22 45.19
CA GLU A 555 -26.95 -65.93 46.41
C GLU A 555 -27.66 -67.29 46.51
N CYS A 556 -28.75 -67.50 45.77
CA CYS A 556 -29.28 -68.85 45.63
C CYS A 556 -28.26 -69.77 44.96
N LEU A 557 -27.61 -69.28 43.90
CA LEU A 557 -26.52 -70.01 43.27
C LEU A 557 -25.39 -70.24 44.26
N MET A 558 -25.03 -69.19 45.01
CA MET A 558 -23.93 -69.30 45.96
C MET A 558 -24.21 -70.38 46.99
N ALA A 559 -25.43 -70.43 47.52
CA ALA A 559 -25.79 -71.46 48.48
C ALA A 559 -25.83 -72.84 47.83
N CYS A 560 -26.35 -72.93 46.61
CA CYS A 560 -26.53 -74.22 45.95
C CYS A 560 -25.31 -74.69 45.17
N ARG A 561 -24.29 -73.85 45.02
CA ARG A 561 -23.11 -74.25 44.26
C ARG A 561 -22.24 -75.19 45.08
N SER A 562 -21.55 -76.09 44.38
CA SER A 562 -20.68 -77.08 45.02
C SER A 562 -19.23 -76.57 45.04
N LYS A 563 -19.05 -75.42 45.67
CA LYS A 563 -17.72 -74.82 45.78
C LYS A 563 -16.90 -75.59 46.81
N PRO A 564 -15.73 -76.13 46.45
CA PRO A 564 -14.87 -76.86 47.39
C PRO A 564 -14.34 -75.97 48.51
N PRO B 2 -13.55 -44.67 -7.14
CA PRO B 2 -13.11 -44.41 -8.51
C PRO B 2 -12.21 -43.19 -8.59
N THR B 3 -11.02 -43.36 -9.14
CA THR B 3 -10.08 -42.26 -9.32
C THR B 3 -9.46 -42.36 -10.70
N VAL B 4 -9.52 -41.27 -11.46
CA VAL B 4 -8.90 -41.21 -12.77
C VAL B 4 -7.70 -40.28 -12.65
N VAL B 5 -6.50 -40.83 -12.85
CA VAL B 5 -5.26 -40.07 -12.69
C VAL B 5 -4.93 -39.47 -14.05
N VAL B 6 -5.53 -38.33 -14.36
CA VAL B 6 -5.28 -37.67 -15.64
C VAL B 6 -3.91 -37.03 -15.58
N MET B 7 -2.91 -37.67 -16.19
CA MET B 7 -1.55 -37.16 -16.15
C MET B 7 -1.17 -36.57 -17.49
N ASP B 8 -0.69 -35.33 -17.47
CA ASP B 8 -0.30 -34.64 -18.69
C ASP B 8 0.94 -35.29 -19.29
N VAL B 9 1.00 -35.30 -20.61
CA VAL B 9 2.13 -35.89 -21.32
C VAL B 9 2.62 -34.94 -22.40
N SER B 10 2.15 -33.70 -22.36
CA SER B 10 2.51 -32.74 -23.40
C SER B 10 4.00 -32.41 -23.32
N LEU B 11 4.52 -31.86 -24.43
CA LEU B 11 5.94 -31.54 -24.52
C LEU B 11 6.39 -30.58 -23.45
N SER B 12 5.46 -29.78 -22.90
CA SER B 12 5.83 -28.83 -21.85
C SER B 12 6.36 -29.55 -20.61
N MET B 13 5.97 -30.80 -20.40
CA MET B 13 6.39 -31.56 -19.22
C MET B 13 7.75 -32.22 -19.39
N THR B 14 8.34 -32.19 -20.57
CA THR B 14 9.64 -32.81 -20.78
C THR B 14 10.80 -31.86 -20.49
N ARG B 15 10.50 -30.66 -20.01
CA ARG B 15 11.56 -29.69 -19.72
C ARG B 15 12.44 -30.20 -18.59
N PRO B 16 13.75 -30.32 -18.79
CA PRO B 16 14.63 -30.62 -17.66
C PRO B 16 14.63 -29.48 -16.65
N VAL B 17 14.80 -29.84 -15.38
CA VAL B 17 14.90 -28.87 -14.30
C VAL B 17 16.27 -29.01 -13.66
N SER B 18 16.95 -27.88 -13.48
CA SER B 18 18.33 -27.86 -12.99
C SER B 18 18.33 -28.07 -11.47
N ILE B 19 18.02 -29.30 -11.06
CA ILE B 19 18.11 -29.67 -9.66
C ILE B 19 19.58 -29.72 -9.25
N GLU B 20 19.85 -29.37 -8.01
CA GLU B 20 21.23 -29.31 -7.54
C GLU B 20 21.72 -30.69 -7.11
N GLY B 21 22.98 -30.98 -7.41
CA GLY B 21 23.60 -32.22 -6.98
C GLY B 21 23.43 -33.37 -7.93
N SER B 22 22.22 -33.91 -8.02
CA SER B 22 21.96 -35.08 -8.84
C SER B 22 21.91 -34.71 -10.32
N GLU B 23 21.66 -35.70 -11.16
CA GLU B 23 21.57 -35.47 -12.59
C GLU B 23 20.26 -34.77 -12.92
N GLU B 24 20.03 -34.55 -14.21
CA GLU B 24 18.89 -33.77 -14.68
C GLU B 24 17.67 -34.67 -14.82
N TYR B 25 16.61 -34.33 -14.10
CA TYR B 25 15.34 -35.03 -14.16
C TYR B 25 14.32 -34.18 -14.90
N GLN B 26 13.64 -34.78 -15.87
CA GLN B 26 12.52 -34.11 -16.51
C GLN B 26 11.28 -34.21 -15.62
N ARG B 27 10.40 -33.22 -15.73
CA ARG B 27 9.21 -33.19 -14.89
C ARG B 27 8.35 -34.42 -15.09
N LYS B 28 8.42 -35.07 -16.25
CA LYS B 28 7.75 -36.35 -16.43
C LYS B 28 8.27 -37.38 -15.43
N HIS B 29 9.59 -37.41 -15.21
CA HIS B 29 10.15 -38.36 -14.25
C HIS B 29 9.70 -38.06 -12.83
N LEU B 30 9.66 -36.78 -12.46
CA LEU B 30 9.20 -36.43 -11.12
C LEU B 30 7.75 -36.84 -10.92
N ALA B 31 6.91 -36.58 -11.92
CA ALA B 31 5.52 -37.02 -11.83
C ALA B 31 5.44 -38.53 -11.72
N ALA B 32 6.29 -39.24 -12.47
CA ALA B 32 6.28 -40.70 -12.41
C ALA B 32 6.62 -41.18 -11.01
N HIS B 33 7.65 -40.60 -10.38
CA HIS B 33 8.01 -41.02 -9.03
C HIS B 33 6.88 -40.73 -8.04
N GLY B 34 6.30 -39.55 -8.12
CA GLY B 34 5.24 -39.21 -7.19
C GLY B 34 4.01 -40.11 -7.36
N LEU B 35 3.60 -40.32 -8.59
CA LEU B 35 2.46 -41.20 -8.84
C LEU B 35 2.79 -42.64 -8.49
N THR B 36 4.07 -43.04 -8.58
CA THR B 36 4.44 -44.37 -8.14
C THR B 36 4.25 -44.52 -6.64
N MET B 37 4.65 -43.50 -5.87
CA MET B 37 4.37 -43.53 -4.44
C MET B 37 2.86 -43.64 -4.18
N LEU B 38 2.09 -42.82 -4.90
CA LEU B 38 0.65 -42.82 -4.68
C LEU B 38 0.04 -44.19 -4.99
N PHE B 39 0.46 -44.80 -6.10
CA PHE B 39 -0.08 -46.09 -6.48
C PHE B 39 0.35 -47.18 -5.51
N GLU B 40 1.58 -47.12 -5.01
CA GLU B 40 2.01 -48.10 -4.02
C GLU B 40 1.18 -47.99 -2.75
N HIS B 41 0.96 -46.77 -2.27
CA HIS B 41 0.15 -46.61 -1.06
C HIS B 41 -1.27 -47.08 -1.28
N MET B 42 -1.85 -46.74 -2.43
CA MET B 42 -3.23 -47.15 -2.71
C MET B 42 -3.35 -48.65 -2.94
N ALA B 43 -2.26 -49.32 -3.32
CA ALA B 43 -2.28 -50.77 -3.46
C ALA B 43 -1.96 -51.49 -2.17
N THR B 44 -1.39 -50.80 -1.18
CA THR B 44 -1.13 -51.43 0.11
C THR B 44 -2.25 -51.18 1.13
N ASN B 45 -2.69 -49.93 1.30
CA ASN B 45 -3.67 -49.61 2.32
C ASN B 45 -5.03 -49.19 1.77
N TYR B 46 -5.23 -49.18 0.46
CA TYR B 46 -6.50 -48.82 -0.14
C TYR B 46 -6.82 -49.76 -1.29
N LYS B 47 -6.63 -51.06 -1.07
CA LYS B 47 -6.60 -52.02 -2.16
C LYS B 47 -7.90 -52.04 -2.95
N LEU B 48 -9.03 -51.78 -2.31
CA LEU B 48 -10.32 -51.93 -2.96
C LEU B 48 -10.66 -50.81 -3.93
N GLU B 49 -9.71 -49.91 -4.22
CA GLU B 49 -10.00 -48.70 -4.97
C GLU B 49 -9.77 -48.92 -6.46
N PHE B 50 -10.79 -48.60 -7.26
CA PHE B 50 -10.68 -48.66 -8.71
C PHE B 50 -10.02 -47.38 -9.22
N THR B 51 -8.93 -47.52 -9.96
CA THR B 51 -8.21 -46.36 -10.48
C THR B 51 -7.92 -46.55 -11.96
N ALA B 52 -7.81 -45.43 -12.67
CA ALA B 52 -7.53 -45.44 -14.10
C ALA B 52 -6.68 -44.23 -14.45
N LEU B 53 -5.95 -44.32 -15.56
CA LEU B 53 -4.91 -43.36 -15.91
C LEU B 53 -5.07 -42.94 -17.36
N VAL B 54 -5.81 -41.88 -17.60
CA VAL B 54 -5.96 -41.31 -18.93
C VAL B 54 -4.92 -40.22 -19.12
N VAL B 55 -4.21 -40.26 -20.23
CA VAL B 55 -3.22 -39.24 -20.56
C VAL B 55 -3.82 -38.33 -21.61
N PHE B 56 -3.45 -37.06 -21.56
CA PHE B 56 -4.03 -36.08 -22.47
C PHE B 56 -2.96 -35.17 -23.02
N SER B 57 -3.14 -34.77 -24.28
CA SER B 57 -2.30 -33.77 -24.92
C SER B 57 -3.11 -33.07 -25.99
N SER B 58 -2.83 -33.38 -27.26
CA SER B 58 -3.73 -33.00 -28.33
C SER B 58 -5.02 -33.81 -28.25
N LEU B 59 -4.89 -35.12 -28.05
CA LEU B 59 -6.01 -36.02 -27.89
C LEU B 59 -5.82 -36.83 -26.63
N TRP B 60 -6.93 -37.15 -25.97
CA TRP B 60 -6.90 -37.96 -24.76
C TRP B 60 -7.09 -39.42 -25.11
N GLU B 61 -6.29 -40.29 -24.50
CA GLU B 61 -6.43 -41.73 -24.70
C GLU B 61 -6.23 -42.45 -23.37
N LEU B 62 -7.10 -43.42 -23.11
CA LEU B 62 -7.09 -44.20 -21.88
C LEU B 62 -6.24 -45.44 -22.11
N MET B 63 -5.04 -45.48 -21.51
CA MET B 63 -4.21 -46.66 -21.67
C MET B 63 -4.71 -47.82 -20.80
N VAL B 64 -5.17 -47.54 -19.59
CA VAL B 64 -5.68 -48.61 -18.74
C VAL B 64 -7.04 -48.24 -18.17
N PRO B 65 -8.08 -49.04 -18.41
CA PRO B 65 -9.39 -48.72 -17.83
C PRO B 65 -9.41 -48.95 -16.34
N PHE B 66 -10.57 -48.79 -15.71
CA PHE B 66 -10.66 -48.97 -14.27
C PHE B 66 -10.22 -50.37 -13.88
N THR B 67 -9.38 -50.47 -12.87
CA THR B 67 -8.81 -51.75 -12.48
C THR B 67 -8.30 -51.67 -11.05
N ARG B 68 -8.26 -52.83 -10.39
CA ARG B 68 -7.63 -52.96 -9.09
C ARG B 68 -6.21 -53.47 -9.20
N ASP B 69 -5.70 -53.70 -10.41
CA ASP B 69 -4.37 -54.27 -10.61
C ASP B 69 -3.37 -53.13 -10.72
N TYR B 70 -2.86 -52.68 -9.57
CA TYR B 70 -1.93 -51.56 -9.56
C TYR B 70 -0.57 -51.92 -10.12
N ASN B 71 -0.25 -53.21 -10.23
CA ASN B 71 0.96 -53.59 -10.93
C ASN B 71 0.89 -53.28 -12.41
N THR B 72 -0.32 -53.19 -12.97
CA THR B 72 -0.45 -52.78 -14.37
C THR B 72 -0.16 -51.30 -14.52
N LEU B 73 -0.74 -50.47 -13.65
CA LEU B 73 -0.55 -49.04 -13.76
C LEU B 73 0.89 -48.64 -13.43
N GLN B 74 1.48 -49.28 -12.42
CA GLN B 74 2.83 -48.94 -12.02
C GLN B 74 3.83 -49.09 -13.17
N GLU B 75 3.55 -49.97 -14.11
CA GLU B 75 4.40 -50.09 -15.30
C GLU B 75 3.98 -49.15 -16.42
N ALA B 76 2.69 -48.75 -16.45
CA ALA B 76 2.24 -47.82 -17.48
C ALA B 76 2.90 -46.46 -17.32
N LEU B 77 3.27 -46.09 -16.10
CA LEU B 77 3.90 -44.80 -15.85
C LEU B 77 5.31 -44.70 -16.42
N SER B 78 5.93 -45.83 -16.76
CA SER B 78 7.29 -45.83 -17.28
C SER B 78 7.37 -46.21 -18.74
N ASN B 79 6.24 -46.45 -19.40
CA ASN B 79 6.22 -46.82 -20.81
C ASN B 79 5.46 -45.78 -21.62
N MET B 80 5.79 -44.51 -21.40
CA MET B 80 4.95 -43.39 -21.82
C MET B 80 5.49 -42.75 -23.09
N ASP B 81 4.58 -42.23 -23.91
CA ASP B 81 4.96 -41.52 -25.12
C ASP B 81 5.28 -40.06 -24.77
N ASP B 82 5.48 -39.23 -25.79
CA ASP B 82 5.80 -37.81 -25.61
C ASP B 82 5.01 -36.95 -26.58
N TYR B 83 3.71 -37.17 -26.67
CA TYR B 83 2.87 -36.33 -27.52
C TYR B 83 2.96 -34.88 -27.07
N ASP B 84 2.71 -33.96 -28.00
CA ASP B 84 2.83 -32.54 -27.73
C ASP B 84 1.46 -31.86 -27.80
N LYS B 85 1.46 -30.56 -27.56
CA LYS B 85 0.26 -29.73 -27.50
C LYS B 85 -0.52 -30.01 -26.23
N THR B 86 -0.70 -28.99 -25.40
CA THR B 86 -1.49 -29.12 -24.16
C THR B 86 -2.91 -28.64 -24.41
N CYS B 87 -3.89 -29.47 -24.05
CA CYS B 87 -5.30 -29.12 -24.25
C CYS B 87 -6.12 -29.79 -23.16
N LEU B 88 -6.68 -29.00 -22.24
CA LEU B 88 -7.33 -29.50 -21.04
C LEU B 88 -8.80 -29.81 -21.23
N GLU B 89 -9.51 -29.00 -22.02
CA GLU B 89 -10.95 -29.19 -22.15
C GLU B 89 -11.28 -30.55 -22.74
N SER B 90 -10.51 -30.98 -23.74
CA SER B 90 -10.71 -32.32 -24.30
C SER B 90 -10.48 -33.39 -23.24
N ALA B 91 -9.46 -33.20 -22.39
CA ALA B 91 -9.20 -34.16 -21.33
C ALA B 91 -10.39 -34.27 -20.39
N LEU B 92 -10.95 -33.13 -19.97
CA LEU B 92 -12.06 -33.18 -19.03
C LEU B 92 -13.30 -33.78 -19.68
N VAL B 93 -13.55 -33.47 -20.95
CA VAL B 93 -14.67 -34.07 -21.66
C VAL B 93 -14.51 -35.59 -21.71
N GLY B 94 -13.30 -36.05 -22.03
CA GLY B 94 -13.06 -37.49 -22.10
C GLY B 94 -13.21 -38.17 -20.75
N VAL B 95 -12.74 -37.51 -19.69
CA VAL B 95 -12.88 -38.09 -18.35
C VAL B 95 -14.36 -38.21 -17.98
N CYS B 96 -15.13 -37.15 -18.24
CA CYS B 96 -16.57 -37.23 -18.03
C CYS B 96 -17.16 -38.39 -18.79
N ASN B 97 -16.78 -38.54 -20.06
CA ASN B 97 -17.34 -39.59 -20.89
C ASN B 97 -17.04 -40.97 -20.33
N ILE B 98 -15.78 -41.22 -19.96
CA ILE B 98 -15.42 -42.56 -19.49
C ILE B 98 -16.07 -42.84 -18.14
N VAL B 99 -16.15 -41.84 -17.27
CA VAL B 99 -16.77 -42.07 -15.96
C VAL B 99 -18.25 -42.40 -16.14
N GLN B 100 -18.94 -41.64 -16.99
CA GLN B 100 -20.36 -41.91 -17.19
C GLN B 100 -20.58 -43.23 -17.93
N GLN B 101 -19.65 -43.64 -18.78
CA GLN B 101 -19.79 -44.93 -19.44
C GLN B 101 -19.61 -46.08 -18.45
N GLU B 102 -18.57 -46.01 -17.62
CA GLU B 102 -18.25 -47.13 -16.75
C GLU B 102 -19.11 -47.14 -15.49
N TRP B 103 -19.02 -46.10 -14.67
CA TRP B 103 -19.68 -46.15 -13.38
C TRP B 103 -21.11 -45.62 -13.42
N GLY B 104 -21.34 -44.50 -14.10
CA GLY B 104 -22.67 -43.93 -14.14
C GLY B 104 -22.69 -42.43 -13.90
N GLY B 105 -23.50 -41.98 -12.94
CA GLY B 105 -23.59 -40.57 -12.65
C GLY B 105 -23.72 -40.23 -11.18
N ALA B 106 -23.66 -41.24 -10.33
CA ALA B 106 -23.82 -41.03 -8.89
C ALA B 106 -22.59 -41.38 -8.08
N ILE B 107 -21.80 -42.36 -8.51
CA ILE B 107 -20.61 -42.73 -7.74
C ILE B 107 -19.54 -41.65 -7.91
N PRO B 108 -18.91 -41.19 -6.82
CA PRO B 108 -17.90 -40.14 -6.95
C PRO B 108 -16.71 -40.60 -7.77
N CYS B 109 -15.95 -39.64 -8.27
CA CYS B 109 -14.76 -39.94 -9.07
C CYS B 109 -13.73 -38.86 -8.79
N GLN B 110 -12.83 -39.11 -7.84
CA GLN B 110 -11.74 -38.20 -7.59
C GLN B 110 -10.82 -38.16 -8.80
N VAL B 111 -10.33 -36.98 -9.15
CA VAL B 111 -9.58 -36.77 -10.38
C VAL B 111 -8.23 -36.17 -10.00
N VAL B 112 -7.22 -37.02 -9.87
CA VAL B 112 -5.87 -36.56 -9.60
C VAL B 112 -5.21 -36.16 -10.92
N LEU B 113 -5.31 -34.88 -11.25
CA LEU B 113 -4.78 -34.36 -12.51
C LEU B 113 -3.40 -33.76 -12.28
N VAL B 114 -2.45 -34.10 -13.14
CA VAL B 114 -1.08 -33.61 -12.98
C VAL B 114 -0.71 -32.70 -14.14
N THR B 115 -0.92 -31.40 -13.97
CA THR B 115 -0.61 -30.41 -14.99
C THR B 115 0.81 -29.90 -14.80
N ASP B 116 1.16 -28.82 -15.49
CA ASP B 116 2.52 -28.29 -15.43
C ASP B 116 2.58 -26.78 -15.28
N GLY B 117 1.46 -26.09 -15.15
CA GLY B 117 1.51 -24.65 -15.05
C GLY B 117 1.86 -23.92 -16.33
N CYS B 118 1.73 -24.60 -17.46
CA CYS B 118 1.98 -24.05 -18.79
C CYS B 118 0.78 -24.28 -19.67
N LEU B 119 -0.38 -23.79 -19.21
CA LEU B 119 -1.69 -24.18 -19.73
C LEU B 119 -1.71 -24.34 -21.25
N GLY B 120 -1.28 -23.33 -21.99
CA GLY B 120 -1.24 -23.46 -23.44
C GLY B 120 -1.03 -22.11 -24.10
N ILE B 121 -1.37 -22.07 -25.39
CA ILE B 121 -1.12 -20.90 -26.22
C ILE B 121 -2.42 -20.41 -26.87
N GLY B 122 -3.38 -21.32 -27.06
CA GLY B 122 -4.65 -20.93 -27.64
C GLY B 122 -5.39 -22.13 -28.18
N ARG B 123 -6.56 -21.83 -28.76
CA ARG B 123 -7.45 -22.82 -29.35
C ARG B 123 -7.80 -23.87 -28.30
N GLY B 124 -7.03 -24.95 -28.21
CA GLY B 124 -7.24 -25.97 -27.21
C GLY B 124 -6.70 -25.63 -25.84
N SER B 125 -6.04 -24.48 -25.70
CA SER B 125 -5.46 -24.12 -24.42
C SER B 125 -6.54 -23.83 -23.39
N LEU B 126 -6.14 -23.92 -22.13
CA LEU B 126 -7.08 -23.69 -21.03
C LEU B 126 -7.58 -22.26 -21.02
N ARG B 127 -6.70 -21.30 -21.30
CA ARG B 127 -7.10 -19.89 -21.24
C ARG B 127 -8.17 -19.57 -22.27
N HIS B 128 -7.98 -20.03 -23.51
CA HIS B 128 -8.95 -19.73 -24.56
C HIS B 128 -10.30 -20.35 -24.26
N SER B 129 -10.31 -21.60 -23.81
CA SER B 129 -11.57 -22.26 -23.49
C SER B 129 -12.26 -21.60 -22.31
N LEU B 130 -11.51 -21.29 -21.26
CA LEU B 130 -12.11 -20.69 -20.07
C LEU B 130 -12.68 -19.30 -20.38
N ALA B 131 -11.95 -18.49 -21.15
CA ALA B 131 -12.38 -17.13 -21.40
C ALA B 131 -13.62 -17.08 -22.30
N THR B 132 -13.82 -18.09 -23.15
CA THR B 132 -14.88 -18.06 -24.15
C THR B 132 -16.05 -18.98 -23.79
N GLN B 133 -15.77 -20.25 -23.48
CA GLN B 133 -16.84 -21.23 -23.31
C GLN B 133 -17.74 -20.89 -22.13
N ASN B 134 -17.24 -20.14 -21.14
CA ASN B 134 -18.06 -19.77 -20.00
C ASN B 134 -19.25 -18.91 -20.44
N GLN B 135 -19.02 -17.97 -21.35
CA GLN B 135 -20.08 -17.15 -21.89
C GLN B 135 -20.67 -17.71 -23.17
N ARG B 136 -20.17 -18.86 -23.65
CA ARG B 136 -20.67 -19.49 -24.87
C ARG B 136 -21.43 -20.77 -24.58
N SER B 137 -20.78 -21.73 -23.90
CA SER B 137 -21.40 -23.01 -23.55
C SER B 137 -22.00 -23.70 -24.77
N GLU B 138 -23.32 -23.55 -24.94
CA GLU B 138 -24.05 -24.13 -26.07
C GLU B 138 -23.91 -25.65 -26.01
N SER B 139 -23.83 -26.30 -27.17
CA SER B 139 -23.66 -27.75 -27.21
C SER B 139 -22.34 -28.17 -26.58
N ASN B 140 -21.27 -27.44 -26.88
CA ASN B 140 -19.96 -27.71 -26.30
C ASN B 140 -19.81 -26.98 -24.95
N ARG B 141 -20.62 -27.41 -23.99
CA ARG B 141 -20.61 -26.79 -22.67
C ARG B 141 -19.31 -27.10 -21.94
N PHE B 142 -18.95 -26.25 -21.00
CA PHE B 142 -17.73 -26.42 -20.23
C PHE B 142 -17.82 -27.69 -19.39
N PRO B 143 -16.88 -28.63 -19.52
CA PRO B 143 -16.98 -29.88 -18.78
C PRO B 143 -16.51 -29.80 -17.34
N LEU B 144 -15.93 -28.68 -16.92
CA LEU B 144 -15.43 -28.56 -15.56
C LEU B 144 -16.46 -28.86 -14.48
N PRO B 145 -17.72 -28.42 -14.58
CA PRO B 145 -18.72 -28.85 -13.59
C PRO B 145 -19.10 -30.30 -13.79
N PHE B 146 -18.34 -31.21 -13.19
CA PHE B 146 -18.54 -32.63 -13.38
C PHE B 146 -19.98 -33.01 -13.03
N PRO B 147 -20.67 -33.79 -13.87
CA PRO B 147 -22.05 -34.19 -13.61
C PRO B 147 -22.18 -35.33 -12.60
N PHE B 148 -21.44 -35.21 -11.50
CA PHE B 148 -21.41 -36.22 -10.45
C PHE B 148 -20.55 -35.68 -9.32
N PRO B 149 -20.68 -36.23 -8.10
CA PRO B 149 -19.92 -35.69 -6.97
C PRO B 149 -18.43 -35.94 -7.09
N SER B 150 -17.75 -35.11 -7.88
CA SER B 150 -16.33 -35.26 -8.12
C SER B 150 -15.51 -34.46 -7.11
N LYS B 151 -14.19 -34.50 -7.28
CA LYS B 151 -13.28 -33.71 -6.45
C LYS B 151 -11.99 -33.55 -7.25
N LEU B 152 -11.75 -32.34 -7.74
CA LEU B 152 -10.66 -32.10 -8.70
C LEU B 152 -9.39 -31.72 -7.95
N TYR B 153 -8.42 -32.62 -7.92
CA TYR B 153 -7.09 -32.34 -7.41
C TYR B 153 -6.15 -32.09 -8.57
N ILE B 154 -5.28 -31.10 -8.43
CA ILE B 154 -4.36 -30.69 -9.49
C ILE B 154 -2.96 -30.62 -8.91
N MET B 155 -2.13 -31.62 -9.23
CA MET B 155 -0.70 -31.56 -8.89
C MET B 155 0.03 -30.70 -9.91
N CYS B 156 -0.15 -29.39 -9.78
CA CYS B 156 0.59 -28.49 -10.65
C CYS B 156 2.05 -28.44 -10.21
N MET B 157 2.84 -29.39 -10.68
CA MET B 157 4.22 -29.56 -10.22
C MET B 157 5.15 -28.63 -11.00
N ALA B 158 5.02 -27.34 -10.69
CA ALA B 158 5.86 -26.31 -11.31
C ALA B 158 6.42 -25.42 -10.20
N ASN B 159 7.52 -25.87 -9.60
CA ASN B 159 8.26 -25.14 -8.58
C ASN B 159 7.29 -24.59 -7.53
N LEU B 160 7.63 -23.46 -6.91
CA LEU B 160 6.74 -22.82 -5.97
C LEU B 160 5.61 -22.11 -6.73
N GLU B 161 4.73 -21.45 -5.97
CA GLU B 161 3.70 -20.62 -6.60
C GLU B 161 4.33 -19.48 -7.38
N GLU B 162 5.53 -19.05 -6.98
CA GLU B 162 6.17 -17.91 -7.64
C GLU B 162 6.42 -18.18 -9.11
N LEU B 163 6.89 -19.39 -9.43
CA LEU B 163 7.19 -19.72 -10.83
C LEU B 163 5.92 -19.69 -11.68
N GLN B 164 4.83 -20.23 -11.17
CA GLN B 164 3.59 -20.29 -11.94
C GLN B 164 2.79 -19.00 -11.86
N SER B 165 3.09 -18.12 -10.90
CA SER B 165 2.39 -16.86 -10.79
C SER B 165 2.89 -15.80 -11.75
N THR B 166 4.04 -16.03 -12.38
CA THR B 166 4.52 -15.09 -13.40
C THR B 166 3.56 -15.02 -14.57
N ASP B 167 3.05 -16.17 -15.00
CA ASP B 167 2.18 -16.23 -16.18
C ASP B 167 0.75 -16.59 -15.83
N SER B 168 0.52 -17.74 -15.19
CA SER B 168 -0.85 -18.21 -15.04
C SER B 168 -0.95 -19.21 -13.90
N LEU B 169 -1.65 -18.81 -12.83
CA LEU B 169 -2.20 -19.71 -11.83
C LEU B 169 -3.69 -19.46 -11.60
N GLU B 170 -4.18 -18.27 -11.92
CA GLU B 170 -5.58 -17.95 -11.76
C GLU B 170 -6.46 -18.85 -12.62
N CYS B 171 -6.01 -19.17 -13.83
CA CYS B 171 -6.80 -20.05 -14.70
C CYS B 171 -7.05 -21.38 -14.02
N LEU B 172 -6.00 -21.99 -13.46
CA LEU B 172 -6.16 -23.27 -12.79
C LEU B 172 -7.03 -23.15 -11.55
N GLU B 173 -6.77 -22.16 -10.69
CA GLU B 173 -7.48 -22.19 -9.42
C GLU B 173 -8.95 -21.85 -9.63
N ARG B 174 -9.25 -21.06 -10.66
CA ARG B 174 -10.64 -20.87 -11.07
C ARG B 174 -11.22 -22.15 -11.65
N LEU B 175 -10.43 -22.86 -12.47
CA LEU B 175 -10.87 -24.13 -13.03
C LEU B 175 -11.33 -25.09 -11.94
N ILE B 176 -10.68 -25.03 -10.78
CA ILE B 176 -11.19 -25.75 -9.62
C ILE B 176 -12.60 -25.28 -9.27
N ASP B 177 -12.84 -23.97 -9.33
CA ASP B 177 -14.08 -23.42 -8.79
C ASP B 177 -15.31 -23.81 -9.62
N LEU B 178 -15.15 -24.06 -10.92
CA LEU B 178 -16.29 -24.56 -11.67
C LEU B 178 -16.73 -25.94 -11.22
N ASN B 179 -15.92 -26.63 -10.43
CA ASN B 179 -16.31 -27.86 -9.76
C ASN B 179 -17.01 -27.59 -8.43
N ASN B 180 -17.59 -26.40 -8.27
CA ASN B 180 -18.28 -25.97 -7.06
C ASN B 180 -17.34 -25.91 -5.84
N GLY B 181 -16.05 -25.74 -6.09
CA GLY B 181 -15.08 -25.62 -5.01
C GLY B 181 -14.57 -26.93 -4.46
N GLU B 182 -15.09 -28.07 -4.93
CA GLU B 182 -14.64 -29.36 -4.44
C GLU B 182 -13.30 -29.68 -5.09
N GLY B 183 -12.23 -29.21 -4.47
CA GLY B 183 -10.90 -29.47 -4.99
C GLY B 183 -9.87 -28.71 -4.20
N GLN B 184 -8.62 -28.81 -4.67
CA GLN B 184 -7.50 -28.14 -4.02
C GLN B 184 -6.28 -28.09 -4.93
N ILE B 185 -5.68 -26.91 -5.07
CA ILE B 185 -4.44 -26.76 -5.81
C ILE B 185 -3.28 -27.17 -4.93
N PHE B 186 -2.34 -27.94 -5.50
CA PHE B 186 -1.17 -28.39 -4.77
C PHE B 186 0.08 -27.96 -5.51
N THR B 187 0.98 -27.29 -4.81
CA THR B 187 2.22 -26.78 -5.38
C THR B 187 3.39 -27.33 -4.60
N ILE B 188 4.52 -27.55 -5.29
CA ILE B 188 5.72 -28.11 -4.67
C ILE B 188 6.58 -26.93 -4.26
N ASP B 189 6.42 -26.48 -3.02
CA ASP B 189 7.23 -25.38 -2.52
C ASP B 189 8.68 -25.82 -2.35
N GLY B 190 9.60 -25.04 -2.89
CA GLY B 190 11.01 -25.35 -2.82
C GLY B 190 11.63 -25.54 -4.19
N PRO B 191 12.89 -26.00 -4.22
CA PRO B 191 13.61 -26.21 -5.49
C PRO B 191 13.33 -27.56 -6.14
N LEU B 192 12.06 -27.95 -6.18
CA LEU B 192 11.61 -29.18 -6.84
C LEU B 192 12.45 -30.40 -6.48
N CYS B 193 12.90 -30.48 -5.23
CA CYS B 193 13.62 -31.66 -4.78
C CYS B 193 12.67 -32.84 -4.65
N LEU B 194 13.21 -34.04 -4.89
CA LEU B 194 12.38 -35.25 -4.82
C LEU B 194 11.72 -35.40 -3.45
N LYS B 195 12.39 -34.92 -2.40
CA LYS B 195 11.76 -34.92 -1.09
C LYS B 195 10.52 -34.03 -1.07
N ASN B 196 10.58 -32.89 -1.76
CA ASN B 196 9.44 -31.98 -1.76
C ASN B 196 8.25 -32.56 -2.51
N VAL B 197 8.49 -33.17 -3.67
CA VAL B 197 7.39 -33.81 -4.39
C VAL B 197 6.84 -34.98 -3.58
N GLN B 198 7.73 -35.69 -2.87
CA GLN B 198 7.26 -36.76 -1.99
C GLN B 198 6.34 -36.19 -0.92
N SER B 199 6.70 -35.04 -0.34
CA SER B 199 5.86 -34.44 0.68
C SER B 199 4.52 -33.99 0.11
N MET B 200 4.53 -33.41 -1.09
CA MET B 200 3.26 -32.98 -1.69
C MET B 200 2.34 -34.17 -1.95
N PHE B 201 2.89 -35.26 -2.46
CA PHE B 201 2.06 -36.44 -2.69
C PHE B 201 1.60 -37.06 -1.38
N GLY B 202 2.42 -36.97 -0.33
CA GLY B 202 1.94 -37.37 0.98
C GLY B 202 0.78 -36.53 1.46
N LYS B 203 0.83 -35.23 1.18
CA LYS B 203 -0.29 -34.35 1.53
C LYS B 203 -1.55 -34.78 0.79
N LEU B 204 -1.43 -35.06 -0.51
CA LEU B 204 -2.58 -35.53 -1.26
C LEU B 204 -3.11 -36.85 -0.71
N ILE B 205 -2.21 -37.76 -0.37
CA ILE B 205 -2.61 -39.07 0.15
C ILE B 205 -3.38 -38.90 1.45
N ASP B 206 -2.83 -38.15 2.39
CA ASP B 206 -3.50 -37.94 3.66
C ASP B 206 -4.80 -37.16 3.51
N LEU B 207 -4.91 -36.33 2.47
CA LEU B 207 -6.16 -35.60 2.28
C LEU B 207 -7.26 -36.50 1.74
N ALA B 208 -6.94 -37.36 0.78
CA ALA B 208 -7.98 -38.05 0.04
C ALA B 208 -7.98 -39.56 0.17
N TYR B 209 -6.83 -40.21 0.32
CA TYR B 209 -6.73 -41.64 0.18
C TYR B 209 -6.32 -42.32 1.47
N THR B 210 -6.95 -41.93 2.58
CA THR B 210 -6.78 -42.64 3.83
C THR B 210 -8.07 -43.34 4.20
N PRO B 211 -8.02 -44.61 4.58
CA PRO B 211 -9.26 -45.34 4.85
C PRO B 211 -9.98 -44.81 6.07
N PHE B 212 -11.29 -45.05 6.11
CA PHE B 212 -12.15 -44.57 7.18
C PHE B 212 -12.33 -45.68 8.20
N HIS B 213 -11.33 -45.82 9.07
CA HIS B 213 -11.42 -46.83 10.12
C HIS B 213 -12.57 -46.49 11.07
N ALA B 214 -13.24 -47.53 11.54
CA ALA B 214 -14.37 -47.34 12.45
C ALA B 214 -14.48 -48.57 13.32
N VAL B 215 -15.11 -48.40 14.48
CA VAL B 215 -15.28 -49.46 15.44
C VAL B 215 -16.75 -49.82 15.44
N LEU B 216 -17.07 -51.03 15.00
CA LEU B 216 -18.46 -51.50 14.98
C LEU B 216 -18.81 -52.08 16.34
N LYS B 217 -19.88 -51.56 16.94
CA LYS B 217 -20.29 -51.98 18.28
C LYS B 217 -21.77 -52.32 18.26
N CYS B 218 -22.08 -53.58 18.52
CA CYS B 218 -23.46 -54.05 18.66
C CYS B 218 -23.66 -54.35 20.14
N GLY B 219 -24.03 -53.33 20.91
CA GLY B 219 -24.16 -53.51 22.33
C GLY B 219 -22.81 -53.54 23.01
N HIS B 220 -22.37 -54.72 23.42
CA HIS B 220 -21.04 -54.90 23.99
C HIS B 220 -20.08 -55.63 23.08
N LEU B 221 -20.56 -56.52 22.23
CA LEU B 221 -19.70 -57.13 21.21
C LEU B 221 -19.21 -56.06 20.26
N THR B 222 -17.94 -56.13 19.88
CA THR B 222 -17.35 -55.06 19.10
C THR B 222 -16.28 -55.62 18.17
N ALA B 223 -16.01 -54.87 17.11
CA ALA B 223 -14.92 -55.19 16.19
C ALA B 223 -14.52 -53.92 15.46
N ASP B 224 -13.32 -53.93 14.90
CA ASP B 224 -12.76 -52.78 14.21
C ASP B 224 -12.85 -53.01 12.70
N VAL B 225 -13.49 -52.09 11.99
CA VAL B 225 -13.78 -52.29 10.58
C VAL B 225 -13.16 -51.19 9.73
N GLN B 226 -13.29 -51.32 8.42
CA GLN B 226 -12.76 -50.35 7.46
C GLN B 226 -13.85 -50.12 6.42
N VAL B 227 -14.62 -49.05 6.59
CA VAL B 227 -15.79 -48.81 5.76
C VAL B 227 -15.31 -48.21 4.44
N PHE B 228 -15.19 -49.04 3.42
CA PHE B 228 -14.87 -48.58 2.07
C PHE B 228 -16.15 -48.44 1.27
N PRO B 229 -16.33 -47.35 0.53
CA PRO B 229 -15.43 -46.20 0.34
C PRO B 229 -15.54 -45.26 1.53
N ARG B 230 -14.71 -44.22 1.62
CA ARG B 230 -14.86 -43.27 2.70
C ARG B 230 -16.21 -42.57 2.58
N PRO B 231 -16.90 -42.32 3.70
CA PRO B 231 -18.28 -41.82 3.64
C PRO B 231 -18.30 -40.34 3.24
N GLU B 232 -19.09 -40.04 2.22
CA GLU B 232 -19.18 -38.67 1.72
C GLU B 232 -20.02 -37.82 2.67
N PRO B 233 -19.50 -36.67 3.13
CA PRO B 233 -20.32 -35.78 3.96
C PRO B 233 -21.60 -35.37 3.24
N PHE B 234 -22.68 -35.26 4.00
CA PHE B 234 -23.99 -34.94 3.47
C PHE B 234 -24.50 -33.63 4.07
N VAL B 235 -25.28 -32.90 3.28
CA VAL B 235 -25.85 -31.62 3.68
C VAL B 235 -27.36 -31.71 3.59
N VAL B 236 -28.03 -31.31 4.67
CA VAL B 236 -29.49 -31.38 4.69
C VAL B 236 -30.08 -30.39 3.69
N ASP B 237 -29.58 -29.16 3.70
CA ASP B 237 -30.07 -28.11 2.81
C ASP B 237 -29.05 -26.98 2.82
N GLU B 238 -29.37 -25.89 2.13
CA GLU B 238 -28.53 -24.70 2.10
C GLU B 238 -29.19 -23.50 2.76
N GLU B 239 -30.33 -23.69 3.42
CA GLU B 239 -31.02 -22.57 4.05
C GLU B 239 -31.24 -22.77 5.55
N ILE B 240 -31.58 -23.98 5.99
CA ILE B 240 -31.89 -24.21 7.39
C ILE B 240 -30.75 -24.89 8.14
N ASP B 241 -29.83 -25.55 7.44
CA ASP B 241 -28.70 -26.22 8.07
C ASP B 241 -27.59 -26.43 7.04
N PRO B 242 -26.70 -25.47 6.89
CA PRO B 242 -25.70 -25.57 5.81
C PRO B 242 -24.49 -26.41 6.17
N ILE B 243 -24.17 -26.50 7.45
CA ILE B 243 -22.97 -27.22 7.90
C ILE B 243 -23.13 -28.70 7.58
N PRO B 244 -22.21 -29.29 6.82
CA PRO B 244 -22.32 -30.71 6.50
C PRO B 244 -22.21 -31.59 7.74
N LYS B 245 -22.84 -32.75 7.68
CA LYS B 245 -22.79 -33.74 8.74
C LYS B 245 -22.05 -34.97 8.25
N VAL B 246 -21.24 -35.55 9.13
CA VAL B 246 -20.51 -36.77 8.83
C VAL B 246 -21.07 -37.90 9.69
N ILE B 247 -20.56 -39.10 9.48
CA ILE B 247 -21.00 -40.25 10.25
C ILE B 247 -20.06 -40.43 11.44
N ASN B 248 -20.61 -40.89 12.56
CA ASN B 248 -19.80 -41.07 13.75
C ASN B 248 -18.83 -42.23 13.55
N THR B 249 -17.71 -42.16 14.26
CA THR B 249 -16.71 -43.21 14.16
C THR B 249 -17.21 -44.52 14.73
N ASP B 250 -18.03 -44.48 15.78
CA ASP B 250 -18.56 -45.68 16.42
C ASP B 250 -19.99 -45.91 15.94
N LEU B 251 -20.16 -46.88 15.05
CA LEU B 251 -21.48 -47.24 14.55
C LEU B 251 -22.16 -48.16 15.56
N GLU B 252 -23.15 -47.64 16.27
CA GLU B 252 -23.84 -48.38 17.31
C GLU B 252 -25.07 -49.05 16.71
N ILE B 253 -25.09 -50.38 16.68
CA ILE B 253 -26.22 -51.12 16.14
C ILE B 253 -27.41 -50.99 17.06
N VAL B 254 -28.56 -50.66 16.50
CA VAL B 254 -29.73 -50.37 17.33
C VAL B 254 -30.91 -51.28 16.98
N GLY B 255 -30.64 -52.50 16.56
CA GLY B 255 -31.72 -53.46 16.43
C GLY B 255 -31.63 -54.21 15.13
N PHE B 256 -32.71 -54.91 14.80
CA PHE B 256 -32.78 -55.71 13.60
C PHE B 256 -34.21 -55.66 13.06
N ILE B 257 -34.34 -55.59 11.74
CA ILE B 257 -35.64 -55.49 11.08
C ILE B 257 -35.73 -56.58 10.03
N ASP B 258 -36.87 -57.26 9.97
CA ASP B 258 -37.07 -58.31 8.97
C ASP B 258 -36.87 -57.74 7.57
N ILE B 259 -36.20 -58.51 6.70
CA ILE B 259 -35.81 -58.01 5.39
C ILE B 259 -37.04 -57.68 4.55
N ALA B 260 -38.09 -58.51 4.65
CA ALA B 260 -39.31 -58.23 3.90
C ALA B 260 -40.01 -56.97 4.37
N ASP B 261 -39.80 -56.57 5.62
CA ASP B 261 -40.41 -55.34 6.12
C ASP B 261 -39.74 -54.11 5.56
N ILE B 262 -38.40 -54.12 5.48
CA ILE B 262 -37.66 -52.96 5.00
C ILE B 262 -37.86 -52.69 3.53
N SER B 263 -38.39 -53.65 2.78
CA SER B 263 -38.59 -53.53 1.32
C SER B 263 -37.24 -53.19 0.70
N SER B 264 -37.19 -52.27 -0.26
CA SER B 264 -35.92 -51.82 -0.84
C SER B 264 -35.75 -50.36 -0.49
N PRO B 265 -34.97 -50.03 0.53
CA PRO B 265 -34.96 -48.68 1.05
C PRO B 265 -34.13 -47.75 0.18
N PRO B 266 -34.43 -46.47 0.17
CA PRO B 266 -33.57 -45.51 -0.53
C PRO B 266 -32.26 -45.29 0.20
N VAL B 267 -31.18 -45.86 -0.30
CA VAL B 267 -29.88 -45.72 0.34
C VAL B 267 -29.15 -44.54 -0.28
N LEU B 268 -28.15 -44.04 0.44
CA LEU B 268 -27.30 -43.00 -0.13
C LEU B 268 -26.11 -43.61 -0.87
N SER B 269 -25.39 -44.52 -0.22
CA SER B 269 -24.23 -45.13 -0.84
C SER B 269 -23.96 -46.47 -0.17
N ARG B 270 -23.89 -47.53 -0.98
CA ARG B 270 -23.49 -48.83 -0.48
C ARG B 270 -22.05 -48.77 0.00
N HIS B 271 -21.79 -49.36 1.16
CA HIS B 271 -20.46 -49.33 1.77
C HIS B 271 -20.10 -50.72 2.27
N LEU B 272 -18.98 -51.26 1.80
CA LEU B 272 -18.47 -52.50 2.37
C LEU B 272 -17.94 -52.28 3.78
N VAL B 273 -17.97 -53.34 4.57
CA VAL B 273 -17.41 -53.37 5.91
C VAL B 273 -16.48 -54.58 5.98
N LEU B 274 -15.20 -54.33 6.19
CA LEU B 274 -14.18 -55.38 6.22
C LEU B 274 -13.45 -55.36 7.55
N PRO B 275 -13.43 -56.44 8.31
CA PRO B 275 -12.71 -56.42 9.59
C PRO B 275 -11.22 -56.18 9.38
N ILE B 276 -10.62 -55.48 10.33
CA ILE B 276 -9.22 -55.07 10.24
C ILE B 276 -8.50 -55.52 11.50
N ALA B 277 -7.35 -56.15 11.33
CA ALA B 277 -6.51 -56.54 12.45
C ALA B 277 -5.63 -55.38 12.88
N LEU B 278 -5.45 -55.23 14.18
CA LEU B 278 -4.66 -54.14 14.73
C LEU B 278 -3.64 -54.65 15.74
N ASN B 297 2.04 -65.30 5.59
CA ASN B 297 0.64 -65.67 5.79
C ASN B 297 0.17 -65.32 7.20
N SER B 298 0.70 -64.22 7.72
CA SER B 298 0.34 -63.80 9.08
C SER B 298 -1.12 -63.38 9.17
N ALA B 299 -1.66 -62.77 8.11
CA ALA B 299 -3.03 -62.29 8.14
C ALA B 299 -4.02 -63.41 8.38
N ASN B 300 -3.73 -64.60 7.84
CA ASN B 300 -4.60 -65.75 8.02
C ASN B 300 -4.18 -66.64 9.18
N GLN B 301 -2.90 -66.62 9.57
CA GLN B 301 -2.41 -67.49 10.62
C GLN B 301 -2.54 -66.87 12.02
N ILE B 302 -2.75 -65.57 12.11
CA ILE B 302 -2.91 -64.92 13.41
C ILE B 302 -4.28 -64.27 13.48
N ALA B 303 -4.53 -63.30 12.59
CA ALA B 303 -5.83 -62.68 12.53
C ALA B 303 -6.90 -63.63 12.02
N GLY B 304 -6.51 -64.66 11.26
CA GLY B 304 -7.47 -65.61 10.76
C GLY B 304 -8.07 -66.47 11.86
N LYS B 305 -7.25 -66.90 12.82
CA LYS B 305 -7.71 -67.83 13.84
C LYS B 305 -8.31 -67.14 15.06
N ILE B 306 -8.23 -65.82 15.14
CA ILE B 306 -8.88 -65.09 16.24
C ILE B 306 -10.34 -64.89 15.86
N PRO B 307 -11.28 -65.31 16.69
CA PRO B 307 -12.69 -65.07 16.37
C PRO B 307 -12.98 -63.58 16.29
N ASN B 308 -13.77 -63.20 15.31
CA ASN B 308 -14.11 -61.81 15.05
C ASN B 308 -15.60 -61.60 15.33
N PHE B 309 -16.06 -60.38 15.06
CA PHE B 309 -17.49 -60.09 15.09
C PHE B 309 -18.08 -60.00 13.70
N CYS B 310 -17.42 -59.27 12.80
CA CYS B 310 -18.00 -59.01 11.49
C CYS B 310 -18.33 -60.30 10.76
N VAL B 311 -17.46 -61.30 10.89
CA VAL B 311 -17.74 -62.60 10.27
C VAL B 311 -19.02 -63.18 10.84
N LEU B 312 -19.17 -63.13 12.17
CA LEU B 312 -20.35 -63.68 12.80
C LEU B 312 -21.61 -62.94 12.37
N LEU B 313 -21.56 -61.61 12.33
CA LEU B 313 -22.72 -60.85 11.94
C LEU B 313 -23.11 -61.15 10.50
N HIS B 314 -22.13 -61.20 9.61
CA HIS B 314 -22.44 -61.47 8.21
C HIS B 314 -23.02 -62.86 8.03
N GLY B 315 -22.43 -63.86 8.70
CA GLY B 315 -22.95 -65.21 8.59
C GLY B 315 -24.36 -65.33 9.11
N SER B 316 -24.61 -64.74 10.29
CA SER B 316 -25.94 -64.83 10.87
C SER B 316 -26.97 -64.09 10.03
N LEU B 317 -26.57 -62.96 9.43
CA LEU B 317 -27.50 -62.23 8.58
C LEU B 317 -27.81 -63.01 7.31
N LYS B 318 -26.79 -63.61 6.69
CA LYS B 318 -27.03 -64.37 5.48
C LYS B 318 -27.91 -65.59 5.75
N VAL B 319 -27.65 -66.29 6.85
CA VAL B 319 -28.43 -67.49 7.16
C VAL B 319 -29.86 -67.11 7.56
N GLU B 320 -30.00 -66.12 8.45
CA GLU B 320 -31.32 -65.73 8.91
C GLU B 320 -32.06 -64.90 7.88
N GLY B 321 -31.37 -64.04 7.14
CA GLY B 321 -32.02 -63.16 6.20
C GLY B 321 -32.69 -61.98 6.86
N MET B 322 -31.91 -61.11 7.48
CA MET B 322 -32.42 -59.86 8.04
C MET B 322 -31.40 -58.76 7.81
N VAL B 323 -31.68 -57.59 8.39
CA VAL B 323 -30.78 -56.45 8.35
C VAL B 323 -30.60 -55.96 9.78
N ALA B 324 -29.69 -54.99 9.95
CA ALA B 324 -29.34 -54.47 11.26
C ALA B 324 -29.25 -52.95 11.16
N ILE B 325 -30.26 -52.26 11.66
CA ILE B 325 -30.21 -50.80 11.68
C ILE B 325 -29.00 -50.35 12.48
N VAL B 326 -28.40 -49.24 12.06
CA VAL B 326 -27.21 -48.70 12.67
C VAL B 326 -27.43 -47.21 12.96
N GLN B 327 -27.10 -46.78 14.18
CA GLN B 327 -27.23 -45.38 14.55
C GLN B 327 -25.94 -44.68 14.19
N LEU B 328 -25.89 -44.14 12.98
CA LEU B 328 -24.68 -43.49 12.49
C LEU B 328 -24.35 -42.22 13.23
N GLY B 329 -25.32 -41.61 13.90
CA GLY B 329 -25.09 -40.37 14.59
C GLY B 329 -26.39 -39.66 14.88
N PRO B 330 -26.31 -38.43 15.38
CA PRO B 330 -27.53 -37.66 15.66
C PRO B 330 -28.35 -37.48 14.40
N GLU B 331 -29.55 -38.06 14.41
CA GLU B 331 -30.61 -37.94 13.41
C GLU B 331 -30.29 -38.78 12.17
N TRP B 332 -29.10 -39.37 12.05
CA TRP B 332 -28.80 -40.22 10.91
C TRP B 332 -29.23 -41.65 11.21
N HIS B 333 -29.12 -42.52 10.21
CA HIS B 333 -29.43 -43.94 10.36
C HIS B 333 -28.95 -44.68 9.12
N GLY B 334 -28.69 -45.98 9.31
CA GLY B 334 -28.17 -46.80 8.23
C GLY B 334 -28.82 -48.17 8.16
N MET B 335 -28.06 -49.16 7.70
CA MET B 335 -28.51 -50.54 7.65
C MET B 335 -27.31 -51.41 7.32
N LEU B 336 -27.26 -52.61 7.90
CA LEU B 336 -26.10 -53.49 7.83
C LEU B 336 -26.54 -54.86 7.36
N TYR B 337 -26.58 -55.08 6.05
CA TYR B 337 -27.10 -56.32 5.51
C TYR B 337 -25.97 -57.18 4.96
N SER B 338 -26.34 -58.32 4.36
CA SER B 338 -25.39 -59.28 3.82
C SER B 338 -25.71 -59.54 2.35
N GLN B 339 -24.70 -59.41 1.50
CA GLN B 339 -24.82 -59.56 0.06
C GLN B 339 -26.10 -58.95 -0.52
N LYS B 343 -22.70 -61.99 -7.31
CA LYS B 343 -22.09 -63.29 -7.57
C LYS B 343 -22.21 -64.20 -6.35
N LYS B 344 -21.54 -65.35 -6.41
CA LYS B 344 -21.54 -66.28 -5.29
C LYS B 344 -20.85 -65.72 -4.06
N LYS B 345 -19.95 -64.75 -4.24
CA LYS B 345 -19.25 -64.16 -3.11
C LYS B 345 -20.20 -63.31 -2.27
N SER B 346 -19.85 -63.13 -1.00
CA SER B 346 -20.68 -62.39 -0.07
C SER B 346 -19.79 -61.62 0.89
N ASN B 347 -20.36 -60.59 1.48
CA ASN B 347 -19.66 -59.74 2.44
C ASN B 347 -20.70 -58.99 3.25
N LEU B 348 -20.24 -58.01 4.01
CA LEU B 348 -21.09 -57.19 4.88
C LEU B 348 -21.07 -55.76 4.34
N MET B 349 -21.94 -55.47 3.38
CA MET B 349 -22.04 -54.12 2.86
C MET B 349 -23.15 -53.36 3.58
N MET B 350 -22.85 -52.14 3.97
CA MET B 350 -23.72 -51.30 4.77
C MET B 350 -24.17 -50.09 3.98
N SER B 351 -25.46 -49.80 4.04
CA SER B 351 -26.01 -48.65 3.33
C SER B 351 -25.98 -47.43 4.23
N LEU B 352 -26.54 -46.33 3.73
CA LEU B 352 -26.71 -45.11 4.51
C LEU B 352 -28.03 -44.47 4.10
N PHE B 353 -28.93 -44.30 5.04
CA PHE B 353 -30.22 -43.72 4.70
C PHE B 353 -30.12 -42.21 4.59
N GLU B 354 -31.19 -41.58 4.13
CA GLU B 354 -31.22 -40.14 4.05
C GLU B 354 -31.26 -39.55 5.45
N PRO B 355 -30.36 -38.62 5.80
CA PRO B 355 -30.39 -38.03 7.13
C PRO B 355 -31.69 -37.27 7.35
N GLY B 356 -32.45 -37.70 8.35
CA GLY B 356 -33.73 -37.12 8.64
C GLY B 356 -34.50 -37.96 9.63
N PRO B 357 -35.62 -37.43 10.13
CA PRO B 357 -36.34 -38.13 11.19
C PRO B 357 -36.91 -39.46 10.75
N GLU B 358 -37.51 -39.50 9.56
CA GLU B 358 -38.12 -40.72 9.01
C GLU B 358 -37.57 -40.93 7.61
N PRO B 359 -36.33 -41.43 7.49
CA PRO B 359 -35.80 -41.71 6.15
C PRO B 359 -36.61 -42.73 5.39
N LEU B 360 -37.26 -43.65 6.09
CA LEU B 360 -38.15 -44.61 5.45
C LEU B 360 -39.59 -44.31 5.84
N PRO B 361 -40.41 -43.81 4.92
CA PRO B 361 -41.79 -43.47 5.29
C PRO B 361 -42.59 -44.63 5.83
N TRP B 362 -42.34 -45.85 5.38
CA TRP B 362 -43.06 -47.02 5.84
C TRP B 362 -42.45 -47.64 7.08
N LEU B 363 -41.74 -46.84 7.88
CA LEU B 363 -41.18 -47.29 9.14
C LEU B 363 -41.48 -46.38 10.31
N GLY B 364 -42.16 -45.26 10.10
CA GLY B 364 -42.38 -44.29 11.15
C GLY B 364 -41.10 -43.55 11.48
N LYS B 365 -41.27 -42.47 12.24
CA LYS B 365 -40.11 -41.72 12.72
C LYS B 365 -39.14 -42.65 13.42
N MET B 366 -37.93 -42.77 12.87
CA MET B 366 -37.05 -43.85 13.25
C MET B 366 -36.63 -43.80 14.71
N ALA B 367 -36.77 -42.65 15.36
CA ALA B 367 -36.57 -42.60 16.80
C ALA B 367 -37.77 -43.14 17.57
N GLN B 368 -38.79 -43.65 16.89
CA GLN B 368 -39.96 -44.24 17.53
C GLN B 368 -40.00 -45.75 17.38
N LEU B 369 -38.85 -46.39 17.18
CA LEU B 369 -38.76 -47.83 17.09
C LEU B 369 -38.28 -48.39 18.42
N GLY B 370 -39.03 -49.33 18.98
CA GLY B 370 -38.70 -49.94 20.24
C GLY B 370 -38.71 -51.45 20.18
N PRO B 371 -38.04 -52.10 21.12
CA PRO B 371 -37.99 -53.56 21.10
C PRO B 371 -39.36 -54.15 21.33
N ILE B 372 -39.56 -55.37 20.82
CA ILE B 372 -40.85 -56.04 20.96
C ILE B 372 -41.18 -56.31 22.42
N SER B 373 -40.17 -56.28 23.30
CA SER B 373 -40.43 -56.50 24.72
C SER B 373 -41.35 -55.41 25.29
N ASP B 374 -41.08 -54.16 24.94
CA ASP B 374 -41.91 -53.06 25.44
C ASP B 374 -43.31 -53.04 24.82
N ALA B 375 -43.54 -53.82 23.76
CA ALA B 375 -44.88 -53.94 23.21
C ALA B 375 -45.75 -54.79 24.13
N LYS B 376 -47.06 -54.58 24.02
CA LYS B 376 -48.00 -55.35 24.83
C LYS B 376 -47.86 -56.84 24.54
N GLU B 377 -48.14 -57.24 23.30
CA GLU B 377 -47.94 -58.60 22.85
C GLU B 377 -46.67 -58.68 22.01
N ASN B 378 -46.45 -59.82 21.38
CA ASN B 378 -45.35 -59.94 20.41
C ASN B 378 -45.87 -59.55 19.04
N PRO B 379 -45.58 -58.33 18.58
CA PRO B 379 -46.20 -57.86 17.32
C PRO B 379 -45.84 -58.71 16.13
N TYR B 380 -44.63 -59.29 16.12
CA TYR B 380 -44.24 -60.15 15.01
C TYR B 380 -44.90 -61.52 15.07
N GLY B 381 -45.55 -61.87 16.18
CA GLY B 381 -46.30 -63.09 16.26
C GLY B 381 -45.56 -64.25 16.86
N GLU B 382 -46.28 -65.12 17.58
CA GLU B 382 -45.66 -66.32 18.14
C GLU B 382 -45.16 -67.24 17.04
N ASP B 383 -45.92 -67.39 15.96
CA ASP B 383 -45.53 -68.17 14.81
C ASP B 383 -44.79 -67.35 13.77
N ASP B 384 -44.48 -66.08 14.07
CA ASP B 384 -43.77 -65.19 13.17
C ASP B 384 -44.53 -65.00 11.86
N ASN B 385 -45.76 -64.52 11.99
CA ASN B 385 -46.61 -64.23 10.84
C ASN B 385 -46.98 -62.76 10.73
N LYS B 386 -47.44 -62.15 11.83
CA LYS B 386 -47.81 -60.74 11.80
C LYS B 386 -46.56 -59.87 11.69
N SER B 387 -46.78 -58.63 11.25
CA SER B 387 -45.70 -57.64 11.18
C SER B 387 -46.30 -56.24 11.26
N PRO B 388 -45.89 -55.42 12.23
CA PRO B 388 -46.39 -54.04 12.26
C PRO B 388 -46.02 -53.25 11.02
N PHE B 389 -44.84 -53.51 10.46
CA PHE B 389 -44.45 -52.89 9.22
C PHE B 389 -45.23 -53.49 8.05
N PRO B 390 -45.54 -52.70 7.03
CA PRO B 390 -45.29 -51.26 6.89
C PRO B 390 -46.40 -50.42 7.52
N LEU B 391 -46.13 -49.14 7.76
CA LEU B 391 -47.12 -48.25 8.39
C LEU B 391 -47.95 -47.57 7.32
N GLN B 392 -49.26 -47.73 7.40
CA GLN B 392 -50.15 -47.06 6.46
C GLN B 392 -50.12 -45.56 6.70
N PRO B 393 -50.24 -44.75 5.64
CA PRO B 393 -50.20 -43.30 5.82
C PRO B 393 -51.42 -42.79 6.57
N LYS B 394 -51.24 -41.65 7.24
CA LYS B 394 -52.30 -41.09 8.06
C LYS B 394 -53.48 -40.61 7.21
N ASN B 395 -53.20 -39.98 6.06
CA ASN B 395 -54.23 -39.49 5.16
C ASN B 395 -54.08 -40.23 3.83
N LYS B 396 -55.11 -40.98 3.45
CA LYS B 396 -55.00 -41.83 2.27
C LYS B 396 -54.88 -40.97 1.01
N ARG B 397 -54.14 -41.50 0.03
CA ARG B 397 -53.86 -40.78 -1.19
C ARG B 397 -55.05 -40.86 -2.13
N SER B 398 -54.86 -40.46 -3.39
CA SER B 398 -55.96 -40.42 -4.34
C SER B 398 -56.19 -41.78 -5.00
N TYR B 399 -55.15 -42.37 -5.59
CA TYR B 399 -55.33 -43.58 -6.37
C TYR B 399 -55.92 -44.72 -5.54
N ALA B 400 -55.71 -44.69 -4.23
CA ALA B 400 -56.32 -45.70 -3.37
C ALA B 400 -57.73 -45.32 -2.94
N GLN B 401 -58.01 -44.04 -2.79
CA GLN B 401 -59.36 -43.58 -2.49
C GLN B 401 -60.17 -43.54 -3.78
N ASN B 402 -61.34 -42.91 -3.74
CA ASN B 402 -62.22 -42.79 -4.90
C ASN B 402 -62.43 -41.31 -5.20
N VAL B 403 -61.50 -40.73 -5.94
CA VAL B 403 -61.66 -39.36 -6.43
C VAL B 403 -62.51 -39.43 -7.69
N THR B 404 -63.04 -38.28 -8.11
CA THR B 404 -63.93 -38.21 -9.27
C THR B 404 -63.33 -37.22 -10.26
N VAL B 405 -62.50 -37.72 -11.17
CA VAL B 405 -61.89 -36.89 -12.20
C VAL B 405 -62.86 -36.75 -13.36
N TRP B 406 -63.01 -35.52 -13.85
CA TRP B 406 -63.88 -35.21 -14.98
C TRP B 406 -63.13 -34.38 -16.03
N ILE B 407 -61.81 -34.48 -16.06
CA ILE B 407 -61.02 -33.68 -17.00
C ILE B 407 -61.36 -34.08 -18.43
N LYS B 408 -61.07 -35.32 -18.79
CA LYS B 408 -61.46 -35.78 -20.11
C LYS B 408 -62.93 -36.19 -20.11
N PRO B 409 -63.60 -36.09 -21.25
CA PRO B 409 -64.99 -36.58 -21.33
C PRO B 409 -65.11 -38.06 -21.06
N SER B 410 -64.02 -38.82 -21.23
CA SER B 410 -64.08 -40.26 -21.03
C SER B 410 -64.46 -40.61 -19.60
N GLY B 411 -63.89 -39.90 -18.61
CA GLY B 411 -64.18 -40.21 -17.23
C GLY B 411 -65.64 -39.96 -16.88
N LEU B 412 -66.17 -38.81 -17.30
CA LEU B 412 -67.57 -38.49 -17.01
C LEU B 412 -68.49 -39.47 -17.73
N GLN B 413 -68.17 -39.81 -18.97
CA GLN B 413 -68.98 -40.78 -19.69
C GLN B 413 -68.95 -42.14 -19.01
N THR B 414 -67.78 -42.54 -18.50
CA THR B 414 -67.67 -43.80 -17.79
C THR B 414 -68.53 -43.78 -16.52
N ASP B 415 -68.47 -42.68 -15.78
CA ASP B 415 -69.24 -42.59 -14.54
C ASP B 415 -70.74 -42.65 -14.83
N VAL B 416 -71.20 -41.90 -15.84
CA VAL B 416 -72.63 -41.90 -16.14
C VAL B 416 -73.06 -43.25 -16.71
N GLN B 417 -72.20 -43.90 -17.49
CA GLN B 417 -72.54 -45.24 -17.99
C GLN B 417 -72.64 -46.24 -16.84
N LYS B 418 -71.74 -46.13 -15.86
CA LYS B 418 -71.81 -47.00 -14.70
C LYS B 418 -73.09 -46.76 -13.91
N ILE B 419 -73.44 -45.50 -13.70
CA ILE B 419 -74.65 -45.20 -12.94
C ILE B 419 -75.89 -45.64 -13.69
N LEU B 420 -75.84 -45.63 -15.02
CA LEU B 420 -76.98 -46.11 -15.79
C LEU B 420 -77.07 -47.63 -15.76
N ARG B 421 -75.94 -48.32 -15.89
CA ARG B 421 -75.95 -49.78 -15.94
C ARG B 421 -76.42 -50.37 -14.62
N ASN B 422 -75.89 -49.87 -13.51
CA ASN B 422 -76.30 -50.40 -12.20
C ASN B 422 -77.76 -50.06 -11.90
N ALA B 423 -78.27 -48.98 -12.48
CA ALA B 423 -79.69 -48.68 -12.33
C ALA B 423 -80.56 -49.75 -12.97
N ARG B 424 -80.06 -50.40 -14.03
CA ARG B 424 -80.79 -51.51 -14.63
C ARG B 424 -80.88 -52.69 -13.65
N LYS B 425 -79.81 -52.94 -12.90
CA LYS B 425 -79.76 -54.04 -11.92
C LYS B 425 -80.58 -53.76 -10.67
N LEU B 426 -81.35 -52.67 -10.64
CA LEU B 426 -82.16 -52.38 -9.46
C LEU B 426 -83.25 -53.43 -9.31
N PRO B 427 -83.66 -53.71 -8.06
CA PRO B 427 -83.15 -53.18 -6.80
C PRO B 427 -82.12 -54.09 -6.16
N GLU B 428 -81.48 -54.96 -6.94
CA GLU B 428 -80.50 -55.89 -6.39
C GLU B 428 -79.32 -55.14 -5.79
N LYS B 429 -78.57 -54.42 -6.63
CA LYS B 429 -77.44 -53.63 -6.17
C LYS B 429 -77.85 -52.18 -5.90
N THR B 430 -78.90 -52.02 -5.09
CA THR B 430 -79.41 -50.68 -4.80
C THR B 430 -78.41 -49.86 -3.99
N GLN B 431 -77.73 -50.50 -3.03
CA GLN B 431 -76.79 -49.76 -2.19
C GLN B 431 -75.63 -49.21 -3.01
N THR B 432 -75.08 -50.02 -3.92
CA THR B 432 -73.98 -49.55 -4.76
C THR B 432 -74.45 -48.43 -5.68
N PHE B 433 -75.63 -48.58 -6.26
CA PHE B 433 -76.15 -47.55 -7.16
C PHE B 433 -76.34 -46.24 -6.41
N TYR B 434 -76.90 -46.29 -5.21
CA TYR B 434 -77.12 -45.07 -4.44
C TYR B 434 -75.79 -44.47 -3.97
N LYS B 435 -74.82 -45.30 -3.63
CA LYS B 435 -73.51 -44.77 -3.23
C LYS B 435 -72.85 -44.04 -4.40
N GLU B 436 -72.88 -44.65 -5.58
CA GLU B 436 -72.27 -43.99 -6.74
C GLU B 436 -73.03 -42.72 -7.12
N LEU B 437 -74.37 -42.76 -7.00
CA LEU B 437 -75.15 -41.56 -7.28
C LEU B 437 -74.83 -40.45 -6.28
N ASN B 438 -74.64 -40.80 -5.01
CA ASN B 438 -74.26 -39.81 -4.02
C ASN B 438 -72.89 -39.24 -4.35
N ARG B 439 -71.95 -40.08 -4.78
CA ARG B 439 -70.64 -39.58 -5.21
C ARG B 439 -70.78 -38.60 -6.36
N LEU B 440 -71.59 -38.95 -7.36
CA LEU B 440 -71.79 -38.08 -8.51
C LEU B 440 -72.39 -36.75 -8.08
N ARG B 441 -73.40 -36.80 -7.19
CA ARG B 441 -74.03 -35.56 -6.71
C ARG B 441 -73.03 -34.71 -5.95
N LYS B 442 -72.23 -35.33 -5.09
CA LYS B 442 -71.24 -34.58 -4.32
C LYS B 442 -70.28 -33.86 -5.25
N ALA B 443 -69.75 -34.58 -6.24
CA ALA B 443 -68.88 -33.93 -7.21
C ALA B 443 -69.63 -32.84 -7.99
N ALA B 444 -70.93 -33.04 -8.22
CA ALA B 444 -71.70 -32.08 -8.99
C ALA B 444 -71.80 -30.74 -8.28
N LEU B 445 -72.24 -30.74 -7.02
CA LEU B 445 -72.27 -29.47 -6.30
C LEU B 445 -70.87 -28.96 -6.01
N ALA B 446 -69.89 -29.86 -5.89
CA ALA B 446 -68.53 -29.41 -5.66
C ALA B 446 -68.02 -28.59 -6.83
N PHE B 447 -68.29 -29.04 -8.05
CA PHE B 447 -67.82 -28.35 -9.24
C PHE B 447 -68.86 -27.41 -9.82
N GLY B 448 -70.02 -27.28 -9.19
CA GLY B 448 -71.06 -26.44 -9.76
C GLY B 448 -71.60 -26.94 -11.07
N PHE B 449 -71.42 -28.22 -11.36
CA PHE B 449 -71.92 -28.80 -12.60
C PHE B 449 -73.40 -29.14 -12.44
N LEU B 450 -74.19 -28.14 -12.05
CA LEU B 450 -75.60 -28.37 -11.76
C LEU B 450 -76.36 -28.82 -12.99
N ASP B 451 -76.02 -28.27 -14.16
CA ASP B 451 -76.63 -28.72 -15.40
C ASP B 451 -76.36 -30.21 -15.64
N LEU B 452 -75.17 -30.68 -15.25
CA LEU B 452 -74.89 -32.10 -15.35
C LEU B 452 -75.85 -32.90 -14.49
N LEU B 453 -76.16 -32.40 -13.28
CA LEU B 453 -77.09 -33.12 -12.42
C LEU B 453 -78.48 -33.13 -13.02
N LYS B 454 -78.90 -32.02 -13.63
CA LYS B 454 -80.19 -32.01 -14.33
C LYS B 454 -80.20 -33.04 -15.45
N GLY B 455 -79.11 -33.09 -16.22
CA GLY B 455 -79.03 -34.07 -17.29
C GLY B 455 -79.10 -35.50 -16.77
N VAL B 456 -78.38 -35.78 -15.69
CA VAL B 456 -78.38 -37.14 -15.15
C VAL B 456 -79.76 -37.49 -14.60
N ALA B 457 -80.50 -36.49 -14.10
CA ALA B 457 -81.89 -36.73 -13.74
C ALA B 457 -82.70 -37.09 -14.97
N ASP B 458 -82.44 -36.42 -16.10
CA ASP B 458 -83.16 -36.75 -17.32
C ASP B 458 -82.87 -38.18 -17.78
N MET B 459 -81.60 -38.61 -17.70
CA MET B 459 -81.30 -40.01 -18.02
C MET B 459 -81.91 -40.97 -17.01
N LEU B 460 -82.00 -40.60 -15.74
CA LEU B 460 -82.70 -41.45 -14.79
C LEU B 460 -84.15 -41.63 -15.19
N GLU B 461 -84.81 -40.54 -15.56
CA GLU B 461 -86.18 -40.63 -16.05
C GLU B 461 -86.27 -41.48 -17.32
N ARG B 462 -85.29 -41.32 -18.22
CA ARG B 462 -85.28 -42.10 -19.45
C ARG B 462 -85.21 -43.59 -19.15
N GLU B 463 -84.25 -44.00 -18.32
CA GLU B 463 -84.17 -45.41 -17.95
C GLU B 463 -85.41 -45.87 -17.20
N CYS B 464 -86.09 -44.96 -16.51
CA CYS B 464 -87.40 -45.28 -15.96
C CYS B 464 -88.39 -45.61 -17.08
N THR B 465 -88.32 -44.87 -18.19
CA THR B 465 -89.22 -45.13 -19.31
C THR B 465 -88.93 -46.48 -19.96
N LEU B 466 -87.66 -46.89 -19.99
CA LEU B 466 -87.29 -48.20 -20.52
C LEU B 466 -87.18 -49.27 -19.44
N LEU B 467 -88.01 -49.18 -18.40
CA LEU B 467 -88.03 -50.24 -17.40
C LEU B 467 -88.47 -51.55 -18.04
N PRO B 468 -87.84 -52.67 -17.68
CA PRO B 468 -88.16 -53.94 -18.34
C PRO B 468 -89.54 -54.45 -17.97
N GLU B 469 -89.93 -55.54 -18.63
CA GLU B 469 -91.21 -56.18 -18.37
C GLU B 469 -91.27 -56.86 -17.00
N THR B 470 -90.13 -57.01 -16.32
CA THR B 470 -90.15 -57.59 -14.99
C THR B 470 -90.97 -56.72 -14.03
N ALA B 471 -90.85 -55.40 -14.16
CA ALA B 471 -91.66 -54.45 -13.39
C ALA B 471 -91.51 -54.69 -11.88
N HIS B 472 -90.26 -54.68 -11.43
CA HIS B 472 -90.00 -54.82 -10.00
C HIS B 472 -90.61 -53.63 -9.25
N PRO B 473 -91.45 -53.87 -8.25
CA PRO B 473 -92.11 -52.72 -7.59
C PRO B 473 -91.15 -51.79 -6.88
N ASP B 474 -90.27 -52.32 -6.02
CA ASP B 474 -89.37 -51.48 -5.26
C ASP B 474 -88.42 -50.70 -6.17
N ALA B 475 -87.92 -51.35 -7.22
CA ALA B 475 -86.95 -50.70 -8.10
C ALA B 475 -87.52 -49.44 -8.73
N ALA B 476 -88.77 -49.49 -9.18
CA ALA B 476 -89.41 -48.31 -9.74
C ALA B 476 -89.50 -47.19 -8.72
N PHE B 477 -89.89 -47.52 -7.49
CA PHE B 477 -90.00 -46.51 -6.45
C PHE B 477 -88.65 -45.85 -6.18
N GLN B 478 -87.58 -46.66 -6.12
CA GLN B 478 -86.26 -46.10 -5.85
C GLN B 478 -85.81 -45.17 -6.96
N LEU B 479 -86.00 -45.55 -8.23
CA LEU B 479 -85.57 -44.68 -9.31
C LEU B 479 -86.40 -43.41 -9.37
N THR B 480 -87.71 -43.51 -9.12
CA THR B 480 -88.53 -42.29 -9.08
C THR B 480 -88.09 -41.37 -7.95
N HIS B 481 -87.82 -41.93 -6.77
CA HIS B 481 -87.36 -41.12 -5.64
C HIS B 481 -86.04 -40.46 -5.95
N ALA B 482 -85.11 -41.21 -6.55
CA ALA B 482 -83.81 -40.65 -6.91
C ALA B 482 -83.97 -39.53 -7.94
N ALA B 483 -84.82 -39.74 -8.94
CA ALA B 483 -85.04 -38.71 -9.95
C ALA B 483 -85.62 -37.45 -9.33
N GLN B 484 -86.57 -37.60 -8.40
CA GLN B 484 -87.10 -36.45 -7.70
C GLN B 484 -86.01 -35.74 -6.90
N GLN B 485 -85.13 -36.51 -6.26
CA GLN B 485 -84.05 -35.92 -5.49
C GLN B 485 -83.11 -35.10 -6.38
N LEU B 486 -82.75 -35.65 -7.54
CA LEU B 486 -81.90 -34.88 -8.46
C LEU B 486 -82.63 -33.67 -8.99
N LYS B 487 -83.94 -33.80 -9.25
CA LYS B 487 -84.71 -32.66 -9.73
C LYS B 487 -84.72 -31.52 -8.72
N LEU B 488 -84.90 -31.85 -7.43
CA LEU B 488 -84.92 -30.81 -6.42
C LEU B 488 -83.52 -30.27 -6.14
N ALA B 489 -82.50 -31.10 -6.27
CA ALA B 489 -81.13 -30.63 -6.05
C ALA B 489 -80.64 -29.76 -7.20
N SER B 490 -81.17 -29.98 -8.40
CA SER B 490 -80.77 -29.19 -9.56
C SER B 490 -81.28 -27.76 -9.50
N THR B 491 -82.15 -27.43 -8.53
CA THR B 491 -82.56 -26.05 -8.37
C THR B 491 -81.45 -25.20 -7.78
N GLY B 492 -80.61 -25.78 -6.92
CA GLY B 492 -79.57 -25.06 -6.24
C GLY B 492 -79.98 -24.46 -4.91
N THR B 493 -81.26 -24.52 -4.55
CA THR B 493 -81.71 -24.02 -3.27
C THR B 493 -81.31 -24.98 -2.15
N SER B 494 -81.33 -24.46 -0.92
CA SER B 494 -80.85 -25.20 0.25
C SER B 494 -81.92 -26.17 0.75
N GLU B 495 -82.39 -27.03 -0.17
CA GLU B 495 -83.26 -28.14 0.19
C GLU B 495 -82.43 -29.40 0.43
N TYR B 496 -81.66 -29.80 -0.60
CA TYR B 496 -80.67 -30.86 -0.45
C TYR B 496 -79.29 -30.40 -0.91
N ALA B 497 -79.10 -29.09 -1.12
CA ALA B 497 -77.83 -28.57 -1.59
C ALA B 497 -76.70 -28.71 -0.59
N ALA B 498 -77.01 -29.06 0.66
CA ALA B 498 -75.98 -29.30 1.65
C ALA B 498 -75.08 -30.45 1.18
N TYR B 499 -73.77 -30.27 1.35
CA TYR B 499 -72.82 -31.27 0.88
C TYR B 499 -73.02 -32.60 1.60
N ASP B 500 -73.22 -32.55 2.92
CA ASP B 500 -73.41 -33.77 3.69
C ASP B 500 -74.78 -34.39 3.47
N GLN B 501 -75.69 -33.70 2.79
CA GLN B 501 -77.05 -34.20 2.59
C GLN B 501 -77.02 -35.31 1.54
N ASN B 502 -76.57 -36.49 1.98
CA ASN B 502 -76.54 -37.65 1.10
C ASN B 502 -77.95 -38.18 0.86
N ILE B 503 -78.21 -38.61 -0.37
CA ILE B 503 -79.52 -39.11 -0.74
C ILE B 503 -79.71 -40.51 -0.18
N THR B 504 -80.91 -40.77 0.35
CA THR B 504 -81.24 -42.04 0.98
C THR B 504 -82.37 -42.73 0.21
N PRO B 505 -82.24 -44.02 -0.07
CA PRO B 505 -83.32 -44.73 -0.78
C PRO B 505 -84.55 -44.87 0.09
N LEU B 506 -85.69 -45.05 -0.57
CA LEU B 506 -86.97 -45.17 0.08
C LEU B 506 -87.19 -46.57 0.62
N HIS B 507 -87.87 -46.67 1.75
CA HIS B 507 -88.15 -47.97 2.37
C HIS B 507 -89.23 -48.71 1.59
N MET C 1 37.58 100.61 58.03
CA MET C 1 38.61 99.61 57.82
C MET C 1 39.10 99.03 59.16
N SER C 2 39.23 99.92 60.15
CA SER C 2 39.66 99.48 61.47
C SER C 2 38.57 98.72 62.22
N ASP C 3 37.31 98.87 61.81
CA ASP C 3 36.23 98.13 62.46
C ASP C 3 36.39 96.63 62.26
N ILE C 4 36.80 96.21 61.07
CA ILE C 4 37.02 94.79 60.81
C ILE C 4 38.13 94.27 61.71
N ARG C 5 39.24 95.01 61.81
CA ARG C 5 40.35 94.58 62.66
C ARG C 5 39.93 94.50 64.12
N HIS C 6 39.13 95.48 64.58
CA HIS C 6 38.65 95.44 65.97
C HIS C 6 37.75 94.24 66.20
N SER C 7 36.90 93.90 65.22
CA SER C 7 36.01 92.76 65.39
C SER C 7 36.79 91.45 65.48
N LEU C 8 37.85 91.31 64.68
CA LEU C 8 38.63 90.08 64.68
C LEU C 8 39.42 89.89 65.97
N LEU C 9 39.67 90.95 66.72
CA LEU C 9 40.45 90.84 67.95
C LEU C 9 39.72 90.04 69.03
N ARG C 10 38.40 89.89 68.91
CA ARG C 10 37.62 89.15 69.90
C ARG C 10 37.43 87.69 69.52
N ARG C 11 38.01 87.23 68.43
CA ARG C 11 37.89 85.86 67.97
C ARG C 11 39.23 85.16 68.02
N ASP C 12 39.19 83.83 67.93
CA ASP C 12 40.42 83.05 67.90
C ASP C 12 41.12 83.23 66.55
N ALA C 13 42.36 82.73 66.49
CA ALA C 13 43.18 82.96 65.30
C ALA C 13 42.54 82.36 64.05
N LEU C 14 42.04 81.13 64.15
CA LEU C 14 41.41 80.48 63.00
C LEU C 14 40.11 81.19 62.62
N SER C 15 39.27 81.50 63.61
CA SER C 15 38.03 82.20 63.32
C SER C 15 38.29 83.60 62.77
N ALA C 16 39.26 84.31 63.34
CA ALA C 16 39.61 85.63 62.82
C ALA C 16 40.13 85.54 61.40
N ALA C 17 40.95 84.53 61.10
CA ALA C 17 41.45 84.36 59.74
C ALA C 17 40.31 84.09 58.76
N LYS C 18 39.37 83.21 59.15
CA LYS C 18 38.24 82.92 58.26
C LYS C 18 37.37 84.16 58.05
N GLU C 19 37.10 84.90 59.12
CA GLU C 19 36.25 86.08 58.99
C GLU C 19 36.94 87.17 58.16
N VAL C 20 38.24 87.36 58.35
CA VAL C 20 38.94 88.36 57.54
C VAL C 20 39.03 87.90 56.10
N LEU C 21 39.13 86.60 55.84
CA LEU C 21 39.10 86.11 54.47
C LEU C 21 37.76 86.42 53.81
N TYR C 22 36.66 86.17 54.54
CA TYR C 22 35.34 86.48 53.99
C TYR C 22 35.18 87.98 53.75
N HIS C 23 35.65 88.80 54.69
CA HIS C 23 35.54 90.25 54.54
C HIS C 23 36.37 90.74 53.36
N LEU C 24 37.57 90.19 53.18
CA LEU C 24 38.39 90.56 52.03
C LEU C 24 37.74 90.11 50.72
N ASP C 25 37.12 88.93 50.73
CA ASP C 25 36.40 88.46 49.55
C ASP C 25 35.28 89.44 49.18
N ILE C 26 34.49 89.85 50.18
CA ILE C 26 33.40 90.78 49.91
C ILE C 26 33.94 92.12 49.42
N TYR C 27 35.00 92.62 50.05
CA TYR C 27 35.56 93.91 49.67
C TYR C 27 36.12 93.87 48.24
N PHE C 28 36.83 92.80 47.90
CA PHE C 28 37.42 92.69 46.57
C PHE C 28 36.33 92.49 45.51
N SER C 29 35.28 91.74 45.84
CA SER C 29 34.16 91.61 44.90
C SER C 29 33.49 92.95 44.66
N SER C 30 33.29 93.74 45.72
CA SER C 30 32.70 95.06 45.56
C SER C 30 33.60 95.97 44.73
N GLN C 31 34.92 95.91 44.98
CA GLN C 31 35.85 96.74 44.22
C GLN C 31 35.87 96.36 42.75
N LEU C 32 35.83 95.05 42.45
CA LEU C 32 35.81 94.61 41.06
C LEU C 32 34.50 94.98 40.37
N GLN C 33 33.39 94.93 41.12
CA GLN C 33 32.12 95.38 40.56
C GLN C 33 32.15 96.88 40.27
N SER C 34 32.73 97.66 41.17
CA SER C 34 32.79 99.11 40.96
C SER C 34 33.78 99.48 39.87
N ALA C 35 34.97 98.89 39.88
CA ALA C 35 36.00 99.21 38.91
C ALA C 35 36.61 97.92 38.34
N PRO C 36 36.91 97.90 37.04
CA PRO C 36 37.48 96.68 36.44
C PRO C 36 38.82 96.28 37.05
N LEU C 37 39.64 97.25 37.47
CA LEU C 37 40.96 96.96 38.03
C LEU C 37 41.01 97.39 39.48
N PRO C 38 40.88 96.47 40.44
CA PRO C 38 40.98 96.85 41.85
C PRO C 38 42.42 97.13 42.25
N ILE C 39 42.57 97.88 43.33
CA ILE C 39 43.86 98.25 43.89
C ILE C 39 44.02 97.59 45.24
N VAL C 40 45.12 96.86 45.42
CA VAL C 40 45.40 96.16 46.67
C VAL C 40 46.07 97.15 47.61
N ASP C 41 45.31 97.68 48.56
CA ASP C 41 45.85 98.63 49.52
C ASP C 41 46.55 97.89 50.66
N LYS C 42 47.18 98.66 51.55
CA LYS C 42 47.94 98.08 52.65
C LYS C 42 47.04 97.52 53.75
N GLY C 43 45.77 97.88 53.76
CA GLY C 43 44.85 97.40 54.77
C GLY C 43 44.68 95.90 54.79
N PRO C 44 44.26 95.32 53.65
CA PRO C 44 44.16 93.86 53.59
C PRO C 44 45.47 93.14 53.86
N VAL C 45 46.59 93.69 53.39
CA VAL C 45 47.88 93.06 53.62
C VAL C 45 48.20 93.04 55.11
N GLU C 46 47.98 94.17 55.79
CA GLU C 46 48.23 94.24 57.23
C GLU C 46 47.30 93.29 57.98
N LEU C 47 46.04 93.22 57.57
CA LEU C 47 45.10 92.31 58.24
C LEU C 47 45.52 90.85 58.06
N LEU C 48 45.95 90.48 56.85
CA LEU C 48 46.40 89.12 56.61
C LEU C 48 47.66 88.81 57.41
N GLU C 49 48.58 89.77 57.51
CA GLU C 49 49.79 89.56 58.30
C GLU C 49 49.45 89.40 59.77
N GLU C 50 48.50 90.19 60.28
CA GLU C 50 48.18 90.15 61.70
C GLU C 50 47.41 88.89 62.08
N PHE C 51 46.43 88.50 61.25
CA PHE C 51 45.51 87.42 61.62
C PHE C 51 45.76 86.12 60.86
N VAL C 52 46.23 86.17 59.62
CA VAL C 52 46.47 84.96 58.85
C VAL C 52 47.96 84.64 58.83
N ASN C 67 50.29 76.05 66.65
CA ASN C 67 50.91 74.73 66.66
C ASN C 67 50.71 74.02 65.32
N SER C 68 51.14 72.75 65.26
CA SER C 68 50.98 71.99 64.03
C SER C 68 49.51 71.76 63.71
N LEU C 69 48.70 71.42 64.71
CA LEU C 69 47.27 71.22 64.49
C LEU C 69 46.59 72.51 64.08
N GLN C 70 46.94 73.63 64.72
CA GLN C 70 46.36 74.91 64.36
C GLN C 70 46.74 75.30 62.93
N GLU C 71 48.00 75.08 62.55
CA GLU C 71 48.43 75.39 61.19
C GLU C 71 47.72 74.50 60.17
N LEU C 72 47.54 73.21 60.49
CA LEU C 72 46.82 72.33 59.60
C LEU C 72 45.37 72.76 59.43
N GLN C 73 44.72 73.15 60.52
CA GLN C 73 43.35 73.63 60.43
C GLN C 73 43.26 74.92 59.63
N LEU C 74 44.24 75.81 59.81
CA LEU C 74 44.28 77.04 59.02
C LEU C 74 44.44 76.75 57.54
N LEU C 75 45.33 75.82 57.19
CA LEU C 75 45.50 75.46 55.79
C LEU C 75 44.23 74.84 55.22
N GLU C 76 43.56 73.99 56.00
CA GLU C 76 42.32 73.39 55.56
C GLU C 76 41.24 74.45 55.33
N ILE C 77 41.17 75.45 56.22
CA ILE C 77 40.18 76.52 56.05
C ILE C 77 40.49 77.35 54.82
N MET C 78 41.76 77.70 54.61
CA MET C 78 42.16 78.35 53.36
C MET C 78 41.71 77.54 52.15
N CYS C 79 41.94 76.22 52.18
CA CYS C 79 41.63 75.38 51.04
C CYS C 79 40.14 75.34 50.76
N ASN C 80 39.32 75.12 51.79
CA ASN C 80 37.88 75.01 51.53
C ASN C 80 37.28 76.37 51.18
N TYR C 81 37.84 77.46 51.71
CA TYR C 81 37.38 78.78 51.30
C TYR C 81 37.72 79.04 49.83
N PHE C 82 38.93 78.68 49.40
CA PHE C 82 39.29 78.85 48.00
C PHE C 82 38.43 78.00 47.09
N GLN C 83 38.13 76.77 47.51
CA GLN C 83 37.23 75.92 46.74
C GLN C 83 35.83 76.50 46.67
N GLU C 84 35.36 77.10 47.76
CA GLU C 84 34.02 77.69 47.79
C GLU C 84 33.91 78.85 46.81
N GLN C 85 34.94 79.69 46.75
CA GLN C 85 34.92 80.83 45.85
C GLN C 85 34.93 80.37 44.40
N THR C 86 34.02 80.92 43.59
CA THR C 86 33.90 80.54 42.19
C THR C 86 34.50 81.56 41.23
N LYS C 87 34.56 82.84 41.62
CA LYS C 87 35.13 83.87 40.75
C LYS C 87 36.65 83.74 40.73
N ASP C 88 37.22 83.68 39.52
CA ASP C 88 38.66 83.48 39.41
C ASP C 88 39.43 84.74 39.79
N SER C 89 38.95 85.92 39.39
CA SER C 89 39.72 87.14 39.60
C SER C 89 39.88 87.44 41.09
N VAL C 90 38.80 87.33 41.86
CA VAL C 90 38.87 87.61 43.29
C VAL C 90 39.79 86.63 43.99
N ARG C 91 39.69 85.34 43.63
CA ARG C 91 40.55 84.33 44.24
C ARG C 91 42.02 84.59 43.91
N GLN C 92 42.32 84.95 42.67
CA GLN C 92 43.70 85.25 42.29
C GLN C 92 44.23 86.47 43.02
N ILE C 93 43.41 87.52 43.13
CA ILE C 93 43.84 88.73 43.81
C ILE C 93 44.12 88.45 45.29
N ILE C 94 43.23 87.68 45.93
CA ILE C 94 43.41 87.37 47.34
C ILE C 94 44.62 86.48 47.55
N PHE C 95 44.84 85.51 46.65
CA PHE C 95 46.03 84.66 46.74
C PHE C 95 47.29 85.48 46.61
N SER C 96 47.31 86.43 45.66
CA SER C 96 48.46 87.31 45.51
C SER C 96 48.68 88.14 46.77
N SER C 97 47.63 88.79 47.27
CA SER C 97 47.76 89.60 48.47
C SER C 97 48.23 88.76 49.66
N LEU C 98 47.89 87.48 49.68
CA LEU C 98 48.35 86.60 50.75
C LEU C 98 49.83 86.25 50.59
N PHE C 99 50.28 86.04 49.34
CA PHE C 99 51.61 85.48 49.11
C PHE C 99 52.50 86.34 48.21
N SER C 100 52.12 87.59 47.93
CA SER C 100 53.02 88.46 47.18
C SER C 100 54.21 88.86 48.05
N PRO C 101 55.38 89.05 47.45
CA PRO C 101 56.53 89.56 48.21
C PRO C 101 56.23 90.94 48.78
N GLN C 102 56.70 91.17 50.01
CA GLN C 102 56.48 92.44 50.68
C GLN C 102 57.78 93.09 51.17
N GLY C 103 58.91 92.40 51.11
CA GLY C 103 60.16 92.97 51.57
C GLY C 103 60.28 93.14 53.06
N ASN C 104 59.51 92.38 53.84
CA ASN C 104 59.52 92.45 55.29
C ASN C 104 60.06 91.15 55.87
N LYS C 105 60.27 91.15 57.19
CA LYS C 105 60.77 89.98 57.89
C LYS C 105 59.72 88.88 58.03
N ALA C 106 58.46 89.17 57.73
CA ALA C 106 57.39 88.18 57.81
C ALA C 106 57.27 87.35 56.54
N ASP C 107 58.13 87.58 55.54
CA ASP C 107 58.03 86.84 54.29
C ASP C 107 58.26 85.35 54.50
N ASP C 108 59.28 84.99 55.30
CA ASP C 108 59.62 83.58 55.46
C ASP C 108 58.42 82.76 55.94
N SER C 109 57.65 83.33 56.87
CA SER C 109 56.40 82.68 57.28
C SER C 109 55.42 82.59 56.12
N ARG C 110 55.36 83.63 55.27
CA ARG C 110 54.41 83.62 54.16
C ARG C 110 54.81 82.62 53.09
N MET C 111 56.09 82.56 52.72
CA MET C 111 56.57 81.50 51.83
C MET C 111 56.32 80.11 52.42
N SER C 112 56.56 79.93 53.73
CA SER C 112 56.31 78.63 54.34
C SER C 112 54.84 78.25 54.26
N LEU C 113 53.95 79.20 54.55
CA LEU C 113 52.52 78.95 54.45
C LEU C 113 52.11 78.64 53.02
N LEU C 114 52.65 79.38 52.06
CA LEU C 114 52.34 79.12 50.65
C LEU C 114 52.79 77.74 50.22
N GLY C 115 54.00 77.34 50.63
CA GLY C 115 54.48 76.01 50.28
C GLY C 115 53.64 74.90 50.90
N LYS C 116 53.28 75.05 52.17
CA LYS C 116 52.44 74.06 52.82
C LYS C 116 51.07 73.98 52.16
N LEU C 117 50.48 75.13 51.84
CA LEU C 117 49.18 75.15 51.18
C LEU C 117 49.24 74.50 49.80
N VAL C 118 50.30 74.79 49.04
CA VAL C 118 50.45 74.20 47.71
C VAL C 118 50.61 72.69 47.83
N SER C 119 51.43 72.22 48.77
CA SER C 119 51.63 70.79 48.93
C SER C 119 50.33 70.09 49.33
N MET C 120 49.58 70.67 50.28
CA MET C 120 48.35 70.02 50.71
C MET C 120 47.27 70.09 49.65
N ALA C 121 47.25 71.16 48.84
CA ALA C 121 46.32 71.23 47.71
C ALA C 121 46.65 70.18 46.67
N VAL C 122 47.93 69.96 46.41
CA VAL C 122 48.33 68.88 45.51
C VAL C 122 47.90 67.53 46.09
N ALA C 123 48.01 67.38 47.41
CA ALA C 123 47.63 66.12 48.04
C ALA C 123 46.14 65.82 47.86
N VAL C 124 45.28 66.82 48.01
CA VAL C 124 43.84 66.61 47.97
C VAL C 124 43.21 67.17 46.69
N CYS C 125 44.03 67.58 45.73
CA CYS C 125 43.57 68.03 44.41
C CYS C 125 42.60 69.21 44.54
N ARG C 126 43.14 70.32 45.03
CA ARG C 126 42.41 71.58 45.13
C ARG C 126 42.68 72.36 43.85
N ILE C 127 41.81 72.19 42.85
CA ILE C 127 42.03 72.81 41.54
C ILE C 127 42.06 74.34 41.63
N PRO C 128 41.13 75.02 42.30
CA PRO C 128 41.26 76.49 42.41
C PRO C 128 42.55 76.94 43.08
N VAL C 129 42.99 76.23 44.11
CA VAL C 129 44.24 76.58 44.78
C VAL C 129 45.42 76.37 43.83
N LEU C 130 45.40 75.29 43.06
CA LEU C 130 46.47 75.03 42.09
C LEU C 130 46.51 76.12 41.03
N GLU C 131 45.34 76.55 40.53
CA GLU C 131 45.31 77.62 39.55
C GLU C 131 45.81 78.93 40.14
N CYS C 132 45.43 79.24 41.38
CA CYS C 132 45.91 80.44 42.02
C CYS C 132 47.42 80.41 42.20
N ALA C 133 47.97 79.27 42.58
CA ALA C 133 49.42 79.15 42.72
C ALA C 133 50.11 79.27 41.36
N ALA C 134 49.53 78.69 40.32
CA ALA C 134 50.11 78.78 38.98
C ALA C 134 50.15 80.22 38.50
N SER C 135 49.05 80.95 38.66
CA SER C 135 49.06 82.36 38.28
C SER C 135 49.94 83.19 39.19
N TRP C 136 50.16 82.72 40.42
CA TRP C 136 51.06 83.43 41.34
C TRP C 136 52.51 83.31 40.87
N LEU C 137 52.93 82.10 40.49
CA LEU C 137 54.34 81.88 40.15
C LEU C 137 54.78 82.73 38.97
N GLN C 138 53.85 83.11 38.09
CA GLN C 138 54.20 83.89 36.92
C GLN C 138 54.52 85.35 37.26
N ARG C 139 53.95 85.86 38.35
CA ARG C 139 54.00 87.28 38.66
C ARG C 139 54.85 87.61 39.88
N THR C 140 55.80 86.75 40.22
CA THR C 140 56.76 86.98 41.29
C THR C 140 58.17 86.70 40.78
N PRO C 141 59.18 87.32 41.39
CA PRO C 141 60.56 87.02 40.99
C PRO C 141 60.91 85.57 41.24
N VAL C 142 61.84 85.05 40.43
CA VAL C 142 62.19 83.64 40.45
C VAL C 142 62.77 83.18 41.78
N VAL C 143 63.16 84.12 42.66
CA VAL C 143 63.80 83.76 43.92
C VAL C 143 62.86 82.95 44.80
N TYR C 144 61.57 83.26 44.77
CA TYR C 144 60.59 82.49 45.53
C TYR C 144 60.06 81.28 44.76
N CYS C 145 59.99 81.37 43.43
CA CYS C 145 59.58 80.23 42.63
C CYS C 145 60.54 79.07 42.75
N VAL C 146 61.85 79.35 42.76
CA VAL C 146 62.83 78.28 42.91
C VAL C 146 62.73 77.67 44.30
N ARG C 147 62.46 78.48 45.32
CA ARG C 147 62.29 77.94 46.67
C ARG C 147 61.07 77.03 46.74
N LEU C 148 59.94 77.45 46.16
CA LEU C 148 58.76 76.62 46.14
C LEU C 148 59.00 75.33 45.38
N ALA C 149 59.70 75.41 44.25
CA ALA C 149 60.02 74.22 43.46
C ALA C 149 60.90 73.26 44.25
N LYS C 150 61.91 73.79 44.95
CA LYS C 150 62.77 72.94 45.76
C LYS C 150 61.99 72.27 46.88
N ALA C 151 61.11 73.01 47.55
CA ALA C 151 60.32 72.43 48.62
C ALA C 151 59.40 71.33 48.11
N LEU C 152 58.75 71.57 46.96
CA LEU C 152 57.87 70.54 46.39
C LEU C 152 58.66 69.32 45.97
N VAL C 153 59.80 69.51 45.31
CA VAL C 153 60.62 68.38 44.89
C VAL C 153 61.06 67.57 46.09
N ASP C 154 61.51 68.25 47.15
CA ASP C 154 61.93 67.56 48.36
C ASP C 154 60.79 66.75 48.96
N ASP C 155 59.70 67.42 49.34
CA ASP C 155 58.64 66.74 50.06
C ASP C 155 57.84 65.77 49.21
N TYR C 156 58.04 65.76 47.88
CA TYR C 156 57.36 64.78 47.04
C TYR C 156 58.30 63.73 46.44
N CYS C 157 59.61 63.83 46.67
CA CYS C 157 60.53 62.81 46.18
C CYS C 157 61.43 62.19 47.24
N CYS C 158 61.95 62.96 48.18
CA CYS C 158 62.93 62.46 49.14
C CYS C 158 62.38 62.24 50.53
N LEU C 159 61.43 63.06 50.98
CA LEU C 159 60.87 62.91 52.31
C LEU C 159 60.04 61.64 52.41
N VAL C 160 59.01 61.54 51.58
CA VAL C 160 58.11 60.39 51.57
C VAL C 160 58.26 59.68 50.22
N PRO C 161 58.95 58.54 50.16
CA PRO C 161 59.02 57.79 48.91
C PRO C 161 57.63 57.35 48.47
N GLY C 162 57.40 57.38 47.16
CA GLY C 162 56.09 57.07 46.61
C GLY C 162 55.11 58.22 46.63
N SER C 163 55.53 59.42 47.01
CA SER C 163 54.64 60.57 47.03
C SER C 163 54.64 61.34 45.71
N ILE C 164 55.51 60.99 44.77
CA ILE C 164 55.57 61.72 43.51
C ILE C 164 54.43 61.30 42.57
N GLN C 165 53.79 60.16 42.83
CA GLN C 165 52.59 59.81 42.07
C GLN C 165 51.46 60.80 42.31
N THR C 166 51.36 61.35 43.52
CA THR C 166 50.36 62.37 43.80
C THR C 166 50.62 63.62 42.97
N LEU C 167 51.89 63.95 42.72
CA LEU C 167 52.23 65.07 41.85
C LEU C 167 51.97 64.74 40.39
N LYS C 168 51.93 63.46 40.02
CA LYS C 168 51.72 63.09 38.63
C LYS C 168 50.28 63.34 38.19
N GLN C 169 49.31 63.12 39.09
CA GLN C 169 47.92 63.31 38.75
C GLN C 169 47.55 64.77 38.53
N ILE C 170 48.41 65.71 38.95
CA ILE C 170 48.16 67.12 38.70
C ILE C 170 48.19 67.44 37.22
N PHE C 171 48.82 66.59 36.40
CA PHE C 171 48.89 66.84 34.97
C PHE C 171 47.50 66.90 34.35
N SER C 172 46.60 66.01 34.76
CA SER C 172 45.24 66.01 34.26
C SER C 172 44.32 66.94 35.05
N ALA C 173 44.80 67.51 36.17
CA ALA C 173 43.99 68.39 37.00
C ALA C 173 44.31 69.86 36.74
N SER C 174 45.56 70.26 36.91
CA SER C 174 46.00 71.64 36.72
C SER C 174 47.24 71.65 35.84
N PRO C 175 47.05 71.54 34.52
CA PRO C 175 48.22 71.59 33.61
C PRO C 175 49.00 72.90 33.72
N ARG C 176 48.32 74.02 33.97
CA ARG C 176 49.03 75.29 34.15
C ARG C 176 49.95 75.24 35.36
N PHE C 177 49.48 74.65 36.46
CA PHE C 177 50.33 74.51 37.64
C PHE C 177 51.53 73.61 37.35
N CYS C 178 51.32 72.54 36.57
CA CYS C 178 52.43 71.67 36.21
C CYS C 178 53.45 72.41 35.35
N CYS C 179 52.99 73.23 34.41
CA CYS C 179 53.92 74.00 33.59
C CYS C 179 54.69 75.01 34.43
N GLN C 180 54.01 75.67 35.37
CA GLN C 180 54.69 76.62 36.25
C GLN C 180 55.72 75.91 37.12
N PHE C 181 55.37 74.73 37.64
CA PHE C 181 56.30 73.96 38.45
C PHE C 181 57.50 73.50 37.62
N ILE C 182 57.27 73.11 36.37
CA ILE C 182 58.37 72.71 35.49
C ILE C 182 59.31 73.89 35.24
N THR C 183 58.73 75.07 34.99
CA THR C 183 59.56 76.26 34.81
C THR C 183 60.36 76.57 36.07
N SER C 184 59.72 76.45 37.23
CA SER C 184 60.40 76.75 38.49
C SER C 184 61.54 75.77 38.76
N VAL C 185 61.32 74.48 38.53
CA VAL C 185 62.39 73.50 38.76
C VAL C 185 63.51 73.68 37.73
N THR C 186 63.16 74.05 36.49
CA THR C 186 64.19 74.30 35.48
C THR C 186 65.04 75.49 35.87
N ALA C 187 64.41 76.55 36.39
CA ALA C 187 65.17 77.71 36.85
C ALA C 187 65.99 77.39 38.09
N LEU C 188 65.50 76.53 38.96
CA LEU C 188 66.22 76.20 40.18
C LEU C 188 67.41 75.30 39.90
N TYR C 189 67.18 74.16 39.26
CA TYR C 189 68.24 73.20 38.95
C TYR C 189 68.89 73.59 37.64
N ASP C 190 70.03 74.28 37.71
CA ASP C 190 70.81 74.64 36.55
C ASP C 190 71.94 73.67 36.28
N LEU C 191 72.05 72.60 37.07
CA LEU C 191 73.08 71.57 36.91
C LEU C 191 74.49 72.14 36.99
N SER C 192 74.67 73.19 37.78
CA SER C 192 75.97 73.81 37.97
C SER C 192 76.78 73.16 39.08
N SER C 193 76.21 72.21 39.82
CA SER C 193 76.91 71.54 40.89
C SER C 193 76.31 70.16 41.10
N ASP C 194 77.05 69.31 41.80
CA ASP C 194 76.56 67.96 42.08
C ASP C 194 75.36 67.98 43.02
N ASP C 195 75.30 68.96 43.92
CA ASP C 195 74.14 69.10 44.78
C ASP C 195 72.89 69.49 44.01
N LEU C 196 73.04 70.05 42.82
CA LEU C 196 71.92 70.43 41.97
C LEU C 196 71.55 69.33 40.99
N ILE C 197 72.14 68.13 41.11
CA ILE C 197 71.74 67.03 40.24
C ILE C 197 70.29 66.65 40.55
N PRO C 198 69.39 66.67 39.57
CA PRO C 198 67.99 66.39 39.87
C PRO C 198 67.79 64.93 40.24
N PRO C 199 66.84 64.64 41.12
CA PRO C 199 66.58 63.25 41.50
C PRO C 199 65.95 62.46 40.36
N MET C 200 66.06 61.14 40.47
CA MET C 200 65.56 60.25 39.42
C MET C 200 64.04 60.33 39.30
N ASP C 201 63.34 60.34 40.44
CA ASP C 201 61.88 60.34 40.42
C ASP C 201 61.33 61.62 39.79
N LEU C 202 61.90 62.76 40.14
CA LEU C 202 61.42 64.04 39.60
C LEU C 202 61.59 64.09 38.08
N LEU C 203 62.78 63.72 37.60
CA LEU C 203 63.02 63.73 36.16
C LEU C 203 62.16 62.71 35.44
N GLU C 204 61.95 61.53 36.03
CA GLU C 204 61.07 60.54 35.42
C GLU C 204 59.64 61.08 35.30
N MET C 205 59.13 61.68 36.36
CA MET C 205 57.78 62.24 36.33
C MET C 205 57.66 63.34 35.30
N ILE C 206 58.68 64.21 35.22
CA ILE C 206 58.67 65.28 34.22
C ILE C 206 58.69 64.68 32.81
N VAL C 207 59.45 63.61 32.61
CA VAL C 207 59.54 62.97 31.30
C VAL C 207 58.17 62.42 30.88
N THR C 208 57.51 61.70 31.80
CA THR C 208 56.18 61.19 31.47
C THR C 208 55.19 62.33 31.22
N TRP C 209 55.27 63.39 32.03
CA TRP C 209 54.36 64.52 31.85
C TRP C 209 54.54 65.18 30.48
N ILE C 210 55.79 65.39 30.06
CA ILE C 210 56.03 66.06 28.79
C ILE C 210 55.72 65.13 27.62
N PHE C 211 55.97 63.83 27.77
CA PHE C 211 55.69 62.89 26.70
C PHE C 211 54.19 62.68 26.51
N GLU C 212 53.42 62.72 27.59
CA GLU C 212 51.97 62.56 27.49
C GLU C 212 51.35 63.71 26.69
N ASP C 213 51.84 64.93 26.92
CA ASP C 213 51.33 66.09 26.20
C ASP C 213 52.46 67.07 25.90
N PRO C 214 52.88 67.19 24.64
CA PRO C 214 53.85 68.23 24.29
C PRO C 214 53.34 69.63 24.56
N ARG C 215 52.02 69.84 24.53
CA ARG C 215 51.43 71.14 24.79
C ARG C 215 51.39 71.51 26.26
N LEU C 216 51.82 70.61 27.15
CA LEU C 216 51.82 70.90 28.58
C LEU C 216 52.71 72.09 28.91
N ILE C 217 53.75 72.32 28.12
CA ILE C 217 54.64 73.46 28.34
C ILE C 217 54.35 74.63 27.41
N LEU C 218 53.48 74.45 26.42
CA LEU C 218 53.13 75.51 25.49
C LEU C 218 51.81 76.19 25.82
N ILE C 219 51.08 75.69 26.82
CA ILE C 219 49.81 76.31 27.19
C ILE C 219 50.05 77.70 27.79
N THR C 220 51.14 77.86 28.53
CA THR C 220 51.43 79.15 29.15
C THR C 220 51.74 80.22 28.11
N PHE C 221 52.33 79.83 26.98
CA PHE C 221 52.57 80.79 25.90
C PHE C 221 51.25 81.23 25.25
N LEU C 222 50.25 80.36 25.24
CA LEU C 222 49.02 80.61 24.51
C LEU C 222 47.96 81.33 25.35
N ASN C 223 47.77 80.95 26.61
CA ASN C 223 46.61 81.40 27.35
C ASN C 223 46.68 82.90 27.65
N THR C 224 47.82 83.37 28.17
CA THR C 224 47.91 84.77 28.58
C THR C 224 48.11 85.65 27.36
N PRO C 225 47.49 86.84 27.35
CA PRO C 225 47.72 87.79 26.25
C PRO C 225 49.12 88.38 26.33
N ILE C 226 49.86 88.25 25.23
CA ILE C 226 51.24 88.75 25.16
C ILE C 226 51.16 90.25 24.89
N ALA C 227 51.22 91.06 25.96
CA ALA C 227 51.13 92.50 25.84
C ALA C 227 52.41 93.24 26.20
N ALA C 228 53.29 92.62 27.00
CA ALA C 228 54.53 93.25 27.40
C ALA C 228 55.58 92.18 27.64
N ASN C 229 56.85 92.59 27.56
CA ASN C 229 57.95 91.68 27.81
C ASN C 229 58.04 91.36 29.29
N LEU C 230 58.35 90.12 29.61
CA LEU C 230 58.35 89.68 31.00
C LEU C 230 59.46 90.39 31.78
N PRO C 231 59.20 90.77 33.03
CA PRO C 231 60.24 91.46 33.82
C PRO C 231 61.45 90.57 34.05
N ILE C 232 62.62 91.21 34.11
CA ILE C 232 63.86 90.49 34.32
C ILE C 232 63.89 89.92 35.73
N GLY C 233 64.25 88.65 35.85
CA GLY C 233 64.27 87.98 37.14
C GLY C 233 63.01 87.21 37.47
N PHE C 234 62.06 87.11 36.55
CA PHE C 234 60.81 86.41 36.77
C PHE C 234 60.84 85.05 36.09
N LEU C 235 59.80 84.26 36.34
CA LEU C 235 59.68 82.96 35.68
C LEU C 235 59.45 83.13 34.19
N GLU C 236 60.10 82.27 33.40
CA GLU C 236 59.94 82.31 31.96
C GLU C 236 58.55 81.84 31.56
N LEU C 237 58.06 82.38 30.43
CA LEU C 237 56.75 81.98 29.93
C LEU C 237 56.72 80.51 29.57
N THR C 238 57.78 80.01 28.94
CA THR C 238 57.87 78.62 28.53
C THR C 238 59.18 78.04 29.05
N PRO C 239 59.15 76.84 29.66
CA PRO C 239 60.37 76.30 30.28
C PRO C 239 61.30 75.62 29.28
N LEU C 240 61.12 75.89 27.98
CA LEU C 240 61.97 75.28 26.97
C LEU C 240 63.43 75.62 27.18
N VAL C 241 63.73 76.83 27.66
CA VAL C 241 65.11 77.21 27.95
C VAL C 241 65.68 76.30 29.03
N GLY C 242 64.91 76.04 30.08
CA GLY C 242 65.38 75.16 31.14
C GLY C 242 65.62 73.73 30.66
N LEU C 243 64.72 73.22 29.82
CA LEU C 243 64.90 71.88 29.29
C LEU C 243 66.12 71.81 28.37
N ILE C 244 66.33 72.85 27.55
CA ILE C 244 67.50 72.89 26.69
C ILE C 244 68.77 72.91 27.53
N ARG C 245 68.79 73.71 28.60
CA ARG C 245 69.94 73.72 29.50
C ARG C 245 70.14 72.35 30.14
N TRP C 246 69.05 71.70 30.54
CA TRP C 246 69.14 70.39 31.17
C TRP C 246 69.74 69.36 30.23
N CYS C 247 69.28 69.32 28.98
CA CYS C 247 69.82 68.33 28.04
C CYS C 247 71.25 68.66 27.66
N VAL C 248 71.59 69.95 27.58
CA VAL C 248 72.95 70.34 27.23
C VAL C 248 73.93 69.95 28.33
N LYS C 249 73.59 70.26 29.58
CA LYS C 249 74.50 70.06 30.71
C LYS C 249 74.32 68.71 31.39
N ALA C 250 73.40 67.87 30.92
CA ALA C 250 73.19 66.58 31.57
C ALA C 250 74.40 65.66 31.51
N PRO C 251 75.00 65.38 30.36
CA PRO C 251 76.21 64.52 30.37
C PRO C 251 77.37 65.16 31.10
N LEU C 252 77.50 66.49 31.04
CA LEU C 252 78.62 67.16 31.67
C LEU C 252 78.52 67.08 33.19
N ALA C 253 77.34 67.38 33.73
CA ALA C 253 77.14 67.32 35.18
C ALA C 253 77.27 65.88 35.69
N TYR C 254 76.72 64.91 34.94
CA TYR C 254 76.83 63.52 35.35
C TYR C 254 78.28 63.04 35.31
N LYS C 255 79.03 63.42 34.28
CA LYS C 255 80.43 63.05 34.20
C LYS C 255 81.24 63.69 35.33
N ARG C 256 80.92 64.94 35.66
CA ARG C 256 81.55 65.58 36.81
C ARG C 256 81.23 64.85 38.11
N LYS C 257 79.98 64.38 38.24
CA LYS C 257 79.60 63.60 39.41
C LYS C 257 80.39 62.30 39.50
N LYS C 258 80.61 61.65 38.37
CA LYS C 258 81.37 60.40 38.33
C LYS C 258 82.81 60.61 38.78
N GLY C 276 75.93 52.18 39.54
CA GLY C 276 75.24 53.36 39.04
C GLY C 276 75.20 53.42 37.53
N VAL C 277 75.73 52.37 36.87
CA VAL C 277 75.73 52.33 35.42
C VAL C 277 74.31 52.30 34.88
N GLY C 278 73.45 51.48 35.48
CA GLY C 278 72.06 51.43 35.03
C GLY C 278 71.32 52.73 35.25
N MET C 279 71.56 53.38 36.40
CA MET C 279 70.94 54.67 36.66
C MET C 279 71.40 55.72 35.65
N ASP C 280 72.70 55.73 35.34
CA ASP C 280 73.21 56.67 34.35
C ASP C 280 72.61 56.41 32.97
N ARG C 281 72.49 55.13 32.60
CA ARG C 281 71.89 54.79 31.30
C ARG C 281 70.43 55.23 31.24
N ASP C 282 69.68 54.99 32.32
CA ASP C 282 68.28 55.42 32.35
C ASP C 282 68.17 56.93 32.27
N SER C 283 69.05 57.65 32.98
CA SER C 283 69.03 59.11 32.93
C SER C 283 69.34 59.60 31.52
N HIS C 284 70.33 59.00 30.86
CA HIS C 284 70.65 59.39 29.49
C HIS C 284 69.49 59.12 28.54
N LEU C 285 68.82 57.98 28.69
CA LEU C 285 67.67 57.68 27.85
C LEU C 285 66.54 58.68 28.07
N LEU C 286 66.28 59.02 29.34
CA LEU C 286 65.23 59.99 29.64
C LEU C 286 65.59 61.37 29.08
N TYR C 287 66.86 61.75 29.17
CA TYR C 287 67.29 63.04 28.62
C TYR C 287 67.15 63.07 27.10
N SER C 288 67.48 61.97 26.43
CA SER C 288 67.27 61.90 24.98
C SER C 288 65.79 61.99 24.63
N LYS C 289 64.95 61.30 25.41
CA LYS C 289 63.50 61.37 25.18
C LYS C 289 62.98 62.79 25.35
N LEU C 290 63.44 63.49 26.39
CA LEU C 290 62.97 64.86 26.59
C LEU C 290 63.54 65.81 25.54
N HIS C 291 64.74 65.50 25.03
CA HIS C 291 65.27 66.29 23.92
C HIS C 291 64.40 66.13 22.67
N LEU C 292 63.99 64.89 22.37
CA LEU C 292 63.07 64.68 21.26
C LEU C 292 61.74 65.40 21.49
N SER C 293 61.24 65.35 22.73
CA SER C 293 60.00 66.05 23.05
C SER C 293 60.15 67.56 22.86
N VAL C 294 61.30 68.12 23.25
CA VAL C 294 61.56 69.54 23.07
C VAL C 294 61.62 69.89 21.59
N LEU C 295 62.25 69.04 20.79
CA LEU C 295 62.28 69.27 19.35
C LEU C 295 60.88 69.28 18.76
N GLN C 296 60.04 68.32 19.17
CA GLN C 296 58.66 68.30 18.71
C GLN C 296 57.90 69.56 19.15
N VAL C 297 58.12 69.99 20.40
CA VAL C 297 57.44 71.17 20.92
C VAL C 297 57.84 72.40 20.13
N LEU C 298 59.13 72.53 19.81
CA LEU C 298 59.57 73.66 18.98
C LEU C 298 58.98 73.58 17.57
N MET C 299 58.88 72.36 17.02
CA MET C 299 58.30 72.21 15.69
C MET C 299 56.84 72.66 15.66
N THR C 300 56.05 72.29 16.67
CA THR C 300 54.67 72.75 16.69
C THR C 300 54.57 74.22 17.10
N LEU C 301 55.54 74.72 17.87
CA LEU C 301 55.56 76.13 18.21
C LEU C 301 55.82 76.99 16.98
N GLN C 302 56.55 76.47 16.01
CA GLN C 302 56.70 77.18 14.73
C GLN C 302 55.34 77.41 14.08
N LEU C 303 54.52 76.36 14.01
CA LEU C 303 53.18 76.49 13.45
C LEU C 303 52.32 77.42 14.29
N HIS C 304 52.44 77.34 15.61
CA HIS C 304 51.70 78.24 16.49
C HIS C 304 52.07 79.70 16.23
N LEU C 305 53.37 79.98 16.07
CA LEU C 305 53.81 81.34 15.79
C LEU C 305 53.31 81.81 14.43
N THR C 306 53.32 80.92 13.43
CA THR C 306 52.75 81.30 12.13
C THR C 306 51.26 81.62 12.26
N GLU C 307 50.53 80.83 13.05
CA GLU C 307 49.11 81.10 13.25
C GLU C 307 48.90 82.39 14.03
N LYS C 308 49.74 82.65 15.02
CA LYS C 308 49.61 83.84 15.86
C LYS C 308 50.26 85.07 15.26
N ASN C 309 50.86 84.96 14.07
CA ASN C 309 51.52 86.06 13.37
C ASN C 309 52.69 86.64 14.18
N LEU C 310 53.25 85.85 15.09
CA LEU C 310 54.41 86.26 15.87
C LEU C 310 55.71 85.71 15.32
N TYR C 311 55.67 85.10 14.13
CA TYR C 311 56.87 84.55 13.53
C TYR C 311 57.82 85.66 13.11
N GLY C 312 59.05 85.60 13.61
CA GLY C 312 60.06 86.59 13.28
C GLY C 312 59.95 87.88 14.05
N ARG C 313 58.99 88.00 14.96
CA ARG C 313 58.79 89.23 15.73
C ARG C 313 58.93 89.01 17.24
N LEU C 314 58.39 87.92 17.77
CA LEU C 314 58.47 87.60 19.19
C LEU C 314 59.35 86.37 19.38
N GLY C 315 60.37 86.50 20.22
CA GLY C 315 61.27 85.39 20.50
C GLY C 315 61.14 84.86 21.90
N LEU C 316 60.60 83.64 22.03
CA LEU C 316 60.44 83.04 23.35
C LEU C 316 61.76 82.67 24.00
N ILE C 317 62.83 82.51 23.22
CA ILE C 317 64.14 82.16 23.72
C ILE C 317 65.01 83.42 23.61
N LEU C 318 65.21 84.08 24.74
CA LEU C 318 66.06 85.28 24.75
C LEU C 318 67.52 84.90 24.52
N PHE C 319 68.20 85.72 23.72
CA PHE C 319 69.61 85.48 23.45
C PHE C 319 70.48 85.66 24.69
N ASP C 320 70.03 86.47 25.65
CA ASP C 320 70.80 86.70 26.88
C ASP C 320 70.81 85.49 27.81
N HIS C 321 69.89 84.54 27.62
CA HIS C 321 69.85 83.35 28.46
C HIS C 321 70.68 82.19 27.91
N MET C 322 71.23 82.33 26.70
CA MET C 322 72.04 81.28 26.11
C MET C 322 73.53 81.46 26.40
N VAL C 323 73.97 82.70 26.58
CA VAL C 323 75.38 82.94 26.92
C VAL C 323 75.77 82.28 28.24
N PRO C 324 75.00 82.42 29.34
CA PRO C 324 75.42 81.73 30.58
C PRO C 324 75.53 80.22 30.44
N LEU C 325 74.61 79.58 29.71
CA LEU C 325 74.71 78.14 29.56
C LEU C 325 75.84 77.74 28.62
N VAL C 326 76.14 78.59 27.63
CA VAL C 326 77.29 78.33 26.77
C VAL C 326 78.58 78.40 27.58
N GLU C 327 78.68 79.41 28.47
CA GLU C 327 79.86 79.51 29.32
C GLU C 327 79.94 78.35 30.31
N GLU C 328 78.79 77.90 30.82
CA GLU C 328 78.77 76.73 31.69
C GLU C 328 79.26 75.49 30.95
N ILE C 329 78.83 75.31 29.69
CA ILE C 329 79.30 74.19 28.90
C ILE C 329 80.80 74.28 28.67
N ASN C 330 81.29 75.48 28.37
CA ASN C 330 82.73 75.66 28.14
C ASN C 330 83.54 75.35 29.40
N ARG C 331 83.08 75.83 30.56
CA ARG C 331 83.82 75.60 31.79
C ARG C 331 83.76 74.13 32.19
N LEU C 332 82.63 73.46 31.93
CA LEU C 332 82.55 72.02 32.19
C LEU C 332 83.47 71.25 31.26
N ALA C 333 83.57 71.66 30.00
CA ALA C 333 84.50 71.03 29.08
C ALA C 333 85.94 71.20 29.54
N ASP C 334 86.30 72.41 30.00
CA ASP C 334 87.65 72.65 30.48
C ASP C 334 87.93 71.83 31.74
N GLU C 335 86.95 71.72 32.63
CA GLU C 335 87.16 71.03 33.90
C GLU C 335 87.16 69.51 33.75
N LEU C 336 86.50 68.97 32.73
CA LEU C 336 86.28 67.54 32.63
C LEU C 336 87.40 66.79 31.91
N ASN C 337 88.48 67.48 31.51
CA ASN C 337 89.59 66.85 30.82
C ASN C 337 89.11 66.09 29.58
N PRO C 338 88.76 66.79 28.49
CA PRO C 338 88.12 66.13 27.34
C PRO C 338 88.89 64.94 26.77
N LEU C 339 90.15 64.78 27.14
CA LEU C 339 90.92 63.61 26.71
C LEU C 339 90.36 62.31 27.29
N ASN C 340 89.54 62.39 28.35
CA ASN C 340 88.93 61.21 28.94
C ASN C 340 87.41 61.20 28.88
N ALA C 341 86.77 62.33 28.57
CA ALA C 341 85.31 62.43 28.51
C ALA C 341 84.89 63.07 27.19
N SER C 342 85.47 62.59 26.09
CA SER C 342 85.18 63.17 24.78
C SER C 342 83.75 62.87 24.33
N GLN C 343 83.23 61.70 24.68
CA GLN C 343 81.90 61.32 24.23
C GLN C 343 80.83 62.25 24.79
N GLU C 344 80.90 62.54 26.09
CA GLU C 344 79.91 63.43 26.71
C GLU C 344 79.99 64.83 26.12
N ILE C 345 81.21 65.34 25.91
CA ILE C 345 81.38 66.66 25.33
C ILE C 345 80.80 66.71 23.92
N GLU C 346 81.09 65.69 23.11
CA GLU C 346 80.57 65.64 21.75
C GLU C 346 79.05 65.58 21.74
N LEU C 347 78.46 64.77 22.62
CA LEU C 347 77.00 64.63 22.62
C LEU C 347 76.35 65.92 23.09
N SER C 348 76.94 66.58 24.09
CA SER C 348 76.40 67.86 24.55
C SER C 348 76.48 68.92 23.46
N LEU C 349 77.61 68.98 22.74
CA LEU C 349 77.74 69.92 21.64
C LEU C 349 76.72 69.64 20.54
N ASP C 350 76.53 68.36 20.22
CA ASP C 350 75.54 67.99 19.20
C ASP C 350 74.13 68.38 19.64
N ARG C 351 73.79 68.15 20.90
CA ARG C 351 72.48 68.53 21.40
C ARG C 351 72.28 70.04 21.33
N LEU C 352 73.30 70.80 21.74
CA LEU C 352 73.18 72.26 21.70
C LEU C 352 73.03 72.76 20.26
N ALA C 353 73.81 72.19 19.34
CA ALA C 353 73.69 72.58 17.94
C ALA C 353 72.32 72.25 17.38
N GLN C 354 71.80 71.06 17.71
CA GLN C 354 70.47 70.68 17.24
C GLN C 354 69.41 71.61 17.78
N ALA C 355 69.48 71.94 19.08
CA ALA C 355 68.50 72.83 19.68
C ALA C 355 68.55 74.21 19.06
N LEU C 356 69.76 74.74 18.85
CA LEU C 356 69.90 76.06 18.25
C LEU C 356 69.38 76.08 16.82
N GLN C 357 69.69 75.04 16.03
CA GLN C 357 69.22 74.98 14.66
C GLN C 357 67.71 74.89 14.59
N VAL C 358 67.11 74.06 15.46
CA VAL C 358 65.66 73.92 15.46
C VAL C 358 65.00 75.23 15.89
N ALA C 359 65.56 75.90 16.90
CA ALA C 359 65.00 77.17 17.34
C ALA C 359 65.08 78.23 16.24
N MET C 360 66.22 78.28 15.53
CA MET C 360 66.34 79.23 14.43
C MET C 360 65.36 78.91 13.30
N ALA C 361 65.19 77.63 12.99
CA ALA C 361 64.26 77.24 11.93
C ALA C 361 62.82 77.47 12.34
N SER C 362 62.50 77.23 13.61
CA SER C 362 61.13 77.35 14.11
C SER C 362 60.76 78.77 14.49
N GLY C 363 61.69 79.73 14.40
CA GLY C 363 61.41 81.10 14.74
C GLY C 363 61.38 81.42 16.22
N ALA C 364 61.68 80.45 17.08
CA ALA C 364 61.70 80.71 18.51
C ALA C 364 62.83 81.66 18.88
N LEU C 365 63.99 81.52 18.24
CA LEU C 365 65.15 82.38 18.47
C LEU C 365 65.29 83.33 17.28
N LEU C 366 65.36 84.62 17.58
CA LEU C 366 65.46 85.67 16.56
C LEU C 366 66.85 86.31 16.65
N CYS C 367 67.81 85.68 15.99
CA CYS C 367 69.18 86.18 15.94
C CYS C 367 69.80 85.80 14.61
N THR C 368 70.87 86.51 14.25
CA THR C 368 71.59 86.23 13.02
C THR C 368 72.64 85.15 13.25
N ARG C 369 73.11 84.57 12.16
CA ARG C 369 74.13 83.52 12.24
C ARG C 369 75.48 84.05 12.71
N ASP C 370 75.72 85.35 12.56
CA ASP C 370 76.98 85.93 13.06
C ASP C 370 77.07 85.82 14.58
N ASP C 371 75.97 86.11 15.28
CA ASP C 371 75.97 85.98 16.73
C ASP C 371 76.17 84.53 17.15
N LEU C 372 75.56 83.60 16.43
CA LEU C 372 75.75 82.18 16.73
C LEU C 372 77.21 81.77 16.52
N ARG C 373 77.83 82.24 15.43
CA ARG C 373 79.23 81.92 15.18
C ARG C 373 80.14 82.50 16.25
N THR C 374 79.91 83.75 16.64
CA THR C 374 80.78 84.39 17.63
C THR C 374 80.64 83.74 19.00
N LEU C 375 79.41 83.40 19.40
CA LEU C 375 79.19 82.85 20.73
C LEU C 375 79.83 81.48 20.89
N CYS C 376 79.73 80.62 19.88
CA CYS C 376 80.26 79.27 19.93
C CYS C 376 81.64 79.15 19.31
N SER C 377 82.28 80.28 18.96
CA SER C 377 83.66 80.22 18.49
C SER C 377 84.59 79.69 19.56
N ARG C 378 84.40 80.13 20.80
CA ARG C 378 85.22 79.63 21.91
C ARG C 378 84.81 78.23 22.33
N LEU C 379 83.65 77.76 21.90
CA LEU C 379 83.21 76.41 22.25
C LEU C 379 84.09 75.37 21.56
N PRO C 380 84.19 74.17 22.13
CA PRO C 380 85.01 73.13 21.50
C PRO C 380 84.50 72.76 20.11
N HIS C 381 85.44 72.35 19.25
CA HIS C 381 85.11 72.04 17.87
C HIS C 381 84.14 70.86 17.80
N ASN C 382 83.14 70.98 16.93
CA ASN C 382 82.16 69.93 16.70
C ASN C 382 81.66 70.03 15.28
N ASN C 383 81.57 68.88 14.59
CA ASN C 383 81.16 68.88 13.20
C ASN C 383 79.74 69.38 13.04
N LEU C 384 78.82 68.88 13.88
CA LEU C 384 77.44 69.32 13.79
C LEU C 384 77.30 70.80 14.16
N LEU C 385 78.02 71.25 15.19
CA LEU C 385 77.99 72.66 15.56
C LEU C 385 78.53 73.54 14.43
N GLN C 386 79.62 73.11 13.79
CA GLN C 386 80.17 73.88 12.68
C GLN C 386 79.20 73.92 11.50
N LEU C 387 78.53 72.81 11.23
CA LEU C 387 77.54 72.79 10.15
C LEU C 387 76.37 73.72 10.46
N VAL C 388 75.91 73.72 11.72
CA VAL C 388 74.83 74.61 12.12
C VAL C 388 75.26 76.07 11.98
N ILE C 389 76.48 76.38 12.40
CA ILE C 389 77.00 77.75 12.30
C ILE C 389 77.08 78.18 10.83
N SER C 390 77.62 77.31 9.98
CA SER C 390 77.75 77.64 8.57
C SER C 390 76.40 77.58 7.86
N GLY C 391 75.48 76.75 8.35
CA GLY C 391 74.18 76.62 7.74
C GLY C 391 74.19 75.80 6.46
N MET D 1 83.43 72.93 0.65
CA MET D 1 82.84 71.65 1.02
C MET D 1 81.43 71.49 0.46
N SER D 2 81.23 70.45 -0.35
CA SER D 2 79.92 70.21 -0.95
C SER D 2 78.91 69.79 0.13
N ALA D 3 77.66 70.18 -0.08
CA ALA D 3 76.61 69.83 0.86
C ALA D 3 76.26 68.35 0.84
N GLN D 4 76.64 67.64 -0.23
CA GLN D 4 76.35 66.22 -0.31
C GLN D 4 77.10 65.44 0.77
N GLY D 5 78.37 65.80 1.01
CA GLY D 5 79.12 65.13 2.05
C GLY D 5 78.53 65.34 3.44
N ASP D 6 78.04 66.55 3.71
CA ASP D 6 77.39 66.82 4.99
C ASP D 6 76.12 65.98 5.14
N CYS D 7 75.34 65.86 4.06
CA CYS D 7 74.13 65.04 4.12
C CYS D 7 74.47 63.58 4.37
N GLU D 8 75.51 63.06 3.70
CA GLU D 8 75.94 61.69 3.94
C GLU D 8 76.40 61.49 5.38
N PHE D 9 77.16 62.46 5.90
CA PHE D 9 77.60 62.36 7.29
C PHE D 9 76.43 62.41 8.26
N LEU D 10 75.46 63.30 8.00
CA LEU D 10 74.27 63.36 8.85
C LEU D 10 73.47 62.06 8.77
N VAL D 11 73.32 61.51 7.56
CA VAL D 11 72.61 60.24 7.42
C VAL D 11 73.39 59.12 8.09
N GLN D 12 74.70 59.07 7.89
CA GLN D 12 75.51 58.02 8.51
C GLN D 12 75.48 58.10 10.03
N ARG D 13 75.56 59.32 10.57
CA ARG D 13 75.49 59.47 12.02
C ARG D 13 74.14 59.03 12.55
N ALA D 14 73.06 59.39 11.86
CA ALA D 14 71.73 58.95 12.28
C ALA D 14 71.55 57.45 12.11
N ARG D 15 72.11 56.88 11.03
CA ARG D 15 72.00 55.45 10.81
C ARG D 15 72.69 54.67 11.93
N GLU D 16 73.86 55.13 12.38
CA GLU D 16 74.56 54.45 13.45
C GLU D 16 73.80 54.51 14.76
N LEU D 17 72.99 55.55 14.96
CA LEU D 17 72.21 55.70 16.18
C LEU D 17 70.91 54.90 16.14
N VAL D 18 70.53 54.35 14.99
CA VAL D 18 69.28 53.61 14.90
C VAL D 18 69.24 52.41 15.84
N PRO D 19 70.25 51.52 15.86
CA PRO D 19 70.20 50.39 16.80
C PRO D 19 70.23 50.80 18.27
N GLN D 20 70.72 52.00 18.58
CA GLN D 20 70.90 52.43 19.97
C GLN D 20 69.81 53.41 20.41
N ASP D 21 69.63 54.50 19.66
CA ASP D 21 68.70 55.55 20.06
C ASP D 21 67.98 56.07 18.81
N LEU D 22 66.74 55.62 18.60
CA LEU D 22 65.94 56.14 17.51
C LEU D 22 65.65 57.63 17.68
N TRP D 23 65.40 58.06 18.91
CA TRP D 23 65.09 59.46 19.16
C TRP D 23 66.28 60.36 18.82
N ALA D 24 67.49 59.94 19.19
CA ALA D 24 68.68 60.68 18.80
C ALA D 24 68.86 60.66 17.29
N ALA D 25 68.61 59.51 16.66
CA ALA D 25 68.69 59.43 15.20
C ALA D 25 67.64 60.33 14.56
N LYS D 26 66.42 60.35 15.10
CA LYS D 26 65.39 61.25 14.60
C LYS D 26 65.80 62.71 14.82
N ALA D 27 66.40 63.01 15.97
CA ALA D 27 66.86 64.36 16.23
C ALA D 27 67.93 64.79 15.24
N TRP D 28 68.86 63.87 14.91
CA TRP D 28 69.86 64.16 13.89
C TRP D 28 69.21 64.40 12.53
N LEU D 29 68.20 63.59 12.19
CA LEU D 29 67.56 63.72 10.89
C LEU D 29 66.65 64.94 10.82
N ILE D 30 66.07 65.34 11.96
CA ILE D 30 65.27 66.57 11.98
C ILE D 30 66.15 67.77 11.67
N THR D 31 67.32 67.84 12.31
CA THR D 31 68.25 68.93 12.03
C THR D 31 68.77 68.85 10.60
N ALA D 32 69.04 67.65 10.10
CA ALA D 32 69.50 67.49 8.73
C ALA D 32 68.46 67.97 7.73
N ARG D 33 67.19 67.65 7.99
CA ARG D 33 66.13 68.10 7.10
C ARG D 33 66.01 69.63 7.08
N SER D 34 66.14 70.25 8.26
CA SER D 34 66.05 71.70 8.33
C SER D 34 67.17 72.37 7.55
N LEU D 35 68.39 71.83 7.66
CA LEU D 35 69.52 72.40 6.92
C LEU D 35 69.34 72.25 5.41
N TYR D 36 68.88 71.08 4.96
CA TYR D 36 68.72 70.78 3.54
C TYR D 36 67.32 70.22 3.31
N PRO D 37 66.31 71.10 3.21
CA PRO D 37 64.94 70.61 2.97
C PRO D 37 64.77 69.94 1.62
N ALA D 38 65.66 70.18 0.65
CA ALA D 38 65.54 69.62 -0.68
C ALA D 38 66.29 68.31 -0.85
N ASP D 39 66.89 67.78 0.21
CA ASP D 39 67.65 66.53 0.13
C ASP D 39 66.69 65.34 0.24
N PHE D 40 66.69 64.48 -0.77
CA PHE D 40 65.82 63.32 -0.77
C PHE D 40 66.33 62.21 0.16
N ASN D 41 67.65 62.06 0.26
CA ASN D 41 68.20 60.97 1.06
C ASN D 41 67.83 61.10 2.53
N ILE D 42 67.88 62.32 3.07
CA ILE D 42 67.52 62.53 4.46
C ILE D 42 66.05 62.21 4.69
N GLN D 43 65.18 62.68 3.79
CA GLN D 43 63.75 62.42 3.95
C GLN D 43 63.43 60.94 3.75
N TYR D 44 64.06 60.30 2.76
CA TYR D 44 63.81 58.89 2.51
C TYR D 44 64.26 58.01 3.67
N GLU D 45 65.44 58.30 4.23
CA GLU D 45 65.97 57.49 5.32
C GLU D 45 65.06 57.54 6.54
N MET D 46 64.62 58.74 6.93
CA MET D 46 63.74 58.85 8.09
C MET D 46 62.32 58.42 7.74
N TYR D 47 61.97 58.46 6.46
CA TYR D 47 60.76 57.76 6.01
C TYR D 47 60.91 56.26 6.19
N THR D 48 62.08 55.71 5.86
CA THR D 48 62.33 54.28 6.04
C THR D 48 62.27 53.91 7.52
N ILE D 49 62.79 54.77 8.38
CA ILE D 49 62.73 54.51 9.82
C ILE D 49 61.29 54.42 10.30
N GLU D 50 60.44 55.34 9.83
CA GLU D 50 59.03 55.30 10.20
C GLU D 50 58.37 54.02 9.69
N ARG D 51 58.69 53.60 8.45
CA ARG D 51 58.16 52.34 7.94
C ARG D 51 58.67 51.16 8.77
N ASN D 52 59.96 51.17 9.11
CA ASN D 52 60.49 50.13 9.99
C ASN D 52 59.83 50.17 11.36
N ALA D 53 59.63 51.38 11.90
CA ALA D 53 58.86 51.55 13.13
C ALA D 53 57.37 51.34 12.92
N GLU D 54 56.92 51.23 11.68
CA GLU D 54 55.51 51.00 11.34
C GLU D 54 54.62 52.09 11.92
N ARG D 55 55.09 53.33 11.87
CA ARG D 55 54.30 54.49 12.28
C ARG D 55 53.64 55.07 11.03
N THR D 56 52.38 54.69 10.80
CA THR D 56 51.68 55.10 9.59
C THR D 56 51.47 56.59 9.52
N ALA D 57 51.15 57.22 10.66
CA ALA D 57 50.83 58.65 10.66
C ALA D 57 52.00 59.49 10.17
N THR D 58 53.21 59.20 10.68
CA THR D 58 54.38 59.94 10.24
C THR D 58 54.79 59.52 8.83
N ALA D 59 54.83 58.21 8.56
CA ALA D 59 55.25 57.73 7.26
C ALA D 59 54.27 58.13 6.16
N GLY D 60 52.97 58.13 6.46
CA GLY D 60 51.99 58.51 5.45
C GLY D 60 52.16 59.94 5.00
N ARG D 61 52.41 60.86 5.94
CA ARG D 61 52.69 62.24 5.57
C ARG D 61 53.99 62.34 4.78
N LEU D 62 54.92 61.41 5.02
CA LEU D 62 56.22 61.48 4.39
C LEU D 62 56.16 61.04 2.93
N LEU D 63 55.33 60.03 2.63
CA LEU D 63 55.21 59.57 1.25
C LEU D 63 54.65 60.66 0.36
N TYR D 64 53.74 61.48 0.90
CA TYR D 64 53.23 62.62 0.14
C TYR D 64 54.34 63.63 -0.15
N ASP D 65 55.21 63.87 0.83
CA ASP D 65 56.30 64.81 0.62
C ASP D 65 57.25 64.34 -0.47
N MET D 66 57.60 63.04 -0.45
CA MET D 66 58.46 62.49 -1.50
C MET D 66 57.77 62.53 -2.86
N PHE D 67 56.47 62.20 -2.89
CA PHE D 67 55.75 62.16 -4.16
C PHE D 67 55.66 63.55 -4.78
N VAL D 68 55.38 64.58 -3.97
CA VAL D 68 55.19 65.93 -4.50
C VAL D 68 56.49 66.67 -4.72
N ASN D 69 57.62 66.13 -4.26
CA ASN D 69 58.91 66.79 -4.41
C ASN D 69 59.93 65.98 -5.17
N PHE D 70 59.98 64.67 -4.95
CA PHE D 70 60.95 63.79 -5.61
C PHE D 70 60.23 62.60 -6.22
N PRO D 71 59.49 62.82 -7.31
CA PRO D 71 58.77 61.72 -7.96
C PRO D 71 59.63 60.91 -8.92
N ASP D 72 60.87 61.33 -9.17
CA ASP D 72 61.74 60.66 -10.14
C ASP D 72 62.63 59.60 -9.51
N GLN D 73 62.56 59.39 -8.20
CA GLN D 73 63.42 58.42 -7.53
C GLN D 73 62.92 57.01 -7.81
N PRO D 74 63.75 56.13 -8.37
CA PRO D 74 63.29 54.75 -8.62
C PRO D 74 62.92 54.00 -7.36
N VAL D 75 63.53 54.34 -6.22
CA VAL D 75 63.21 53.65 -4.97
C VAL D 75 61.77 53.94 -4.56
N VAL D 76 61.29 55.16 -4.81
CA VAL D 76 59.91 55.50 -4.49
C VAL D 76 58.94 54.64 -5.29
N TRP D 77 59.21 54.47 -6.58
CA TRP D 77 58.35 53.62 -7.41
C TRP D 77 58.42 52.16 -6.97
N ARG D 78 59.61 51.69 -6.61
CA ARG D 78 59.75 50.32 -6.12
C ARG D 78 58.97 50.12 -4.83
N GLU D 79 59.05 51.08 -3.91
CA GLU D 79 58.28 50.98 -2.68
C GLU D 79 56.79 51.12 -2.94
N ILE D 80 56.41 51.99 -3.87
CA ILE D 80 55.00 52.15 -4.23
C ILE D 80 54.48 50.88 -4.89
N SER D 81 55.32 50.21 -5.67
CA SER D 81 54.92 48.96 -6.31
C SER D 81 54.63 47.89 -5.26
N ILE D 82 55.42 47.83 -4.19
CA ILE D 82 55.17 46.87 -3.12
C ILE D 82 53.85 47.16 -2.44
N ILE D 83 53.52 48.45 -2.24
CA ILE D 83 52.25 48.81 -1.63
C ILE D 83 51.09 48.38 -2.52
N THR D 84 51.21 48.59 -3.83
CA THR D 84 50.16 48.16 -4.74
C THR D 84 50.02 46.64 -4.75
N SER D 85 51.14 45.93 -4.67
CA SER D 85 51.09 44.47 -4.59
C SER D 85 50.39 44.02 -3.31
N ALA D 86 50.65 44.69 -2.20
CA ALA D 86 49.95 44.39 -0.95
C ALA D 86 48.46 44.69 -1.09
N LEU D 87 48.11 45.76 -1.80
CA LEU D 87 46.71 46.08 -2.02
C LEU D 87 46.01 44.98 -2.81
N ARG D 88 46.69 44.44 -3.83
CA ARG D 88 46.12 43.36 -4.64
C ARG D 88 46.09 42.06 -3.86
N LYS D 94 50.78 40.70 8.20
CA LYS D 94 51.00 41.90 9.00
C LYS D 94 51.47 43.07 8.15
N GLN D 95 52.47 42.80 7.30
CA GLN D 95 52.99 43.84 6.42
C GLN D 95 51.92 44.31 5.42
N THR D 96 51.13 43.38 4.89
CA THR D 96 50.08 43.74 3.95
C THR D 96 49.06 44.67 4.60
N GLN D 97 48.64 44.34 5.82
CA GLN D 97 47.71 45.21 6.54
C GLN D 97 48.37 46.54 6.90
N PHE D 98 49.65 46.50 7.28
CA PHE D 98 50.37 47.73 7.60
C PHE D 98 50.46 48.64 6.39
N LEU D 99 50.77 48.08 5.22
CA LEU D 99 50.84 48.88 4.01
C LEU D 99 49.45 49.37 3.58
N ARG D 100 48.42 48.54 3.77
CA ARG D 100 47.07 48.95 3.42
C ARG D 100 46.61 50.12 4.27
N SER D 101 46.89 50.08 5.58
CA SER D 101 46.51 51.19 6.44
C SER D 101 47.26 52.47 6.08
N LEU D 102 48.50 52.34 5.59
CA LEU D 102 49.25 53.50 5.15
C LEU D 102 48.59 54.16 3.95
N PHE D 103 48.01 53.36 3.05
CA PHE D 103 47.38 53.89 1.86
C PHE D 103 46.15 54.74 2.20
N GLU D 104 45.40 54.35 3.23
CA GLU D 104 44.19 55.06 3.60
C GLU D 104 44.46 56.41 4.26
N THR D 105 45.69 56.62 4.76
CA THR D 105 46.01 57.90 5.40
C THR D 105 46.03 59.04 4.40
N LEU D 106 46.51 58.78 3.19
CA LEU D 106 46.62 59.83 2.19
C LEU D 106 45.25 60.27 1.71
N PRO D 107 45.09 61.52 1.29
CA PRO D 107 43.81 61.98 0.75
C PRO D 107 43.48 61.27 -0.55
N GLY D 108 42.17 61.18 -0.83
CA GLY D 108 41.72 60.50 -2.03
C GLY D 108 42.20 61.14 -3.32
N ARG D 109 42.33 62.48 -3.33
CA ARG D 109 42.79 63.17 -4.52
C ARG D 109 44.21 62.74 -4.89
N VAL D 110 45.08 62.60 -3.88
CA VAL D 110 46.44 62.15 -4.14
C VAL D 110 46.46 60.68 -4.55
N GLN D 111 45.61 59.86 -3.91
CA GLN D 111 45.64 58.43 -4.17
C GLN D 111 45.26 58.12 -5.62
N CYS D 112 44.22 58.77 -6.13
CA CYS D 112 43.81 58.52 -7.51
C CYS D 112 44.84 59.04 -8.50
N GLU D 113 45.47 60.18 -8.18
CA GLU D 113 46.52 60.71 -9.04
C GLU D 113 47.70 59.75 -9.13
N MET D 114 48.11 59.18 -7.99
CA MET D 114 49.22 58.22 -8.00
C MET D 114 48.87 56.98 -8.80
N LEU D 115 47.64 56.47 -8.64
CA LEU D 115 47.24 55.25 -9.35
C LEU D 115 47.25 55.47 -10.86
N LEU D 116 46.78 56.63 -11.31
CA LEU D 116 46.80 56.92 -12.75
C LEU D 116 48.23 56.99 -13.27
N LYS D 117 49.15 57.52 -12.46
CA LYS D 117 50.55 57.55 -12.84
C LYS D 117 51.11 56.14 -13.00
N VAL D 118 50.72 55.22 -12.10
CA VAL D 118 51.17 53.84 -12.19
C VAL D 118 50.60 53.18 -13.44
N THR D 119 49.37 53.54 -13.83
CA THR D 119 48.75 52.93 -15.00
C THR D 119 49.58 53.19 -16.26
N GLU D 120 50.07 54.41 -16.43
CA GLU D 120 50.89 54.73 -17.59
C GLU D 120 52.24 54.01 -17.54
N GLN D 121 52.78 53.77 -16.35
CA GLN D 121 54.09 53.15 -16.23
C GLN D 121 54.08 51.67 -16.58
N CYS D 122 52.93 51.02 -16.55
CA CYS D 122 52.87 49.59 -16.83
C CYS D 122 53.17 49.30 -18.30
N PHE D 123 53.80 48.15 -18.54
CA PHE D 123 54.14 47.71 -19.89
C PHE D 123 53.17 46.65 -20.40
N ASN D 124 53.01 45.56 -19.66
CA ASN D 124 52.08 44.51 -20.05
C ASN D 124 50.65 44.96 -19.82
N THR D 125 49.78 44.68 -20.80
CA THR D 125 48.38 45.07 -20.67
C THR D 125 47.67 44.31 -19.55
N LEU D 126 48.15 43.10 -19.23
CA LEU D 126 47.52 42.32 -18.18
C LEU D 126 47.67 42.99 -16.83
N GLU D 127 48.92 43.23 -16.39
CA GLU D 127 49.15 43.87 -15.11
C GLU D 127 48.59 45.29 -15.07
N ARG D 128 48.60 45.98 -16.22
CA ARG D 128 48.06 47.33 -16.27
C ARG D 128 46.57 47.33 -15.96
N SER D 129 45.82 46.39 -16.54
CA SER D 129 44.37 46.38 -16.37
C SER D 129 43.99 46.13 -14.92
N GLU D 130 44.66 45.19 -14.25
CA GLU D 130 44.36 44.94 -12.85
C GLU D 130 44.84 46.08 -11.97
N MET D 131 45.94 46.74 -12.34
CA MET D 131 46.44 47.86 -11.55
C MET D 131 45.43 49.00 -11.52
N LEU D 132 44.85 49.34 -12.66
CA LEU D 132 43.84 50.40 -12.69
C LEU D 132 42.52 49.92 -12.11
N LEU D 133 42.23 48.62 -12.21
CA LEU D 133 40.94 48.09 -11.75
C LEU D 133 40.68 48.43 -10.29
N LEU D 134 41.74 48.52 -9.47
CA LEU D 134 41.57 48.96 -8.10
C LEU D 134 41.00 50.37 -8.03
N LEU D 135 41.44 51.24 -8.94
CA LEU D 135 41.04 52.64 -8.88
C LEU D 135 39.54 52.81 -9.16
N LEU D 136 39.01 52.09 -10.15
CA LEU D 136 37.59 52.24 -10.47
C LEU D 136 36.69 51.84 -9.31
N ARG D 137 37.02 50.72 -8.65
CA ARG D 137 36.22 50.30 -7.50
C ARG D 137 36.46 51.22 -6.30
N ARG D 138 37.71 51.62 -6.09
CA ARG D 138 38.01 52.56 -5.00
C ARG D 138 37.42 53.93 -5.28
N PHE D 139 37.44 54.36 -6.55
CA PHE D 139 36.92 55.65 -6.97
C PHE D 139 35.88 55.42 -8.07
N PRO D 140 34.63 55.17 -7.70
CA PRO D 140 33.59 54.96 -8.72
C PRO D 140 33.34 56.18 -9.59
N GLU D 141 33.74 57.37 -9.15
CA GLU D 141 33.55 58.58 -9.94
C GLU D 141 34.42 58.62 -11.19
N THR D 142 35.38 57.71 -11.32
CA THR D 142 36.27 57.66 -12.48
C THR D 142 35.75 56.73 -13.57
N VAL D 143 34.53 56.20 -13.42
CA VAL D 143 33.99 55.27 -14.41
C VAL D 143 33.80 55.96 -15.75
N VAL D 144 33.25 57.18 -15.75
CA VAL D 144 33.00 57.89 -17.00
C VAL D 144 34.32 58.22 -17.69
N GLN D 145 35.35 58.54 -16.92
CA GLN D 145 36.63 58.95 -17.51
C GLN D 145 37.32 57.78 -18.21
N HIS D 146 37.27 56.58 -17.63
CA HIS D 146 38.08 55.47 -18.12
C HIS D 146 37.33 54.16 -18.31
N GLY D 147 36.08 54.05 -17.85
CA GLY D 147 35.40 52.76 -17.90
C GLY D 147 35.25 52.24 -19.31
N VAL D 148 34.81 53.10 -20.23
CA VAL D 148 34.64 52.68 -21.62
C VAL D 148 35.99 52.43 -22.28
N GLY D 149 36.99 53.25 -21.97
CA GLY D 149 38.26 53.16 -22.66
C GLY D 149 38.98 51.84 -22.42
N LEU D 150 39.05 51.41 -21.16
CA LEU D 150 39.70 50.14 -20.87
C LEU D 150 38.85 48.96 -21.31
N GLY D 151 37.52 49.12 -21.38
CA GLY D 151 36.69 48.06 -21.93
C GLY D 151 37.03 47.76 -23.38
N GLU D 152 37.20 48.82 -24.18
CA GLU D 152 37.67 48.62 -25.55
C GLU D 152 39.12 48.15 -25.57
N ALA D 153 39.94 48.63 -24.65
CA ALA D 153 41.31 48.15 -24.54
C ALA D 153 41.35 46.67 -24.20
N LEU D 154 40.47 46.23 -23.30
CA LEU D 154 40.34 44.80 -23.03
C LEU D 154 39.85 44.05 -24.26
N LEU D 155 38.94 44.66 -25.02
CA LEU D 155 38.41 44.02 -26.23
C LEU D 155 39.52 43.77 -27.24
N GLU D 156 40.38 44.75 -27.48
CA GLU D 156 41.45 44.58 -28.45
C GLU D 156 42.59 43.74 -27.89
N ALA D 157 42.85 43.81 -26.59
CA ALA D 157 43.93 43.01 -26.00
C ALA D 157 43.65 41.52 -26.16
N GLU D 158 42.40 41.10 -25.93
CA GLU D 158 42.03 39.72 -26.21
C GLU D 158 42.10 39.44 -27.71
N THR D 159 41.71 40.40 -28.54
CA THR D 159 41.69 40.19 -29.99
C THR D 159 43.10 39.99 -30.54
N ILE D 160 44.06 40.78 -30.08
CA ILE D 160 45.41 40.73 -30.65
C ILE D 160 46.17 39.47 -30.25
N GLU D 161 45.71 38.74 -29.23
CA GLU D 161 46.34 37.50 -28.84
C GLU D 161 45.79 36.28 -29.59
N GLU D 162 44.57 36.39 -30.13
CA GLU D 162 43.97 35.34 -30.95
C GLU D 162 43.87 34.02 -30.18
N GLN D 163 43.14 34.05 -29.08
CA GLN D 163 42.92 32.84 -28.29
C GLN D 163 41.92 31.92 -28.99
N GLU D 164 42.19 30.62 -28.92
CA GLU D 164 41.27 29.65 -29.51
C GLU D 164 39.92 29.67 -28.82
N SER D 165 39.92 29.77 -27.48
CA SER D 165 38.68 29.82 -26.71
C SER D 165 38.45 31.22 -26.18
N PRO D 166 37.19 31.66 -26.08
CA PRO D 166 36.91 33.00 -25.54
C PRO D 166 37.14 33.10 -24.03
N VAL D 167 37.46 32.00 -23.36
CA VAL D 167 37.75 32.02 -21.93
C VAL D 167 39.21 32.41 -21.74
N ASN D 168 39.45 33.56 -21.12
CA ASN D 168 40.79 34.02 -20.83
C ASN D 168 40.73 35.04 -19.70
N CYS D 169 41.89 35.57 -19.32
CA CYS D 169 41.92 36.61 -18.29
C CYS D 169 41.23 37.87 -18.78
N PHE D 170 41.37 38.21 -20.06
CA PHE D 170 40.78 39.43 -20.58
C PHE D 170 39.26 39.40 -20.50
N ARG D 171 38.65 38.33 -21.04
CA ARG D 171 37.19 38.25 -21.02
C ARG D 171 36.66 38.13 -19.60
N LYS D 172 37.30 37.32 -18.76
CA LYS D 172 36.86 37.16 -17.39
C LYS D 172 36.92 38.49 -16.63
N LEU D 173 37.98 39.26 -16.85
CA LEU D 173 38.06 40.59 -16.26
C LEU D 173 36.94 41.48 -16.78
N PHE D 174 36.62 41.38 -18.08
CA PHE D 174 35.61 42.24 -18.68
C PHE D 174 34.23 41.93 -18.13
N VAL D 175 33.78 40.68 -18.27
CA VAL D 175 32.40 40.34 -17.97
C VAL D 175 32.13 40.40 -16.47
N CYS D 176 33.07 39.90 -15.65
CA CYS D 176 32.84 39.85 -14.21
C CYS D 176 33.00 41.22 -13.56
N ASP D 177 33.95 42.02 -14.03
CA ASP D 177 34.30 43.28 -13.39
C ASP D 177 34.00 44.49 -14.26
N VAL D 178 34.54 44.52 -15.48
CA VAL D 178 34.40 45.71 -16.31
C VAL D 178 32.95 45.87 -16.77
N LEU D 179 32.30 44.77 -17.15
CA LEU D 179 30.92 44.85 -17.65
C LEU D 179 29.96 45.42 -16.62
N PRO D 180 29.91 44.95 -15.37
CA PRO D 180 28.90 45.49 -14.44
C PRO D 180 29.06 46.98 -14.16
N LEU D 181 30.28 47.49 -14.10
CA LEU D 181 30.48 48.85 -13.61
C LEU D 181 30.05 49.89 -14.63
N ILE D 182 30.26 49.61 -15.92
CA ILE D 182 29.85 50.57 -16.94
C ILE D 182 28.33 50.60 -17.06
N ILE D 183 27.69 49.44 -17.07
CA ILE D 183 26.24 49.38 -17.28
C ILE D 183 25.51 49.96 -16.08
N ASN D 184 26.02 49.72 -14.86
CA ASN D 184 25.34 50.20 -13.67
C ASN D 184 25.39 51.72 -13.57
N ASN D 185 26.52 52.33 -13.96
CA ASN D 185 26.66 53.77 -13.86
C ASN D 185 25.74 54.47 -14.84
N HIS D 186 24.96 55.43 -14.34
CA HIS D 186 24.07 56.22 -15.19
C HIS D 186 24.77 57.42 -15.81
N ASP D 187 25.76 57.98 -15.11
CA ASP D 187 26.48 59.13 -15.66
C ASP D 187 27.21 58.76 -16.95
N VAL D 188 27.77 57.54 -17.01
CA VAL D 188 28.43 57.06 -18.21
C VAL D 188 27.36 56.60 -19.18
N ARG D 189 27.15 57.36 -20.26
CA ARG D 189 26.19 57.03 -21.29
C ARG D 189 26.91 56.38 -22.46
N LEU D 190 26.33 55.30 -22.98
CA LEU D 190 26.96 54.55 -24.06
C LEU D 190 25.99 54.37 -25.21
N PRO D 191 26.50 54.25 -26.44
CA PRO D 191 25.62 54.05 -27.59
C PRO D 191 25.05 52.64 -27.61
N ALA D 192 23.96 52.48 -28.37
CA ALA D 192 23.29 51.20 -28.46
C ALA D 192 24.18 50.12 -29.05
N ASN D 193 24.99 50.47 -30.06
CA ASN D 193 25.88 49.48 -30.67
C ASN D 193 26.90 48.97 -29.65
N LEU D 194 27.42 49.87 -28.81
CA LEU D 194 28.32 49.44 -27.74
C LEU D 194 27.62 48.48 -26.80
N LEU D 195 26.36 48.77 -26.48
CA LEU D 195 25.59 47.85 -25.64
C LEU D 195 25.47 46.48 -26.32
N TYR D 196 25.20 46.46 -27.63
CA TYR D 196 25.02 45.20 -28.33
C TYR D 196 26.30 44.38 -28.30
N LYS D 197 27.44 45.00 -28.60
CA LYS D 197 28.69 44.24 -28.60
C LYS D 197 29.05 43.78 -27.19
N TYR D 198 28.81 44.64 -26.19
CA TYR D 198 29.12 44.27 -24.82
C TYR D 198 28.27 43.08 -24.37
N LEU D 199 26.97 43.11 -24.68
CA LEU D 199 26.12 41.98 -24.28
C LEU D 199 26.45 40.73 -25.06
N ASN D 200 26.86 40.87 -26.32
CA ASN D 200 27.29 39.71 -27.09
C ASN D 200 28.51 39.05 -26.44
N LYS D 201 29.50 39.87 -26.07
CA LYS D 201 30.69 39.32 -25.42
C LYS D 201 30.35 38.70 -24.07
N ALA D 202 29.48 39.36 -23.31
CA ALA D 202 29.09 38.83 -22.00
C ALA D 202 28.36 37.49 -22.15
N ALA D 203 27.44 37.40 -23.11
CA ALA D 203 26.74 36.15 -23.34
C ALA D 203 27.69 35.06 -23.80
N GLU D 204 28.66 35.41 -24.65
CA GLU D 204 29.65 34.43 -25.08
C GLU D 204 30.45 33.90 -23.91
N PHE D 205 30.92 34.80 -23.04
CA PHE D 205 31.65 34.35 -21.85
C PHE D 205 30.77 33.49 -20.97
N TYR D 206 29.51 33.86 -20.80
CA TYR D 206 28.61 33.10 -19.94
C TYR D 206 28.39 31.69 -20.47
N ILE D 207 28.12 31.55 -21.77
CA ILE D 207 27.86 30.23 -22.32
C ILE D 207 29.13 29.39 -22.31
N ASN D 208 30.28 30.03 -22.56
CA ASN D 208 31.54 29.30 -22.47
C ASN D 208 31.76 28.79 -21.05
N TYR D 209 31.44 29.60 -20.05
CA TYR D 209 31.60 29.18 -18.67
C TYR D 209 30.66 28.04 -18.32
N VAL D 210 29.39 28.13 -18.72
CA VAL D 210 28.43 27.10 -18.36
C VAL D 210 28.73 25.79 -19.09
N THR D 211 29.26 25.87 -20.32
CA THR D 211 29.55 24.66 -21.07
C THR D 211 30.96 24.15 -20.79
N ARG D 212 31.96 25.01 -20.95
CA ARG D 212 33.37 24.66 -20.73
C ARG D 212 33.78 23.45 -21.57
N ILE D 252 33.79 32.19 -9.91
CA ILE D 252 32.47 32.37 -10.50
C ILE D 252 31.43 32.07 -9.45
N VAL D 253 30.29 32.78 -9.48
CA VAL D 253 29.24 32.64 -8.48
C VAL D 253 27.91 32.25 -9.10
N ASP D 254 27.52 32.87 -10.21
CA ASP D 254 26.23 32.60 -10.82
C ASP D 254 26.24 33.00 -12.29
N PRO D 255 26.70 32.13 -13.19
CA PRO D 255 26.74 32.52 -14.61
C PRO D 255 25.38 32.82 -15.21
N TRP D 256 24.43 31.89 -15.09
CA TRP D 256 23.12 32.09 -15.69
C TRP D 256 22.38 33.26 -15.06
N GLU D 257 22.46 33.40 -13.73
CA GLU D 257 21.81 34.52 -13.06
C GLU D 257 22.43 35.84 -13.49
N ARG D 258 23.76 35.90 -13.59
CA ARG D 258 24.41 37.13 -14.04
C ARG D 258 24.03 37.46 -15.47
N LEU D 259 23.95 36.45 -16.33
CA LEU D 259 23.55 36.69 -17.72
C LEU D 259 22.12 37.20 -17.80
N PHE D 260 21.21 36.61 -17.03
CA PHE D 260 19.83 37.07 -17.03
C PHE D 260 19.72 38.50 -16.51
N LYS D 261 20.48 38.82 -15.46
CA LYS D 261 20.47 40.18 -14.93
C LYS D 261 21.02 41.17 -15.95
N ILE D 262 22.09 40.78 -16.66
CA ILE D 262 22.66 41.64 -17.67
C ILE D 262 21.67 41.85 -18.81
N LEU D 263 20.96 40.79 -19.20
CA LEU D 263 19.95 40.92 -20.24
C LEU D 263 18.83 41.87 -19.82
N ASN D 264 18.37 41.74 -18.58
CA ASN D 264 17.33 42.64 -18.08
C ASN D 264 17.82 44.08 -18.04
N VAL D 265 19.07 44.29 -17.62
CA VAL D 265 19.63 45.64 -17.57
C VAL D 265 19.75 46.22 -18.96
N VAL D 266 20.16 45.41 -19.93
CA VAL D 266 20.27 45.88 -21.31
C VAL D 266 18.90 46.24 -21.87
N GLY D 267 17.90 45.41 -21.58
CA GLY D 267 16.55 45.72 -22.03
C GLY D 267 16.02 47.00 -21.42
N MET D 268 16.30 47.22 -20.13
CA MET D 268 15.88 48.46 -19.48
C MET D 268 16.61 49.67 -20.06
N ARG D 269 17.92 49.53 -20.32
CA ARG D 269 18.69 50.64 -20.86
C ARG D 269 18.20 51.04 -22.25
N CYS D 270 17.88 50.05 -23.09
CA CYS D 270 17.36 50.34 -24.42
C CYS D 270 15.96 50.92 -24.39
N GLU D 271 15.27 50.89 -23.26
CA GLU D 271 13.95 51.47 -23.14
C GLU D 271 14.01 52.97 -22.92
N SER D 280 10.91 35.02 -14.13
CA SER D 280 11.20 33.65 -14.53
C SER D 280 11.61 33.59 -16.00
N TYR D 281 12.15 32.46 -16.42
CA TYR D 281 12.52 32.26 -17.82
C TYR D 281 11.33 31.87 -18.69
N GLY D 282 10.17 31.58 -18.10
CA GLY D 282 9.03 31.15 -18.89
C GLY D 282 8.08 32.26 -19.28
N ASP D 283 7.69 33.09 -18.30
CA ASP D 283 6.75 34.17 -18.59
C ASP D 283 7.33 35.18 -19.56
N ILE D 284 8.66 35.38 -19.53
CA ILE D 284 9.28 36.30 -20.47
C ILE D 284 9.15 35.81 -21.90
N LEU D 285 9.16 34.49 -22.10
CA LEU D 285 8.94 33.96 -23.45
C LEU D 285 7.58 34.37 -23.98
N HIS D 286 6.54 34.22 -23.16
CA HIS D 286 5.21 34.63 -23.57
C HIS D 286 5.12 36.13 -23.76
N ARG D 287 5.86 36.91 -22.96
CA ARG D 287 5.81 38.35 -23.10
C ARG D 287 6.44 38.81 -24.41
N MET D 288 7.62 38.26 -24.76
CA MET D 288 8.17 38.48 -26.09
C MET D 288 7.25 37.99 -27.21
N LYS D 289 6.53 36.89 -26.99
CA LYS D 289 5.57 36.46 -28.01
C LYS D 289 4.45 37.49 -28.18
N ASP D 290 3.98 38.07 -27.08
CA ASP D 290 2.98 39.13 -27.15
C ASP D 290 3.53 40.35 -27.88
N LEU D 291 4.79 40.71 -27.61
CA LEU D 291 5.40 41.81 -28.35
C LEU D 291 5.52 41.50 -29.83
N CYS D 292 5.81 40.26 -30.19
CA CYS D 292 5.81 39.85 -31.59
C CYS D 292 4.42 40.04 -32.19
N ARG D 293 3.39 39.63 -31.46
CA ARG D 293 2.02 39.84 -31.90
C ARG D 293 1.66 41.32 -31.96
N TYR D 294 2.44 42.18 -31.30
CA TYR D 294 2.19 43.61 -31.30
C TYR D 294 3.18 44.41 -32.14
N MET D 295 4.34 43.84 -32.46
CA MET D 295 5.33 44.59 -33.23
C MET D 295 5.78 43.87 -34.50
N ASN D 296 5.92 42.54 -34.46
CA ASN D 296 6.39 41.81 -35.63
C ASN D 296 5.33 41.73 -36.73
N ASN D 297 4.07 42.00 -36.42
CA ASN D 297 3.03 41.95 -37.44
C ASN D 297 3.22 43.03 -38.48
N PHE D 298 3.66 44.22 -38.06
CA PHE D 298 3.95 45.29 -39.01
C PHE D 298 5.42 45.72 -38.89
N ALA D 302 12.20 52.02 -38.19
CA ALA D 302 13.04 50.84 -38.44
C ALA D 302 12.80 49.76 -37.39
N HIS D 303 12.26 50.18 -36.24
CA HIS D 303 11.99 49.27 -35.12
C HIS D 303 13.24 48.52 -34.71
N ALA D 304 14.38 49.23 -34.68
CA ALA D 304 15.65 48.60 -34.33
C ALA D 304 15.63 48.05 -32.92
N LYS D 305 15.04 48.79 -31.97
CA LYS D 305 14.95 48.32 -30.60
C LYS D 305 14.13 47.04 -30.51
N TYR D 306 12.99 46.99 -31.22
CA TYR D 306 12.14 45.81 -31.19
C TYR D 306 12.86 44.60 -31.75
N LYS D 307 13.55 44.77 -32.88
CA LYS D 307 14.30 43.66 -33.47
C LYS D 307 15.42 43.20 -32.55
N ASN D 308 16.15 44.15 -31.96
CA ASN D 308 17.25 43.79 -31.07
C ASN D 308 16.73 43.00 -29.87
N GLN D 309 15.62 43.44 -29.27
CA GLN D 309 15.05 42.69 -28.16
C GLN D 309 14.61 41.29 -28.62
N VAL D 310 13.82 41.23 -29.69
CA VAL D 310 13.24 39.98 -30.14
C VAL D 310 14.29 38.97 -30.57
N VAL D 311 15.49 39.42 -30.91
CA VAL D 311 16.55 38.47 -31.20
C VAL D 311 17.37 38.14 -29.95
N TYR D 312 17.81 39.14 -29.19
CA TYR D 312 18.75 38.88 -28.10
C TYR D 312 18.07 38.15 -26.94
N SER D 313 16.90 38.65 -26.51
CA SER D 313 16.22 37.99 -25.41
C SER D 313 15.82 36.56 -25.81
N THR D 314 15.37 36.38 -27.04
CA THR D 314 14.97 35.06 -27.50
C THR D 314 16.15 34.09 -27.51
N MET D 315 17.32 34.53 -28.02
CA MET D 315 18.44 33.60 -28.06
C MET D 315 18.96 33.32 -26.65
N LEU D 316 18.90 34.31 -25.76
CA LEU D 316 19.33 34.08 -24.38
C LEU D 316 18.44 33.05 -23.70
N VAL D 317 17.12 33.21 -23.80
CA VAL D 317 16.22 32.27 -23.13
C VAL D 317 16.30 30.90 -23.79
N PHE D 318 16.48 30.87 -25.11
CA PHE D 318 16.70 29.59 -25.79
C PHE D 318 17.94 28.90 -25.28
N PHE D 319 19.05 29.63 -25.14
CA PHE D 319 20.28 29.01 -24.69
C PHE D 319 20.14 28.50 -23.26
N LYS D 320 19.47 29.27 -22.41
CA LYS D 320 19.24 28.82 -21.04
C LYS D 320 18.44 27.53 -21.00
N ASN D 321 17.32 27.50 -21.73
CA ASN D 321 16.48 26.29 -21.75
C ASN D 321 17.24 25.11 -22.34
N ALA D 322 18.01 25.35 -23.40
CA ALA D 322 18.76 24.27 -24.03
C ALA D 322 19.81 23.71 -23.09
N PHE D 323 20.51 24.58 -22.37
CA PHE D 323 21.52 24.08 -21.44
C PHE D 323 20.87 23.31 -20.30
N GLN D 324 19.71 23.79 -19.81
CA GLN D 324 19.00 23.03 -18.78
C GLN D 324 18.63 21.65 -19.27
N TYR D 325 18.11 21.56 -20.50
CA TYR D 325 17.71 20.28 -21.06
C TYR D 325 18.90 19.35 -21.26
N VAL D 326 20.02 19.90 -21.72
CA VAL D 326 21.20 19.07 -21.95
C VAL D 326 21.79 18.60 -20.63
N ASN D 327 21.83 19.47 -19.62
CA ASN D 327 22.27 19.02 -18.30
C ASN D 327 21.32 17.96 -17.77
N SER D 328 20.05 18.02 -18.14
CA SER D 328 19.11 16.97 -17.76
C SER D 328 19.52 15.64 -18.38
N ILE D 329 19.50 15.55 -19.70
CA ILE D 329 19.78 14.29 -20.40
C ILE D 329 21.24 14.29 -20.83
N GLN D 330 21.98 13.27 -20.40
CA GLN D 330 23.43 13.21 -20.57
C GLN D 330 24.05 14.40 -19.85
N PRO D 331 24.05 14.41 -18.52
CA PRO D 331 24.62 15.55 -17.78
C PRO D 331 26.13 15.69 -17.93
N SER D 332 26.83 14.62 -18.33
CA SER D 332 28.29 14.68 -18.35
C SER D 332 28.80 15.75 -19.31
N LEU D 333 28.18 15.86 -20.48
CA LEU D 333 28.57 16.88 -21.47
C LEU D 333 27.67 18.10 -21.31
N PHE D 334 27.90 18.80 -20.20
CA PHE D 334 27.16 20.01 -19.89
C PHE D 334 27.92 20.87 -18.88
N VAL D 343 24.85 7.94 -16.97
CA VAL D 343 23.61 7.32 -17.44
C VAL D 343 22.89 8.19 -18.47
N PRO D 344 23.53 8.38 -19.64
CA PRO D 344 22.94 9.26 -20.65
C PRO D 344 21.59 8.74 -21.13
N LEU D 345 20.69 9.67 -21.38
CA LEU D 345 19.40 9.37 -21.97
C LEU D 345 19.44 9.62 -23.48
N VAL D 346 18.50 9.03 -24.19
CA VAL D 346 18.44 9.14 -25.65
C VAL D 346 16.98 9.24 -26.05
N LEU D 347 16.56 10.42 -26.51
CA LEU D 347 15.19 10.56 -26.98
C LEU D 347 15.00 9.72 -28.24
N LEU D 348 14.30 8.60 -28.11
CA LEU D 348 14.06 7.68 -29.21
C LEU D 348 12.57 7.60 -29.49
N GLU D 349 12.22 6.74 -30.44
CA GLU D 349 10.82 6.53 -30.87
C GLU D 349 10.54 5.03 -30.80
N ASP D 350 10.07 4.57 -29.65
CA ASP D 350 9.77 3.16 -29.43
C ASP D 350 8.36 2.88 -29.91
N VAL D 351 8.24 2.04 -30.94
CA VAL D 351 6.91 1.61 -31.36
C VAL D 351 6.30 0.76 -30.25
N SER D 352 5.12 1.17 -29.80
CA SER D 352 4.45 0.48 -28.70
C SER D 352 3.55 -0.64 -29.20
N ASN D 353 2.66 -0.33 -30.13
CA ASN D 353 1.71 -1.32 -30.64
C ASN D 353 2.38 -2.14 -31.75
N VAL D 354 3.35 -2.96 -31.34
CA VAL D 354 3.97 -3.93 -32.22
C VAL D 354 3.24 -5.26 -32.20
N TYR D 355 2.17 -5.38 -31.42
CA TYR D 355 1.34 -6.57 -31.35
C TYR D 355 -0.10 -6.25 -31.71
N GLY D 356 -0.28 -5.28 -32.60
CA GLY D 356 -1.61 -4.87 -33.03
C GLY D 356 -1.81 -4.97 -34.53
N ARG D 392 1.73 17.67 -34.16
CA ARG D 392 2.73 18.70 -33.87
C ARG D 392 2.77 19.00 -32.36
N ASN D 393 1.75 18.55 -31.65
CA ASN D 393 1.64 18.76 -30.21
C ASN D 393 1.65 17.43 -29.47
N ARG D 394 2.53 16.52 -29.88
CA ARG D 394 2.64 15.23 -29.23
C ARG D 394 3.27 15.37 -27.84
N HIS D 395 3.07 14.35 -27.02
CA HIS D 395 3.56 14.34 -25.65
C HIS D 395 4.76 13.42 -25.53
N ILE D 396 5.80 13.91 -24.83
CA ILE D 396 6.99 13.12 -24.58
C ILE D 396 6.74 12.26 -23.35
N VAL D 397 6.66 10.95 -23.54
CA VAL D 397 6.42 10.01 -22.45
C VAL D 397 7.76 9.57 -21.90
N VAL D 398 7.98 9.79 -20.61
CA VAL D 398 9.24 9.43 -19.94
C VAL D 398 8.91 8.83 -18.59
N ASN D 399 9.60 7.74 -18.25
CA ASN D 399 9.43 7.13 -16.94
C ASN D 399 10.00 8.04 -15.85
N LYS D 400 9.28 8.13 -14.73
CA LYS D 400 9.74 8.93 -13.61
C LYS D 400 10.86 8.25 -12.83
N ALA D 401 11.00 6.93 -12.94
CA ALA D 401 12.04 6.22 -12.19
C ALA D 401 13.43 6.62 -12.68
N GLU D 402 13.63 6.68 -14.00
CA GLU D 402 14.93 7.04 -14.53
C GLU D 402 15.23 8.52 -14.39
N LEU D 403 14.21 9.37 -14.25
CA LEU D 403 14.42 10.81 -14.13
C LEU D 403 13.29 11.36 -13.28
N ALA D 404 13.62 11.83 -12.08
CA ALA D 404 12.61 12.35 -11.16
C ALA D 404 12.23 13.79 -11.43
N ASN D 405 12.97 14.49 -12.29
CA ASN D 405 12.69 15.89 -12.63
C ASN D 405 12.18 15.99 -14.05
N SER D 406 11.34 15.04 -14.46
CA SER D 406 10.90 14.98 -15.85
C SER D 406 10.03 16.19 -16.21
N THR D 407 9.19 16.64 -15.28
CA THR D 407 8.25 17.71 -15.60
C THR D 407 8.98 19.01 -15.95
N GLU D 408 9.93 19.42 -15.11
CA GLU D 408 10.62 20.68 -15.35
C GLU D 408 11.46 20.63 -16.62
N VAL D 409 12.16 19.53 -16.86
CA VAL D 409 13.00 19.43 -18.05
C VAL D 409 12.14 19.35 -19.31
N LEU D 410 10.99 18.69 -19.23
CA LEU D 410 10.06 18.68 -20.35
C LEU D 410 9.55 20.08 -20.64
N GLU D 411 9.24 20.85 -19.60
CA GLU D 411 8.82 22.24 -19.78
C GLU D 411 9.94 23.07 -20.41
N SER D 412 11.18 22.84 -19.98
CA SER D 412 12.30 23.56 -20.56
C SER D 412 12.46 23.25 -22.05
N PHE D 413 12.33 21.97 -22.42
CA PHE D 413 12.40 21.58 -23.83
C PHE D 413 11.27 22.21 -24.62
N LYS D 414 10.06 22.23 -24.05
CA LYS D 414 8.92 22.85 -24.70
C LYS D 414 9.18 24.33 -24.97
N LEU D 415 9.64 25.05 -23.94
CA LEU D 415 9.88 26.47 -24.07
C LEU D 415 10.94 26.75 -25.12
N ALA D 416 12.03 25.99 -25.08
CA ALA D 416 13.04 26.10 -26.12
C ALA D 416 12.43 25.82 -27.49
N ARG D 417 11.44 24.95 -27.53
CA ARG D 417 10.81 24.63 -28.82
C ARG D 417 10.11 25.84 -29.42
N GLU D 418 9.21 26.49 -28.65
CA GLU D 418 8.57 27.65 -29.27
C GLU D 418 9.56 28.80 -29.46
N SER D 419 10.60 28.89 -28.63
CA SER D 419 11.58 29.95 -28.88
C SER D 419 12.26 29.75 -30.22
N TRP D 420 12.66 28.51 -30.52
CA TRP D 420 13.25 28.23 -31.83
C TRP D 420 12.25 28.48 -32.95
N GLU D 421 11.00 28.07 -32.74
CA GLU D 421 9.99 28.22 -33.79
C GLU D 421 9.71 29.69 -34.09
N LEU D 422 9.60 30.51 -33.06
CA LEU D 422 9.37 31.94 -33.25
C LEU D 422 10.59 32.65 -33.80
N LEU D 423 11.78 32.16 -33.46
CA LEU D 423 13.00 32.85 -33.87
C LEU D 423 13.29 32.67 -35.35
N TYR D 424 13.08 31.46 -35.88
CA TYR D 424 13.26 31.19 -37.30
C TYR D 424 12.08 31.66 -38.16
N SER D 425 10.99 32.11 -37.55
CA SER D 425 9.81 32.48 -38.32
C SER D 425 10.00 33.83 -39.01
N LEU D 426 10.26 34.88 -38.24
CA LEU D 426 10.44 36.20 -38.81
C LEU D 426 11.71 36.24 -39.64
N GLU D 427 11.60 36.79 -40.85
CA GLU D 427 12.74 36.82 -41.76
C GLU D 427 13.88 37.66 -41.19
N PHE D 428 13.56 38.84 -40.66
CA PHE D 428 14.60 39.70 -40.10
C PHE D 428 15.26 39.06 -38.88
N LEU D 429 14.44 38.55 -37.95
CA LEU D 429 14.98 37.93 -36.76
C LEU D 429 15.82 36.71 -37.11
N ASP D 430 15.36 35.91 -38.07
CA ASP D 430 16.13 34.74 -38.50
C ASP D 430 17.45 35.15 -39.12
N LYS D 431 17.44 36.22 -39.94
CA LYS D 431 18.68 36.67 -40.57
C LYS D 431 19.68 37.14 -39.52
N GLU D 432 19.21 37.92 -38.53
CA GLU D 432 20.11 38.36 -37.47
C GLU D 432 20.62 37.19 -36.64
N PHE D 433 19.79 36.18 -36.39
CA PHE D 433 20.29 35.02 -35.67
C PHE D 433 21.39 34.34 -36.48
N THR D 434 21.17 34.19 -37.78
CA THR D 434 22.18 33.56 -38.63
C THR D 434 23.47 34.36 -38.58
N ARG D 435 23.37 35.69 -38.61
CA ARG D 435 24.56 36.53 -38.53
C ARG D 435 25.30 36.31 -37.20
N ILE D 436 24.57 36.32 -36.09
CA ILE D 436 25.23 36.21 -34.79
C ILE D 436 25.78 34.80 -34.59
N CYS D 437 25.14 33.78 -35.16
CA CYS D 437 25.61 32.41 -35.00
C CYS D 437 26.84 32.16 -35.85
N LEU D 438 26.84 32.66 -37.09
CA LEU D 438 28.04 32.55 -37.91
C LEU D 438 29.18 33.38 -37.35
N ALA D 439 28.86 34.49 -36.68
CA ALA D 439 29.89 35.25 -35.98
C ALA D 439 30.53 34.42 -34.88
N TRP D 440 29.72 33.68 -34.12
CA TRP D 440 30.25 32.73 -33.17
C TRP D 440 30.87 31.55 -33.91
N LYS D 441 31.43 30.62 -33.14
CA LYS D 441 31.97 29.40 -33.73
C LYS D 441 30.83 28.58 -34.32
N THR D 442 30.80 28.48 -35.65
CA THR D 442 29.66 27.88 -36.33
C THR D 442 29.49 26.40 -35.95
N ASP D 443 30.59 25.73 -35.59
CA ASP D 443 30.47 24.35 -35.12
C ASP D 443 29.55 24.26 -33.91
N THR D 444 29.49 25.32 -33.10
CA THR D 444 28.59 25.43 -31.97
C THR D 444 28.71 24.22 -31.04
N TRP D 445 29.96 23.80 -30.80
CA TRP D 445 30.28 22.79 -29.80
C TRP D 445 29.50 21.49 -29.98
N LEU D 446 29.02 20.92 -28.88
CA LEU D 446 28.37 19.61 -28.92
C LEU D 446 26.91 19.67 -28.49
N TRP D 447 26.62 20.28 -27.34
CA TRP D 447 25.28 20.22 -26.79
C TRP D 447 24.28 20.96 -27.66
N LEU D 448 24.68 22.05 -28.31
CA LEU D 448 23.79 22.71 -29.26
C LEU D 448 23.42 21.77 -30.39
N ARG D 449 24.39 21.03 -30.93
CA ARG D 449 24.10 20.07 -31.98
C ARG D 449 23.16 18.98 -31.47
N ILE D 450 23.39 18.50 -30.25
CA ILE D 450 22.53 17.45 -29.70
C ILE D 450 21.10 17.94 -29.58
N PHE D 451 20.93 19.16 -29.07
CA PHE D 451 19.57 19.68 -28.91
C PHE D 451 18.92 19.92 -30.25
N LEU D 452 19.67 20.39 -31.24
CA LEU D 452 19.11 20.60 -32.57
C LEU D 452 18.69 19.27 -33.20
N THR D 453 19.49 18.21 -32.98
CA THR D 453 19.11 16.90 -33.45
C THR D 453 17.81 16.43 -32.80
N ASP D 454 17.69 16.62 -31.48
CA ASP D 454 16.47 16.24 -30.80
C ASP D 454 15.28 17.02 -31.34
N MET D 455 15.48 18.31 -31.60
CA MET D 455 14.42 19.15 -32.17
C MET D 455 13.98 18.62 -33.52
N ILE D 456 14.93 18.30 -34.39
CA ILE D 456 14.61 17.81 -35.73
C ILE D 456 13.88 16.48 -35.62
N ILE D 457 14.28 15.64 -34.67
CA ILE D 457 13.58 14.38 -34.45
C ILE D 457 12.14 14.64 -34.03
N TYR D 458 11.93 15.58 -33.11
CA TYR D 458 10.57 15.92 -32.72
C TYR D 458 9.85 16.73 -33.79
N GLN D 459 10.58 17.45 -34.63
CA GLN D 459 9.95 18.29 -35.65
C GLN D 459 9.18 17.45 -36.66
N GLY D 460 9.75 16.34 -37.10
CA GLY D 460 9.16 15.48 -38.11
C GLY D 460 9.93 15.40 -39.41
N GLN D 461 10.96 16.21 -39.60
CA GLN D 461 11.80 16.16 -40.79
C GLN D 461 13.00 15.28 -40.48
N TYR D 462 12.86 13.98 -40.73
CA TYR D 462 13.89 13.00 -40.37
C TYR D 462 15.07 13.00 -41.31
N LYS D 463 14.96 13.60 -42.50
CA LYS D 463 16.12 13.71 -43.37
C LYS D 463 17.16 14.65 -42.79
N LYS D 464 16.71 15.83 -42.35
CA LYS D 464 17.61 16.73 -41.64
C LYS D 464 18.10 16.09 -40.34
N ALA D 465 17.27 15.28 -39.72
CA ALA D 465 17.70 14.57 -38.52
C ALA D 465 18.84 13.61 -38.83
N ILE D 466 18.75 12.88 -39.94
CA ILE D 466 19.82 11.96 -40.32
C ILE D 466 21.08 12.74 -40.67
N ALA D 467 20.93 13.86 -41.38
CA ALA D 467 22.10 14.67 -41.71
C ALA D 467 22.78 15.18 -40.44
N SER D 468 22.00 15.65 -39.47
CA SER D 468 22.58 16.13 -38.23
C SER D 468 23.19 14.99 -37.41
N LEU D 469 22.61 13.80 -37.49
CA LEU D 469 23.22 12.64 -36.85
C LEU D 469 24.57 12.33 -37.46
N HIS D 470 24.66 12.40 -38.78
CA HIS D 470 25.95 12.24 -39.45
C HIS D 470 26.95 13.29 -38.99
N HIS D 471 26.48 14.54 -38.89
CA HIS D 471 27.35 15.63 -38.44
C HIS D 471 27.86 15.36 -37.03
N LEU D 472 26.97 14.93 -36.13
CA LEU D 472 27.37 14.64 -34.77
C LEU D 472 28.36 13.48 -34.71
N ALA D 473 28.10 12.42 -35.49
CA ALA D 473 29.01 11.28 -35.51
C ALA D 473 30.39 11.67 -36.01
N ALA D 474 30.44 12.50 -37.05
CA ALA D 474 31.72 13.00 -37.53
C ALA D 474 32.40 13.85 -36.47
N LEU D 475 31.62 14.68 -35.76
CA LEU D 475 32.17 15.52 -34.70
C LEU D 475 32.72 14.70 -33.54
N GLN D 476 32.19 13.50 -33.31
CA GLN D 476 32.69 12.64 -32.24
C GLN D 476 34.06 12.09 -32.59
N THR D 489 26.28 -0.45 -26.03
CA THR D 489 26.05 0.93 -26.42
C THR D 489 27.13 1.85 -25.88
N LEU D 490 27.84 1.37 -24.85
CA LEU D 490 28.85 2.16 -24.15
C LEU D 490 28.18 3.44 -23.67
N GLU D 491 28.74 4.62 -23.94
CA GLU D 491 28.11 5.87 -23.57
C GLU D 491 28.07 6.90 -24.69
N HIS D 492 28.87 6.73 -25.75
CA HIS D 492 28.91 7.73 -26.81
C HIS D 492 27.99 7.37 -27.97
N GLN D 493 27.55 6.13 -28.07
CA GLN D 493 26.79 5.69 -29.23
C GLN D 493 25.31 6.06 -29.12
N ARG D 494 25.03 7.33 -28.83
CA ARG D 494 23.64 7.79 -28.88
C ARG D 494 23.19 7.96 -30.33
N ALA D 495 24.11 8.43 -31.19
CA ALA D 495 23.78 8.60 -32.59
C ALA D 495 23.40 7.28 -33.25
N LEU D 496 23.87 6.16 -32.70
CA LEU D 496 23.46 4.86 -33.20
C LEU D 496 21.94 4.71 -33.15
N ILE D 497 21.38 4.79 -31.95
CA ILE D 497 19.93 4.62 -31.79
C ILE D 497 19.19 5.76 -32.48
N GLN D 498 19.75 6.98 -32.45
CA GLN D 498 19.06 8.10 -33.07
C GLN D 498 18.93 7.91 -34.58
N LEU D 499 20.03 7.53 -35.24
CA LEU D 499 19.97 7.28 -36.67
C LEU D 499 19.13 6.04 -36.97
N ALA D 500 19.11 5.07 -36.06
CA ALA D 500 18.25 3.91 -36.25
C ALA D 500 16.79 4.31 -36.31
N THR D 501 16.33 5.10 -35.33
CA THR D 501 14.93 5.51 -35.36
C THR D 501 14.65 6.47 -36.50
N CYS D 502 15.62 7.31 -36.87
CA CYS D 502 15.43 8.18 -38.01
C CYS D 502 15.23 7.39 -39.29
N HIS D 503 16.04 6.35 -39.49
CA HIS D 503 15.86 5.47 -40.64
C HIS D 503 14.51 4.77 -40.59
N PHE D 504 14.12 4.31 -39.41
CA PHE D 504 12.86 3.60 -39.27
C PHE D 504 11.67 4.50 -39.59
N ALA D 505 11.79 5.80 -39.30
CA ALA D 505 10.67 6.71 -39.56
C ALA D 505 10.36 6.78 -41.05
N LEU D 506 11.39 6.93 -41.89
CA LEU D 506 11.18 7.11 -43.32
C LEU D 506 11.20 5.77 -44.07
N GLY D 507 10.40 4.82 -43.60
CA GLY D 507 10.17 3.56 -44.27
C GLY D 507 11.37 2.88 -44.91
N GLU D 508 12.53 2.95 -44.26
CA GLU D 508 13.74 2.37 -44.84
C GLU D 508 13.66 0.85 -44.86
N TYR D 509 13.52 0.23 -43.68
CA TYR D 509 13.36 -1.21 -43.51
C TYR D 509 14.57 -2.02 -43.96
N ARG D 510 15.63 -1.34 -44.41
CA ARG D 510 16.93 -1.97 -44.59
C ARG D 510 18.00 -1.28 -43.76
N MET D 511 18.12 0.05 -43.88
CA MET D 511 19.10 0.78 -43.12
C MET D 511 18.81 0.75 -41.62
N THR D 512 17.52 0.76 -41.24
CA THR D 512 17.17 0.68 -39.82
C THR D 512 17.61 -0.65 -39.23
N CYS D 513 17.36 -1.75 -39.95
CA CYS D 513 17.82 -3.05 -39.47
C CYS D 513 19.34 -3.09 -39.41
N GLU D 514 20.01 -2.51 -40.41
CA GLU D 514 21.47 -2.46 -40.38
C GLU D 514 21.98 -1.73 -39.14
N LYS D 515 21.39 -0.57 -38.85
CA LYS D 515 21.82 0.22 -37.70
C LYS D 515 21.51 -0.48 -36.39
N VAL D 516 20.35 -1.14 -36.30
CA VAL D 516 20.01 -1.86 -35.08
C VAL D 516 20.98 -3.02 -34.86
N LEU D 517 21.30 -3.76 -35.92
CA LEU D 517 22.26 -4.85 -35.79
C LEU D 517 23.63 -4.34 -35.37
N ASP D 518 24.07 -3.23 -35.95
CA ASP D 518 25.33 -2.63 -35.53
C ASP D 518 25.26 -2.11 -34.10
N LEU D 519 24.07 -1.78 -33.61
CA LEU D 519 23.91 -1.25 -32.26
C LEU D 519 24.31 -2.29 -31.22
N MET D 520 23.76 -3.50 -31.34
CA MET D 520 24.07 -4.54 -30.37
C MET D 520 25.45 -5.15 -30.58
N CYS D 521 26.16 -4.76 -31.63
CA CYS D 521 27.55 -5.19 -31.77
C CYS D 521 28.39 -4.70 -30.61
N TYR D 522 28.04 -3.55 -30.04
CA TYR D 522 28.72 -3.01 -28.88
C TYR D 522 27.97 -3.28 -27.58
N MET D 523 26.92 -4.11 -27.64
CA MET D 523 26.13 -4.45 -26.45
C MET D 523 26.78 -5.64 -25.75
N VAL D 524 27.10 -5.47 -24.47
CA VAL D 524 27.65 -6.55 -23.67
C VAL D 524 27.01 -6.53 -22.29
N LEU D 525 25.99 -7.36 -22.09
CA LEU D 525 25.31 -7.43 -20.80
C LEU D 525 24.49 -8.71 -20.69
N PRO D 526 24.65 -9.49 -19.62
CA PRO D 526 23.81 -10.67 -19.38
C PRO D 526 22.50 -10.32 -18.67
N ILE D 527 21.82 -9.28 -19.17
CA ILE D 527 20.55 -8.81 -18.61
C ILE D 527 20.70 -8.48 -17.12
N SER D 548 3.21 5.42 -33.07
CA SER D 548 4.14 5.31 -31.95
C SER D 548 4.22 6.63 -31.19
N ASP D 549 4.88 6.60 -30.03
CA ASP D 549 5.03 7.76 -29.18
C ASP D 549 6.49 7.92 -28.77
N LEU D 550 6.90 9.17 -28.56
CA LEU D 550 8.28 9.49 -28.23
C LEU D 550 8.56 9.07 -26.80
N LYS D 551 9.24 7.94 -26.64
CA LYS D 551 9.70 7.51 -25.33
C LYS D 551 11.01 8.21 -24.99
N LEU D 552 11.59 7.85 -23.84
CA LEU D 552 12.83 8.47 -23.39
C LEU D 552 13.52 7.47 -22.46
N LEU D 553 14.57 6.83 -22.95
CA LEU D 553 15.20 5.75 -22.23
C LEU D 553 16.67 6.05 -21.94
N PRO D 554 17.23 5.46 -20.88
CA PRO D 554 18.67 5.62 -20.64
C PRO D 554 19.50 4.82 -21.62
N CYS D 555 20.81 4.87 -21.48
CA CYS D 555 21.72 4.12 -22.32
C CYS D 555 22.05 2.73 -21.76
N THR D 556 21.44 2.36 -20.64
CA THR D 556 21.68 1.04 -20.07
C THR D 556 21.04 -0.04 -20.93
N SER D 557 21.58 -1.26 -20.81
CA SER D 557 21.11 -2.36 -21.64
C SER D 557 19.64 -2.65 -21.40
N LYS D 558 19.21 -2.57 -20.13
CA LYS D 558 17.87 -2.99 -19.75
C LYS D 558 16.78 -2.26 -20.54
N ALA D 559 17.08 -1.05 -21.02
CA ALA D 559 16.12 -0.29 -21.80
C ALA D 559 16.41 -0.28 -23.29
N ILE D 560 17.67 -0.29 -23.70
CA ILE D 560 17.98 -0.24 -25.12
C ILE D 560 17.65 -1.57 -25.80
N MET D 561 17.89 -2.69 -25.11
CA MET D 561 17.64 -3.99 -25.74
C MET D 561 16.18 -4.17 -26.14
N PRO D 562 15.20 -3.88 -25.30
CA PRO D 562 13.80 -3.97 -25.77
C PRO D 562 13.51 -3.07 -26.95
N TYR D 563 14.15 -1.89 -27.00
CA TYR D 563 13.99 -1.01 -28.15
C TYR D 563 14.42 -1.67 -29.44
N CYS D 564 15.64 -2.22 -29.47
CA CYS D 564 16.13 -2.87 -30.67
C CYS D 564 15.25 -4.06 -31.04
N LEU D 565 14.87 -4.88 -30.05
CA LEU D 565 14.06 -6.04 -30.36
C LEU D 565 12.70 -5.64 -30.92
N HIS D 566 12.06 -4.64 -30.33
CA HIS D 566 10.77 -4.17 -30.83
C HIS D 566 10.90 -3.64 -32.25
N LEU D 567 11.95 -2.85 -32.51
CA LEU D 567 12.13 -2.28 -33.83
C LEU D 567 12.29 -3.37 -34.89
N MET D 568 13.14 -4.36 -34.59
CA MET D 568 13.37 -5.42 -35.56
C MET D 568 12.14 -6.29 -35.74
N LEU D 569 11.40 -6.54 -34.65
CA LEU D 569 10.15 -7.27 -34.77
C LEU D 569 9.18 -6.54 -35.67
N ALA D 570 9.07 -5.22 -35.52
CA ALA D 570 8.17 -4.45 -36.37
C ALA D 570 8.58 -4.53 -37.82
N CYS D 571 9.88 -4.36 -38.09
CA CYS D 571 10.34 -4.36 -39.48
C CYS D 571 10.09 -5.71 -40.14
N PHE D 572 10.41 -6.80 -39.44
CA PHE D 572 10.20 -8.11 -40.04
C PHE D 572 8.73 -8.52 -40.07
N LYS D 573 7.92 -8.01 -39.15
CA LYS D 573 6.49 -8.25 -39.24
C LYS D 573 5.91 -7.60 -40.48
N LEU D 574 6.33 -6.36 -40.77
CA LEU D 574 5.87 -5.71 -41.98
C LEU D 574 6.40 -6.44 -43.22
N ARG D 575 7.65 -6.91 -43.16
CA ARG D 575 8.24 -7.59 -44.31
C ARG D 575 7.51 -8.90 -44.62
N ALA D 576 7.28 -9.72 -43.59
CA ALA D 576 6.75 -11.06 -43.82
C ALA D 576 5.29 -11.03 -44.24
N PHE D 577 4.46 -10.23 -43.56
CA PHE D 577 3.03 -10.16 -43.84
C PHE D 577 2.82 -9.34 -45.10
N THR D 578 3.17 -9.95 -46.24
CA THR D 578 3.07 -9.29 -47.53
C THR D 578 2.37 -10.13 -48.58
N ASP D 579 1.69 -11.21 -48.17
CA ASP D 579 0.97 -12.10 -49.09
C ASP D 579 1.89 -12.66 -50.18
N ASN D 580 3.14 -12.92 -49.82
CA ASN D 580 4.13 -13.45 -50.75
C ASN D 580 4.52 -14.86 -50.33
N ARG D 581 5.48 -15.43 -51.06
CA ARG D 581 5.97 -16.78 -50.80
C ARG D 581 7.17 -16.80 -49.86
N ASP D 582 7.54 -15.65 -49.31
CA ASP D 582 8.68 -15.58 -48.41
C ASP D 582 8.44 -16.45 -47.17
N ASP D 583 9.48 -17.15 -46.74
CA ASP D 583 9.39 -18.01 -45.57
C ASP D 583 10.50 -17.69 -44.57
N MET D 584 11.63 -17.19 -45.08
CA MET D 584 12.69 -16.77 -44.18
C MET D 584 12.23 -15.62 -43.30
N ALA D 585 11.47 -14.68 -43.88
CA ALA D 585 10.92 -13.58 -43.09
C ALA D 585 9.99 -14.10 -42.02
N LEU D 586 9.16 -15.10 -42.34
CA LEU D 586 8.26 -15.66 -41.34
C LEU D 586 9.04 -16.36 -40.23
N GLY D 587 10.08 -17.11 -40.59
CA GLY D 587 10.90 -17.72 -39.57
C GLY D 587 11.55 -16.70 -38.66
N HIS D 588 12.00 -15.59 -39.23
CA HIS D 588 12.63 -14.55 -38.42
C HIS D 588 11.62 -13.86 -37.52
N VAL D 589 10.40 -13.61 -38.01
CA VAL D 589 9.39 -13.03 -37.15
C VAL D 589 8.95 -14.02 -36.09
N ILE D 590 9.15 -15.32 -36.33
CA ILE D 590 8.92 -16.31 -35.29
C ILE D 590 9.99 -16.21 -34.21
N VAL D 591 11.25 -16.10 -34.62
CA VAL D 591 12.34 -16.05 -33.64
C VAL D 591 12.19 -14.85 -32.72
N LEU D 592 11.90 -13.69 -33.31
CA LEU D 592 11.83 -12.46 -32.54
C LEU D 592 10.51 -12.29 -31.78
N LEU D 593 9.55 -13.20 -31.97
CA LEU D 593 8.30 -13.12 -31.22
C LEU D 593 8.45 -13.61 -29.79
N GLN D 594 9.60 -14.20 -29.44
CA GLN D 594 9.79 -14.72 -28.09
C GLN D 594 9.79 -13.60 -27.06
N GLN D 595 10.44 -12.48 -27.38
CA GLN D 595 10.71 -11.45 -26.38
C GLN D 595 9.43 -10.95 -25.74
N GLU D 596 9.47 -10.81 -24.42
CA GLU D 596 8.31 -10.37 -23.63
C GLU D 596 7.11 -11.31 -23.86
N TRP D 597 7.35 -12.61 -23.71
CA TRP D 597 6.28 -13.58 -23.82
C TRP D 597 5.27 -13.37 -22.69
N PRO D 598 3.97 -13.56 -22.95
CA PRO D 598 3.34 -13.96 -24.20
C PRO D 598 2.64 -12.81 -24.91
N ARG D 599 3.26 -11.63 -25.00
CA ARG D 599 2.62 -10.50 -25.65
C ARG D 599 2.49 -10.67 -27.16
N GLY D 600 3.18 -11.65 -27.75
CA GLY D 600 3.06 -11.91 -29.17
C GLY D 600 2.12 -13.05 -29.47
N GLU D 601 1.18 -13.30 -28.56
CA GLU D 601 0.27 -14.44 -28.68
C GLU D 601 -0.49 -14.41 -30.00
N ASN D 602 -1.14 -13.28 -30.29
CA ASN D 602 -1.85 -13.16 -31.55
C ASN D 602 -0.90 -13.19 -32.74
N LEU D 603 0.30 -12.64 -32.58
CA LEU D 603 1.28 -12.69 -33.66
C LEU D 603 1.67 -14.12 -33.97
N PHE D 604 1.95 -14.91 -32.94
CA PHE D 604 2.30 -16.31 -33.20
C PHE D 604 1.10 -17.09 -33.73
N LEU D 605 -0.11 -16.74 -33.30
CA LEU D 605 -1.30 -17.39 -33.84
C LEU D 605 -1.42 -17.12 -35.34
N LYS D 606 -1.19 -15.87 -35.75
CA LYS D 606 -1.19 -15.55 -37.17
C LYS D 606 -0.10 -16.30 -37.90
N ALA D 607 1.08 -16.40 -37.29
CA ALA D 607 2.19 -17.10 -37.95
C ALA D 607 1.86 -18.57 -38.16
N VAL D 608 1.31 -19.24 -37.15
CA VAL D 608 1.02 -20.65 -37.29
C VAL D 608 -0.14 -20.87 -38.25
N ASN D 609 -1.12 -19.96 -38.26
CA ASN D 609 -2.18 -20.05 -39.25
C ASN D 609 -1.63 -19.90 -40.66
N LYS D 610 -0.70 -18.97 -40.86
CA LYS D 610 -0.08 -18.80 -42.17
C LYS D 610 0.69 -20.05 -42.57
N ILE D 611 1.42 -20.65 -41.63
CA ILE D 611 2.15 -21.88 -41.93
C ILE D 611 1.19 -23.00 -42.30
N CYS D 612 0.07 -23.12 -41.58
CA CYS D 612 -0.91 -24.15 -41.88
C CYS D 612 -1.52 -23.96 -43.26
N GLN D 613 -1.86 -22.72 -43.60
CA GLN D 613 -2.42 -22.44 -44.93
C GLN D 613 -1.40 -22.72 -46.02
N GLN D 614 -0.16 -22.32 -45.80
CA GLN D 614 0.88 -22.49 -46.82
C GLN D 614 1.46 -23.90 -46.77
N GLY D 615 2.05 -24.27 -45.65
CA GLY D 615 2.77 -25.52 -45.53
C GLY D 615 4.19 -25.40 -46.02
N ASN D 616 4.97 -26.45 -45.78
CA ASN D 616 6.36 -26.54 -46.23
C ASN D 616 7.20 -25.38 -45.70
N PHE D 617 7.02 -25.05 -44.42
CA PHE D 617 7.84 -24.03 -43.79
C PHE D 617 9.30 -24.47 -43.73
N GLN D 618 10.21 -23.54 -44.03
CA GLN D 618 11.63 -23.84 -44.12
C GLN D 618 12.42 -22.83 -43.31
N TYR D 619 13.32 -23.32 -42.45
CA TYR D 619 14.23 -22.46 -41.70
C TYR D 619 15.37 -23.32 -41.20
N GLU D 620 16.58 -23.07 -41.69
CA GLU D 620 17.73 -23.89 -41.32
C GLU D 620 18.23 -23.57 -39.91
N ASN D 621 18.08 -22.33 -39.46
CA ASN D 621 18.58 -21.90 -38.16
C ASN D 621 17.49 -21.86 -37.10
N PHE D 622 16.37 -22.53 -37.32
CA PHE D 622 15.27 -22.47 -36.37
C PHE D 622 15.69 -23.01 -35.01
N PHE D 623 16.31 -24.20 -34.99
CA PHE D 623 16.64 -24.86 -33.73
C PHE D 623 17.92 -24.34 -33.12
N ASN D 624 18.34 -23.13 -33.50
CA ASN D 624 19.45 -22.46 -32.84
C ASN D 624 19.02 -21.18 -32.12
N TYR D 625 17.73 -20.83 -32.18
CA TYR D 625 17.26 -19.59 -31.57
C TYR D 625 15.97 -19.71 -30.76
N VAL D 626 15.13 -20.71 -31.01
CA VAL D 626 13.80 -20.77 -30.41
C VAL D 626 13.91 -21.56 -29.11
N THR D 627 14.32 -20.88 -28.05
CA THR D 627 14.37 -21.48 -26.71
C THR D 627 13.11 -21.13 -25.91
N ASN D 628 11.96 -21.49 -26.48
CA ASN D 628 10.68 -21.26 -25.83
C ASN D 628 9.85 -22.53 -25.91
N ILE D 629 8.99 -22.74 -24.91
CA ILE D 629 8.33 -24.04 -24.80
C ILE D 629 6.94 -24.05 -25.42
N ASP D 630 6.22 -22.93 -25.43
CA ASP D 630 4.97 -22.89 -26.18
C ASP D 630 5.25 -22.95 -27.68
N MET D 631 6.30 -22.26 -28.12
CA MET D 631 6.70 -22.32 -29.53
C MET D 631 7.04 -23.74 -29.94
N LEU D 632 7.92 -24.40 -29.17
CA LEU D 632 8.29 -25.77 -29.49
C LEU D 632 7.10 -26.70 -29.42
N GLU D 633 6.24 -26.53 -28.40
CA GLU D 633 5.08 -27.38 -28.25
C GLU D 633 4.16 -27.26 -29.45
N GLU D 634 3.89 -26.03 -29.90
CA GLU D 634 3.02 -25.85 -31.06
C GLU D 634 3.66 -26.41 -32.31
N PHE D 635 4.97 -26.21 -32.47
CA PHE D 635 5.62 -26.71 -33.68
C PHE D 635 5.68 -28.23 -33.72
N ALA D 636 5.64 -28.87 -32.56
CA ALA D 636 5.53 -30.33 -32.55
C ALA D 636 4.10 -30.77 -32.88
N TYR D 637 3.11 -30.03 -32.39
CA TYR D 637 1.72 -30.34 -32.71
C TYR D 637 1.46 -30.17 -34.20
N LEU D 638 2.21 -29.30 -34.86
CA LEU D 638 2.06 -29.11 -36.30
C LEU D 638 2.45 -30.35 -37.08
N ARG D 639 3.09 -31.32 -36.43
CA ARG D 639 3.52 -32.53 -37.13
C ARG D 639 2.46 -33.61 -37.15
N THR D 640 1.49 -33.56 -36.22
CA THR D 640 0.53 -34.64 -36.08
C THR D 640 -0.68 -34.40 -37.00
N GLN D 641 -1.67 -35.28 -36.91
CA GLN D 641 -2.81 -35.23 -37.81
C GLN D 641 -3.68 -34.02 -37.55
N GLU D 642 -4.04 -33.77 -36.29
CA GLU D 642 -4.97 -32.69 -35.99
C GLU D 642 -4.39 -31.33 -36.35
N GLY D 643 -3.07 -31.18 -36.25
CA GLY D 643 -2.41 -30.00 -36.74
C GLY D 643 -2.11 -30.03 -38.22
N GLY D 644 -2.49 -31.11 -38.90
CA GLY D 644 -2.20 -31.26 -40.31
C GLY D 644 -0.76 -31.69 -40.53
N LYS D 645 -0.52 -32.56 -41.51
CA LYS D 645 0.83 -33.05 -41.78
C LYS D 645 1.66 -31.98 -42.49
N ILE D 646 1.94 -30.91 -41.74
CA ILE D 646 2.69 -29.79 -42.25
C ILE D 646 4.17 -30.17 -42.26
N HIS D 647 4.76 -30.27 -43.46
CA HIS D 647 6.16 -30.67 -43.59
C HIS D 647 7.03 -29.51 -43.11
N LEU D 648 7.50 -29.59 -41.88
CA LEU D 648 8.29 -28.54 -41.27
C LEU D 648 9.77 -28.80 -41.55
N GLU D 649 10.39 -27.91 -42.32
CA GLU D 649 11.82 -28.00 -42.61
C GLU D 649 12.54 -27.03 -41.68
N LEU D 650 12.68 -27.45 -40.41
CA LEU D 650 13.24 -26.60 -39.37
C LEU D 650 14.66 -27.02 -38.98
N LEU D 651 15.32 -27.82 -39.80
CA LEU D 651 16.68 -28.26 -39.48
C LEU D 651 17.58 -28.04 -40.69
N PRO D 652 18.89 -27.84 -40.46
CA PRO D 652 19.84 -27.65 -41.56
C PRO D 652 20.48 -28.96 -42.01
N LYS D 672 13.22 -38.24 -40.30
CA LYS D 672 11.95 -38.10 -39.60
C LYS D 672 12.15 -38.17 -38.09
N GLU D 673 12.89 -39.19 -37.64
CA GLU D 673 13.18 -39.32 -36.21
C GLU D 673 14.07 -38.17 -35.74
N ASP D 674 14.98 -37.71 -36.61
CA ASP D 674 15.81 -36.56 -36.26
C ASP D 674 14.96 -35.33 -35.98
N PHE D 675 13.84 -35.19 -36.68
CA PHE D 675 12.94 -34.07 -36.45
C PHE D 675 12.43 -34.07 -35.01
N ARG D 676 12.07 -35.24 -34.50
CA ARG D 676 11.73 -35.36 -33.09
C ARG D 676 12.99 -35.30 -32.21
N LEU D 677 14.12 -35.79 -32.73
CA LEU D 677 15.33 -35.86 -31.93
C LEU D 677 15.81 -34.47 -31.52
N ALA D 678 15.72 -33.49 -32.42
CA ALA D 678 16.14 -32.14 -32.09
C ALA D 678 15.30 -31.57 -30.94
N MET D 679 13.99 -31.83 -30.96
CA MET D 679 13.14 -31.37 -29.86
C MET D 679 13.54 -32.03 -28.55
N GLU D 680 13.98 -33.29 -28.60
CA GLU D 680 14.48 -33.95 -27.40
C GLU D 680 15.73 -33.27 -26.85
N ARG D 681 16.39 -32.45 -27.66
CA ARG D 681 17.54 -31.68 -27.22
C ARG D 681 17.23 -30.20 -27.01
N GLN D 682 16.36 -29.63 -27.85
CA GLN D 682 16.08 -28.21 -27.76
C GLN D 682 15.35 -27.85 -26.48
N VAL D 683 14.45 -28.73 -26.02
CA VAL D 683 13.71 -28.44 -24.78
C VAL D 683 14.67 -28.31 -23.61
N SER D 684 15.81 -28.99 -23.66
CA SER D 684 16.80 -28.86 -22.60
C SER D 684 17.42 -27.47 -22.53
N ARG D 685 17.24 -26.65 -23.57
CA ARG D 685 17.71 -25.28 -23.55
C ARG D 685 16.72 -24.31 -22.93
N CYS D 686 15.53 -24.79 -22.56
CA CYS D 686 14.55 -23.94 -21.90
C CYS D 686 15.09 -23.48 -20.54
N GLY D 687 14.71 -22.27 -20.16
CA GLY D 687 15.18 -21.68 -18.92
C GLY D 687 16.44 -20.86 -19.05
N GLU D 688 17.09 -20.87 -20.22
CA GLU D 688 18.25 -20.02 -20.43
C GLU D 688 17.82 -18.56 -20.59
N ASN D 689 18.81 -17.66 -20.51
CA ASN D 689 18.53 -16.24 -20.65
C ASN D 689 18.03 -15.94 -22.05
N LEU D 690 16.73 -15.61 -22.18
CA LEU D 690 16.15 -15.38 -23.49
C LEU D 690 16.84 -14.22 -24.20
N MET D 691 17.22 -13.19 -23.44
CA MET D 691 17.98 -12.09 -24.04
C MET D 691 19.29 -12.59 -24.63
N VAL D 692 19.97 -13.49 -23.92
CA VAL D 692 21.26 -14.00 -24.39
C VAL D 692 21.09 -14.75 -25.70
N VAL D 693 20.11 -15.64 -25.77
CA VAL D 693 19.95 -16.45 -26.98
C VAL D 693 19.46 -15.58 -28.14
N LEU D 694 18.59 -14.61 -27.87
CA LEU D 694 18.17 -13.70 -28.94
C LEU D 694 19.35 -12.90 -29.47
N HIS D 695 20.20 -12.39 -28.57
CA HIS D 695 21.36 -11.62 -28.99
C HIS D 695 22.33 -12.48 -29.80
N ARG D 696 22.53 -13.73 -29.37
CA ARG D 696 23.41 -14.63 -30.10
C ARG D 696 22.85 -14.92 -31.48
N PHE D 697 21.54 -15.16 -31.58
CA PHE D 697 20.92 -15.38 -32.88
C PHE D 697 21.10 -14.18 -33.79
N CYS D 698 20.95 -12.97 -33.23
CA CYS D 698 21.05 -11.77 -34.06
C CYS D 698 22.49 -11.54 -34.53
N ILE D 699 23.46 -11.69 -33.63
CA ILE D 699 24.84 -11.43 -34.02
C ILE D 699 25.35 -12.50 -34.97
N ASN D 700 24.92 -13.75 -34.78
CA ASN D 700 25.41 -14.84 -35.63
C ASN D 700 24.90 -14.69 -37.05
N GLU D 701 23.60 -14.42 -37.21
CA GLU D 701 22.97 -14.41 -38.53
C GLU D 701 22.90 -12.98 -39.07
N LYS D 702 24.07 -12.48 -39.47
CA LYS D 702 24.12 -11.19 -40.15
C LYS D 702 23.54 -11.24 -41.55
N ILE D 703 23.17 -12.44 -42.04
CA ILE D 703 22.41 -12.56 -43.28
C ILE D 703 20.98 -12.07 -43.12
N LEU D 704 20.61 -11.58 -41.93
CA LEU D 704 19.32 -10.92 -41.76
C LEU D 704 19.12 -9.85 -42.83
N LEU D 705 20.17 -9.08 -43.12
CA LEU D 705 20.08 -8.04 -44.14
C LEU D 705 19.67 -8.61 -45.48
N LEU D 706 20.22 -9.77 -45.84
CA LEU D 706 19.77 -10.44 -47.05
C LEU D 706 18.29 -10.79 -46.96
N GLN D 707 17.85 -11.24 -45.78
CA GLN D 707 16.45 -11.54 -45.58
C GLN D 707 15.58 -10.28 -45.47
N THR D 708 16.17 -9.14 -45.15
CA THR D 708 15.39 -7.91 -45.05
C THR D 708 14.86 -7.45 -46.40
N LEU D 709 15.33 -8.03 -47.50
CA LEU D 709 14.79 -7.70 -48.81
C LEU D 709 13.28 -7.96 -48.87
N THR D 710 12.79 -8.88 -48.04
CA THR D 710 11.36 -9.10 -47.92
C THR D 710 10.66 -7.87 -47.37
#